data_1YCH
#
_entry.id   1YCH
#
_cell.length_a   160.327
_cell.length_b   160.327
_cell.length_c   279.144
_cell.angle_alpha   90.00
_cell.angle_beta   90.00
_cell.angle_gamma   90.00
#
_symmetry.space_group_name_H-M   'P 43 21 2'
#
loop_
_entity.id
_entity.type
_entity.pdbx_description
1 polymer 'Nitric oxide reductase'
2 non-polymer 'ZINC ION'
3 non-polymer MU-OXO-DIIRON
4 non-polymer 'FLAVIN MONONUCLEOTIDE'
5 water water
#
_entity_poly.entity_id   1
_entity_poly.type   'polypeptide(L)'
_entity_poly.pdbx_seq_one_letter_code
;SQPVAITDGIYWVGAVDWNIRYFHGPAFSTHRGTTYNAYLIVDDKTALVDTVYEPFKEELIAKLKQIKDPVKLDYLVVNH
TESDHAGAFPAIMELCPDAHVLCTQRAFDSLKAHYSHIDFNYTIVKTGTSVSLGKRSLTFIEAPMLHWPDSMFTYVPEEA
LLLPNDAFGQHIATSVRFDDQVDAGLIMDEAAKYYANILMPFSNLITKKLDEIQKINLAIKTIAPSHGIIWRKDPGRIIE
AYARWAEGQGKAKAVIAYDTMWLSTEKMAHALMDGLVAGGCEVKLFKLSVSDRNDVIKEILDARAVLVGSPTINNDILPV
VSPLLDDLVGLRPKNKVGLAFGAYGWGGGAQKILEERLKAAKIELIAEPGPTVQWVPRGEDLQRCYELGRKIAARIAD
;
_entity_poly.pdbx_strand_id   A,B,C,D
#
loop_
_chem_comp.id
_chem_comp.type
_chem_comp.name
_chem_comp.formula
FEO non-polymer MU-OXO-DIIRON 'Fe2 O'
FMN non-polymer 'FLAVIN MONONUCLEOTIDE' 'C17 H21 N4 O9 P'
ZN non-polymer 'ZINC ION' 'Zn 2'
#
# COMPACT_ATOMS: atom_id res chain seq x y z
N SER A 1 -9.71 -22.11 24.00
CA SER A 1 -10.91 -21.24 23.76
C SER A 1 -10.97 -20.21 24.84
N GLN A 2 -10.70 -20.62 26.07
CA GLN A 2 -10.71 -19.67 27.15
C GLN A 2 -9.32 -19.09 27.34
N PRO A 3 -9.25 -17.81 27.72
CA PRO A 3 -7.98 -17.13 27.96
C PRO A 3 -7.50 -17.70 29.31
N VAL A 4 -6.25 -17.48 29.64
CA VAL A 4 -5.76 -17.98 30.90
C VAL A 4 -5.04 -16.84 31.60
N ALA A 5 -5.41 -16.62 32.86
CA ALA A 5 -4.78 -15.56 33.60
C ALA A 5 -3.41 -15.97 34.13
N ILE A 6 -2.43 -15.09 33.91
CA ILE A 6 -1.06 -15.26 34.39
C ILE A 6 -1.04 -14.65 35.80
N THR A 7 -1.89 -13.63 35.98
CA THR A 7 -2.11 -12.85 37.21
C THR A 7 -3.23 -11.87 36.81
N ASP A 8 -3.97 -11.34 37.78
CA ASP A 8 -5.08 -10.40 37.51
C ASP A 8 -4.74 -9.28 36.50
N GLY A 9 -5.60 -9.13 35.49
CA GLY A 9 -5.34 -8.09 34.52
C GLY A 9 -4.35 -8.49 33.45
N ILE A 10 -3.57 -9.56 33.66
CA ILE A 10 -2.66 -10.06 32.61
C ILE A 10 -3.15 -11.44 32.18
N TYR A 11 -3.43 -11.58 30.88
CA TYR A 11 -3.96 -12.82 30.34
C TYR A 11 -3.21 -13.35 29.13
N TRP A 12 -3.24 -14.68 28.99
CA TRP A 12 -2.65 -15.33 27.84
C TRP A 12 -3.87 -15.41 26.92
N VAL A 13 -3.72 -14.92 25.70
CA VAL A 13 -4.82 -14.96 24.74
C VAL A 13 -4.35 -15.51 23.39
N GLY A 14 -3.36 -16.38 23.42
CA GLY A 14 -2.85 -16.96 22.19
C GLY A 14 -3.64 -18.17 21.69
N ALA A 15 -3.04 -18.89 20.77
CA ALA A 15 -3.68 -20.05 20.20
C ALA A 15 -2.76 -21.26 20.21
N VAL A 16 -3.34 -22.43 20.40
CA VAL A 16 -2.55 -23.65 20.42
C VAL A 16 -2.67 -24.34 19.05
N ASP A 17 -1.53 -24.65 18.44
CA ASP A 17 -1.52 -25.30 17.14
C ASP A 17 -1.11 -26.80 17.28
N TRP A 18 -2.08 -27.67 17.55
CA TRP A 18 -1.82 -29.09 17.74
C TRP A 18 -1.33 -29.89 16.55
N ASN A 19 -1.78 -29.56 15.37
CA ASN A 19 -1.41 -30.39 14.26
C ASN A 19 -0.24 -30.02 13.37
N ILE A 20 0.35 -28.84 13.60
CA ILE A 20 1.49 -28.39 12.82
C ILE A 20 2.61 -29.41 13.08
N ARG A 21 3.32 -29.79 12.03
CA ARG A 21 4.42 -30.72 12.19
C ARG A 21 5.74 -30.17 11.63
N TYR A 22 5.66 -29.04 10.93
CA TYR A 22 6.83 -28.39 10.35
C TYR A 22 6.62 -26.88 10.44
N PHE A 23 7.62 -26.21 11.00
CA PHE A 23 7.56 -24.77 11.18
C PHE A 23 8.54 -24.16 10.22
N HIS A 24 8.41 -22.85 9.95
CA HIS A 24 9.31 -22.17 9.00
C HIS A 24 9.31 -23.06 7.73
N GLY A 25 8.13 -23.38 7.19
CA GLY A 25 8.10 -24.23 6.02
C GLY A 25 8.71 -25.58 6.38
N PRO A 26 9.80 -26.02 5.73
CA PRO A 26 10.45 -27.31 6.03
C PRO A 26 11.48 -27.22 7.17
N ALA A 27 12.08 -26.05 7.36
CA ALA A 27 13.13 -25.84 8.36
C ALA A 27 13.07 -26.53 9.74
N PHE A 28 12.00 -26.32 10.52
CA PHE A 28 11.92 -26.90 11.88
C PHE A 28 10.81 -27.89 12.05
N SER A 29 11.16 -29.08 12.52
CA SER A 29 10.15 -30.11 12.74
C SER A 29 9.55 -30.01 14.16
N THR A 30 8.22 -29.89 14.23
CA THR A 30 7.53 -29.82 15.53
C THR A 30 6.77 -31.12 15.76
N HIS A 31 7.47 -32.14 16.25
CA HIS A 31 6.85 -33.44 16.49
C HIS A 31 5.52 -33.28 17.24
N ARG A 32 5.42 -32.30 18.12
CA ARG A 32 4.18 -32.12 18.91
C ARG A 32 3.45 -30.78 18.76
N GLY A 33 3.46 -30.18 17.58
CA GLY A 33 2.81 -28.90 17.40
C GLY A 33 3.56 -27.78 18.10
N THR A 34 2.89 -26.65 18.25
CA THR A 34 3.47 -25.47 18.89
C THR A 34 2.30 -24.61 19.32
N THR A 35 2.59 -23.42 19.82
CA THR A 35 1.52 -22.51 20.20
C THR A 35 1.99 -21.14 19.78
N TYR A 36 1.05 -20.20 19.71
CA TYR A 36 1.37 -18.84 19.35
C TYR A 36 0.84 -18.09 20.55
N ASN A 37 1.76 -17.63 21.38
CA ASN A 37 1.40 -16.89 22.59
C ASN A 37 1.30 -15.38 22.37
N ALA A 38 0.24 -14.81 22.92
CA ALA A 38 -0.04 -13.38 22.86
C ALA A 38 -0.62 -13.03 24.21
N TYR A 39 -0.29 -11.86 24.72
CA TYR A 39 -0.78 -11.47 26.04
C TYR A 39 -1.56 -10.15 26.09
N LEU A 40 -2.61 -10.14 26.89
CA LEU A 40 -3.44 -8.95 27.05
C LEU A 40 -3.29 -8.36 28.46
N ILE A 41 -2.64 -7.21 28.55
CA ILE A 41 -2.46 -6.53 29.83
C ILE A 41 -3.61 -5.50 30.01
N VAL A 42 -4.50 -5.73 30.99
CA VAL A 42 -5.60 -4.81 31.20
C VAL A 42 -5.28 -3.80 32.30
N ASP A 43 -5.64 -2.55 32.01
CA ASP A 43 -5.39 -1.41 32.92
C ASP A 43 -6.25 -0.22 32.44
N ASP A 44 -5.95 0.96 33.00
CA ASP A 44 -6.64 2.22 32.63
C ASP A 44 -6.64 2.19 31.10
N LYS A 45 -5.52 1.76 30.55
CA LYS A 45 -5.43 1.59 29.11
C LYS A 45 -5.01 0.12 29.02
N THR A 46 -5.53 -0.59 28.02
CA THR A 46 -5.20 -2.00 27.84
C THR A 46 -4.28 -2.15 26.63
N ALA A 47 -3.29 -3.02 26.77
CA ALA A 47 -2.35 -3.26 25.69
C ALA A 47 -2.32 -4.73 25.34
N LEU A 48 -2.14 -5.03 24.08
CA LEU A 48 -2.05 -6.40 23.63
C LEU A 48 -0.58 -6.60 23.16
N VAL A 49 0.09 -7.62 23.70
CA VAL A 49 1.48 -7.91 23.29
C VAL A 49 1.48 -9.03 22.21
N ASP A 50 1.91 -8.66 21.01
CA ASP A 50 1.98 -9.57 19.86
C ASP A 50 0.60 -10.07 19.45
N THR A 51 0.49 -10.60 18.23
CA THR A 51 -0.80 -11.18 17.85
C THR A 51 -0.65 -12.69 17.66
N VAL A 52 -1.07 -13.21 16.51
CA VAL A 52 -1.06 -14.64 16.35
C VAL A 52 -0.95 -15.04 14.88
N TYR A 53 -0.55 -16.29 14.60
CA TYR A 53 -0.42 -16.79 13.22
C TYR A 53 -1.78 -16.57 12.51
N GLU A 54 -1.75 -15.96 11.33
CA GLU A 54 -3.01 -15.65 10.63
C GLU A 54 -4.17 -16.65 10.74
N PRO A 55 -3.92 -17.95 10.47
CA PRO A 55 -4.94 -18.99 10.55
C PRO A 55 -5.64 -19.15 11.91
N PHE A 56 -5.13 -18.50 12.95
CA PHE A 56 -5.71 -18.61 14.27
C PHE A 56 -6.24 -17.28 14.77
N LYS A 57 -6.42 -16.30 13.88
CA LYS A 57 -6.92 -14.99 14.31
C LYS A 57 -8.27 -15.05 15.02
N GLU A 58 -9.15 -15.93 14.58
CA GLU A 58 -10.46 -16.05 15.20
C GLU A 58 -10.32 -16.46 16.69
N GLU A 59 -9.35 -17.31 17.01
CA GLU A 59 -9.16 -17.74 18.40
C GLU A 59 -8.65 -16.57 19.22
N LEU A 60 -7.79 -15.74 18.63
CA LEU A 60 -7.26 -14.57 19.32
C LEU A 60 -8.41 -13.67 19.71
N ILE A 61 -9.13 -13.22 18.68
CA ILE A 61 -10.27 -12.33 18.86
C ILE A 61 -11.30 -12.94 19.83
N ALA A 62 -11.61 -14.22 19.64
CA ALA A 62 -12.56 -14.87 20.53
C ALA A 62 -12.10 -14.75 21.98
N LYS A 63 -10.80 -14.91 22.21
CA LYS A 63 -10.29 -14.84 23.55
C LYS A 63 -10.30 -13.40 24.08
N LEU A 64 -9.96 -12.47 23.22
CA LEU A 64 -9.95 -11.07 23.64
C LEU A 64 -11.39 -10.70 24.10
N LYS A 65 -12.38 -11.07 23.29
CA LYS A 65 -13.75 -10.77 23.62
C LYS A 65 -14.25 -11.37 24.89
N GLN A 66 -13.64 -12.44 25.37
CA GLN A 66 -14.08 -13.00 26.65
C GLN A 66 -13.53 -12.21 27.83
N ILE A 67 -12.59 -11.32 27.58
CA ILE A 67 -12.04 -10.51 28.67
C ILE A 67 -12.94 -9.26 28.79
N LYS A 68 -13.27 -8.68 27.63
CA LYS A 68 -14.07 -7.46 27.55
C LYS A 68 -14.56 -7.36 26.09
N ASP A 69 -15.87 -7.41 25.91
CA ASP A 69 -16.50 -7.35 24.61
C ASP A 69 -17.16 -6.02 24.42
N PRO A 70 -16.62 -5.23 23.50
CA PRO A 70 -16.02 -4.33 22.48
C PRO A 70 -14.59 -4.43 22.80
N VAL A 71 -13.79 -5.06 21.92
CA VAL A 71 -12.37 -5.15 22.21
C VAL A 71 -11.84 -3.73 22.31
N LYS A 72 -11.30 -3.39 23.49
CA LYS A 72 -10.78 -2.06 23.75
C LYS A 72 -9.42 -1.81 23.13
N LEU A 73 -8.32 -2.38 23.58
CA LEU A 73 -7.03 -2.11 22.91
C LEU A 73 -6.52 -0.69 22.65
N ASP A 74 -5.74 -0.16 23.58
CA ASP A 74 -5.19 1.18 23.39
C ASP A 74 -3.82 1.06 22.75
N TYR A 75 -3.07 0.04 23.15
CA TYR A 75 -1.74 -0.20 22.60
C TYR A 75 -1.62 -1.62 22.03
N LEU A 76 -0.85 -1.75 20.96
CA LEU A 76 -0.59 -3.05 20.36
C LEU A 76 0.93 -3.14 20.27
N VAL A 77 1.56 -3.95 21.14
CA VAL A 77 3.02 -4.09 21.07
C VAL A 77 3.37 -5.15 20.04
N VAL A 78 4.33 -4.86 19.18
CA VAL A 78 4.77 -5.80 18.17
C VAL A 78 6.27 -6.03 18.41
N ASN A 79 6.59 -7.04 19.24
CA ASN A 79 7.96 -7.37 19.57
C ASN A 79 8.70 -7.93 18.38
N HIS A 80 7.96 -8.60 17.51
CA HIS A 80 8.58 -9.29 16.40
C HIS A 80 7.59 -9.34 15.24
N THR A 81 8.08 -9.18 14.03
CA THR A 81 7.20 -9.17 12.87
C THR A 81 7.15 -10.41 11.97
N GLU A 82 7.73 -11.54 12.41
CA GLU A 82 7.63 -12.72 11.58
C GLU A 82 6.13 -13.01 11.47
N SER A 83 5.71 -13.97 10.65
CA SER A 83 4.28 -14.17 10.47
C SER A 83 3.55 -14.91 11.51
N ASP A 84 4.26 -15.70 12.30
CA ASP A 84 3.61 -16.45 13.35
C ASP A 84 3.19 -15.54 14.51
N HIS A 85 3.66 -14.28 14.48
CA HIS A 85 3.31 -13.36 15.54
C HIS A 85 2.57 -12.12 15.08
N ALA A 86 2.80 -11.72 13.83
CA ALA A 86 2.17 -10.52 13.27
C ALA A 86 1.14 -10.83 12.18
N GLY A 87 0.86 -12.10 11.96
CA GLY A 87 -0.08 -12.50 10.94
C GLY A 87 -1.50 -12.04 11.15
N ALA A 88 -1.90 -11.83 12.38
CA ALA A 88 -3.24 -11.38 12.64
C ALA A 88 -3.28 -9.86 12.85
N PHE A 89 -2.22 -9.18 12.43
CA PHE A 89 -2.13 -7.72 12.54
C PHE A 89 -3.27 -7.04 11.78
N PRO A 90 -3.48 -7.40 10.51
CA PRO A 90 -4.58 -6.76 9.77
C PRO A 90 -5.91 -6.87 10.50
N ALA A 91 -6.23 -8.07 10.98
CA ALA A 91 -7.49 -8.30 11.66
C ALA A 91 -7.61 -7.55 12.99
N ILE A 92 -6.51 -7.39 13.72
CA ILE A 92 -6.59 -6.67 14.99
C ILE A 92 -6.76 -5.19 14.69
N MET A 93 -5.94 -4.71 13.76
CA MET A 93 -5.95 -3.33 13.31
C MET A 93 -7.32 -2.95 12.73
N GLU A 94 -8.00 -3.90 12.12
CA GLU A 94 -9.32 -3.61 11.56
C GLU A 94 -10.41 -3.70 12.62
N LEU A 95 -10.08 -4.31 13.75
CA LEU A 95 -11.00 -4.44 14.87
C LEU A 95 -10.86 -3.21 15.82
N CYS A 96 -9.72 -2.53 15.78
CA CYS A 96 -9.43 -1.33 16.60
C CYS A 96 -8.50 -0.45 15.76
N PRO A 97 -9.07 0.29 14.79
CA PRO A 97 -8.21 1.14 13.95
C PRO A 97 -7.44 2.19 14.74
N ASP A 98 -7.91 2.51 15.94
CA ASP A 98 -7.24 3.51 16.74
C ASP A 98 -6.08 3.01 17.60
N ALA A 99 -5.88 1.69 17.65
CA ALA A 99 -4.79 1.10 18.46
C ALA A 99 -3.45 1.75 18.13
N HIS A 100 -2.69 2.05 19.19
CA HIS A 100 -1.39 2.69 19.07
C HIS A 100 -0.31 1.61 19.02
N VAL A 101 0.38 1.50 17.90
CA VAL A 101 1.45 0.50 17.77
C VAL A 101 2.75 0.92 18.45
N LEU A 102 3.31 0.03 19.25
CA LEU A 102 4.59 0.31 19.91
C LEU A 102 5.57 -0.71 19.35
N CYS A 103 6.57 -0.28 18.60
CA CYS A 103 7.54 -1.23 18.04
C CYS A 103 8.90 -0.60 17.73
N THR A 104 9.85 -1.41 17.29
CA THR A 104 11.19 -0.89 16.94
C THR A 104 11.14 -0.28 15.54
N GLN A 105 12.25 0.36 15.15
CA GLN A 105 12.33 0.98 13.83
C GLN A 105 12.26 -0.10 12.73
N ARG A 106 13.15 -1.08 12.85
CA ARG A 106 13.24 -2.16 11.87
C ARG A 106 11.88 -2.90 11.79
N ALA A 107 11.19 -2.97 12.93
CA ALA A 107 9.88 -3.61 13.01
C ALA A 107 8.89 -2.82 12.15
N PHE A 108 8.89 -1.50 12.38
CA PHE A 108 8.05 -0.57 11.66
C PHE A 108 8.27 -0.70 10.13
N ASP A 109 9.53 -0.86 9.71
CA ASP A 109 9.82 -1.00 8.28
C ASP A 109 9.22 -2.30 7.72
N SER A 110 9.42 -3.38 8.48
CA SER A 110 8.93 -4.72 8.13
C SER A 110 7.41 -4.67 8.04
N LEU A 111 6.81 -4.06 9.07
CA LEU A 111 5.38 -3.96 9.11
C LEU A 111 4.82 -3.27 7.85
N LYS A 112 5.42 -2.16 7.41
CA LYS A 112 4.96 -1.47 6.20
C LYS A 112 5.23 -2.32 4.96
N ALA A 113 6.21 -3.22 5.04
CA ALA A 113 6.53 -4.04 3.87
C ALA A 113 5.54 -5.17 3.74
N HIS A 114 5.32 -5.90 4.82
CA HIS A 114 4.39 -7.03 4.79
C HIS A 114 2.94 -6.64 4.69
N TYR A 115 2.62 -5.38 4.97
CA TYR A 115 1.22 -4.98 4.94
C TYR A 115 0.84 -3.77 4.12
N SER A 116 1.55 -2.65 4.30
CA SER A 116 1.24 -1.39 3.55
C SER A 116 -0.29 -1.30 3.61
N HIS A 117 -0.95 -0.71 2.61
CA HIS A 117 -2.42 -0.64 2.68
C HIS A 117 -3.10 -0.56 4.10
N ILE A 118 -2.32 -0.44 5.18
CA ILE A 118 -2.83 -0.40 6.54
C ILE A 118 -2.10 0.71 7.23
N ASP A 119 -2.82 1.78 7.59
CA ASP A 119 -2.17 2.86 8.31
C ASP A 119 -2.52 2.73 9.77
N PHE A 120 -1.60 3.18 10.60
CA PHE A 120 -1.80 3.05 12.03
C PHE A 120 -0.96 4.08 12.84
N ASN A 121 -1.48 4.45 13.99
CA ASN A 121 -0.78 5.39 14.83
C ASN A 121 0.36 4.61 15.51
N TYR A 122 1.52 5.23 15.73
CA TYR A 122 2.61 4.49 16.35
C TYR A 122 3.70 5.34 16.97
N THR A 123 4.67 4.66 17.54
CA THR A 123 5.83 5.30 18.13
C THR A 123 6.98 4.28 18.22
N ILE A 124 8.06 4.62 17.53
CA ILE A 124 9.25 3.78 17.51
C ILE A 124 9.81 3.79 18.94
N VAL A 125 10.08 2.61 19.44
CA VAL A 125 10.63 2.47 20.77
C VAL A 125 12.11 2.09 20.72
N LYS A 126 12.82 2.38 21.82
CA LYS A 126 14.24 2.06 21.94
C LYS A 126 14.43 1.46 23.33
N THR A 127 15.60 0.83 23.56
CA THR A 127 15.83 0.25 24.88
C THR A 127 15.65 1.35 25.90
N GLY A 128 14.88 1.08 26.96
CA GLY A 128 14.67 2.11 27.96
C GLY A 128 13.37 2.90 27.84
N THR A 129 12.84 3.13 26.64
CA THR A 129 11.59 3.90 26.57
C THR A 129 10.55 3.16 27.41
N SER A 130 9.57 3.87 27.93
CA SER A 130 8.55 3.18 28.72
C SER A 130 7.20 3.90 28.66
N VAL A 131 6.13 3.14 28.46
CA VAL A 131 4.79 3.70 28.35
C VAL A 131 4.00 3.29 29.59
N SER A 132 3.13 4.17 30.06
CA SER A 132 2.34 3.80 31.25
C SER A 132 0.92 3.43 30.82
N LEU A 133 0.33 2.49 31.55
CA LEU A 133 -1.03 2.00 31.27
C LEU A 133 -1.95 2.35 32.45
N GLY A 134 -1.33 2.91 33.49
CA GLY A 134 -2.06 3.27 34.69
C GLY A 134 -1.28 2.66 35.83
N LYS A 135 -1.90 1.67 36.48
CA LYS A 135 -1.26 0.98 37.62
C LYS A 135 0.06 0.31 37.18
N ARG A 136 0.07 -0.20 35.95
CA ARG A 136 1.25 -0.87 35.44
C ARG A 136 1.75 -0.15 34.20
N SER A 137 2.97 -0.48 33.81
CA SER A 137 3.57 0.14 32.66
C SER A 137 4.39 -0.90 31.88
N LEU A 138 4.83 -0.55 30.69
CA LEU A 138 5.64 -1.50 29.99
C LEU A 138 6.85 -0.80 29.44
N THR A 139 8.03 -1.33 29.77
CA THR A 139 9.30 -0.78 29.31
C THR A 139 9.87 -1.72 28.23
N PHE A 140 10.73 -1.23 27.36
CA PHE A 140 11.22 -2.10 26.32
C PHE A 140 12.71 -2.27 26.28
N ILE A 141 13.16 -3.38 25.71
CA ILE A 141 14.58 -3.70 25.57
C ILE A 141 14.79 -4.17 24.14
N GLU A 142 15.57 -3.42 23.39
CA GLU A 142 15.84 -3.78 22.01
C GLU A 142 16.69 -5.06 22.02
N ALA A 143 16.46 -5.95 21.05
CA ALA A 143 17.19 -7.21 20.98
C ALA A 143 17.55 -7.61 19.54
N PRO A 144 18.18 -6.70 18.79
CA PRO A 144 18.59 -6.94 17.39
C PRO A 144 19.17 -8.35 17.23
N MET A 145 18.74 -9.04 16.18
CA MET A 145 19.20 -10.37 15.84
C MET A 145 19.02 -11.41 16.94
N LEU A 146 18.23 -11.09 17.97
CA LEU A 146 17.95 -12.12 18.97
C LEU A 146 16.71 -12.70 18.31
N HIS A 147 17.12 -13.21 17.14
CA HIS A 147 16.43 -13.89 16.09
C HIS A 147 16.31 -12.96 14.85
N TRP A 148 15.63 -11.81 15.00
CA TRP A 148 15.47 -10.89 13.87
C TRP A 148 15.96 -9.46 14.12
N PRO A 149 16.28 -8.71 13.05
CA PRO A 149 16.74 -7.32 13.24
C PRO A 149 15.71 -6.49 14.05
N ASP A 150 14.42 -6.75 13.84
CA ASP A 150 13.37 -6.01 14.53
C ASP A 150 13.02 -6.50 15.92
N SER A 151 13.64 -7.59 16.37
CA SER A 151 13.28 -8.14 17.68
C SER A 151 13.50 -7.21 18.87
N MET A 152 12.73 -7.45 19.92
CA MET A 152 12.86 -6.69 21.15
C MET A 152 12.04 -7.39 22.25
N PHE A 153 12.34 -7.15 23.53
CA PHE A 153 11.58 -7.78 24.61
C PHE A 153 10.73 -6.70 25.25
N THR A 154 9.67 -7.07 25.96
CA THR A 154 8.80 -6.12 26.64
C THR A 154 8.89 -6.52 28.10
N TYR A 155 9.00 -5.53 29.00
CA TYR A 155 9.11 -5.82 30.42
C TYR A 155 8.05 -5.06 31.20
N VAL A 156 7.41 -5.71 32.17
CA VAL A 156 6.39 -5.06 32.97
C VAL A 156 6.87 -5.02 34.41
N PRO A 157 7.65 -3.96 34.78
CA PRO A 157 8.23 -3.75 36.12
C PRO A 157 7.31 -4.11 37.29
N GLU A 158 6.10 -3.57 37.30
CA GLU A 158 5.14 -3.82 38.39
C GLU A 158 4.98 -5.28 38.74
N GLU A 159 5.24 -6.15 37.76
CA GLU A 159 5.06 -7.59 37.97
C GLU A 159 6.33 -8.45 37.74
N ALA A 160 7.42 -7.81 37.31
CA ALA A 160 8.68 -8.51 37.03
C ALA A 160 8.40 -9.61 35.96
N LEU A 161 7.56 -9.28 35.00
CA LEU A 161 7.16 -10.18 33.92
C LEU A 161 7.95 -9.81 32.68
N LEU A 162 8.67 -10.77 32.09
CA LEU A 162 9.43 -10.53 30.86
C LEU A 162 8.68 -11.20 29.69
N LEU A 163 8.51 -10.50 28.57
CA LEU A 163 7.82 -11.05 27.39
C LEU A 163 8.81 -10.92 26.24
N PRO A 164 9.78 -11.85 26.15
CA PRO A 164 10.87 -11.98 25.17
C PRO A 164 10.47 -12.41 23.76
N ASN A 165 9.20 -12.71 23.54
CA ASN A 165 8.78 -13.17 22.21
C ASN A 165 9.43 -14.56 22.01
N ASP A 166 10.23 -14.74 20.96
CA ASP A 166 10.83 -16.04 20.71
C ASP A 166 11.86 -16.54 21.70
N ALA A 167 12.70 -15.65 22.21
CA ALA A 167 13.73 -16.10 23.17
C ALA A 167 13.05 -16.77 24.34
N PHE A 168 13.64 -17.89 24.77
CA PHE A 168 13.14 -18.68 25.89
C PHE A 168 11.93 -19.53 25.60
N GLY A 169 11.50 -19.57 24.34
CA GLY A 169 10.35 -20.38 23.97
C GLY A 169 10.70 -21.81 23.57
N GLN A 170 9.68 -22.64 23.43
CA GLN A 170 9.86 -24.05 23.03
C GLN A 170 8.68 -24.40 22.13
N HIS A 171 8.92 -25.15 21.07
CA HIS A 171 7.83 -25.52 20.19
C HIS A 171 7.09 -26.74 20.70
N ILE A 172 6.04 -26.55 21.48
CA ILE A 172 5.27 -27.64 22.05
C ILE A 172 3.84 -27.27 22.30
N ALA A 173 2.92 -28.15 21.92
CA ALA A 173 1.50 -27.91 22.10
C ALA A 173 0.95 -28.62 23.34
N THR A 174 0.33 -27.87 24.24
CA THR A 174 -0.26 -28.44 25.44
C THR A 174 -1.46 -27.60 25.81
N SER A 175 -2.39 -28.18 26.56
CA SER A 175 -3.60 -27.48 26.99
C SER A 175 -3.27 -26.81 28.31
N VAL A 176 -2.10 -27.14 28.83
CA VAL A 176 -1.62 -26.58 30.08
C VAL A 176 -0.67 -25.43 29.67
N ARG A 177 -0.63 -24.39 30.49
CA ARG A 177 0.15 -23.20 30.17
C ARG A 177 1.44 -22.95 30.90
N PHE A 178 1.62 -23.55 32.09
CA PHE A 178 2.84 -23.24 32.85
C PHE A 178 3.88 -24.33 33.08
N ASP A 179 5.14 -23.89 33.18
CA ASP A 179 6.26 -24.81 33.40
C ASP A 179 6.05 -25.76 34.58
N ASP A 180 5.24 -25.37 35.56
CA ASP A 180 5.06 -26.26 36.70
C ASP A 180 3.94 -27.29 36.48
N GLN A 181 3.40 -27.36 35.27
CA GLN A 181 2.35 -28.33 34.97
C GLN A 181 2.88 -29.24 33.85
N VAL A 182 4.19 -29.23 33.66
CA VAL A 182 4.87 -29.98 32.62
C VAL A 182 6.15 -30.64 33.17
N ASP A 183 6.55 -31.79 32.62
CA ASP A 183 7.76 -32.48 33.08
C ASP A 183 8.99 -31.61 32.86
N ALA A 184 9.80 -31.44 33.90
CA ALA A 184 10.99 -30.60 33.79
C ALA A 184 11.97 -31.01 32.69
N GLY A 185 12.26 -32.30 32.61
CA GLY A 185 13.20 -32.79 31.61
C GLY A 185 12.74 -32.73 30.17
N LEU A 186 11.44 -32.94 29.95
CA LEU A 186 10.88 -32.89 28.60
C LEU A 186 10.80 -31.49 28.06
N ILE A 187 10.40 -30.54 28.90
CA ILE A 187 10.29 -29.16 28.48
C ILE A 187 11.64 -28.49 28.27
N MET A 188 12.64 -28.91 29.05
CA MET A 188 13.96 -28.36 28.93
C MET A 188 14.62 -28.90 27.67
N ASP A 189 14.19 -30.08 27.23
CA ASP A 189 14.76 -30.70 26.04
C ASP A 189 14.20 -29.97 24.83
N GLU A 190 12.91 -29.62 24.90
CA GLU A 190 12.27 -28.94 23.79
C GLU A 190 12.87 -27.56 23.67
N ALA A 191 13.20 -26.99 24.83
CA ALA A 191 13.81 -25.70 24.91
C ALA A 191 15.17 -25.73 24.23
N ALA A 192 15.88 -26.84 24.37
CA ALA A 192 17.19 -27.00 23.77
C ALA A 192 17.13 -27.23 22.28
N LYS A 193 16.07 -27.89 21.83
CA LYS A 193 15.85 -28.17 20.42
C LYS A 193 15.64 -26.84 19.72
N TYR A 194 14.91 -25.99 20.43
CA TYR A 194 14.59 -24.66 19.98
C TYR A 194 15.84 -23.80 19.88
N TYR A 195 16.59 -23.71 20.98
CA TYR A 195 17.79 -22.92 20.99
C TYR A 195 18.75 -23.37 19.90
N ALA A 196 19.03 -24.65 19.86
CA ALA A 196 19.98 -25.17 18.88
C ALA A 196 19.68 -24.89 17.40
N ASN A 197 18.41 -24.87 17.03
CA ASN A 197 18.05 -24.68 15.64
C ASN A 197 17.79 -23.23 15.24
N ILE A 198 17.51 -22.39 16.23
CA ILE A 198 17.22 -20.98 15.98
C ILE A 198 18.27 -20.00 16.50
N LEU A 199 18.62 -20.12 17.77
CA LEU A 199 19.56 -19.20 18.42
C LEU A 199 21.05 -19.50 18.39
N MET A 200 21.43 -20.70 18.01
CA MET A 200 22.84 -21.07 18.00
C MET A 200 23.78 -20.09 17.30
N PRO A 201 23.33 -19.50 16.19
CA PRO A 201 24.19 -18.55 15.48
C PRO A 201 24.49 -17.25 16.22
N PHE A 202 23.66 -16.91 17.19
CA PHE A 202 23.82 -15.66 17.92
C PHE A 202 24.16 -15.87 19.37
N SER A 203 24.93 -16.91 19.65
CA SER A 203 25.26 -17.21 21.03
C SER A 203 26.01 -16.05 21.72
N ASN A 204 26.91 -15.38 20.96
CA ASN A 204 27.64 -14.23 21.54
C ASN A 204 26.71 -13.09 21.93
N LEU A 205 25.69 -12.85 21.10
CA LEU A 205 24.68 -11.82 21.38
C LEU A 205 23.83 -12.20 22.60
N ILE A 206 23.61 -13.50 22.78
CA ILE A 206 22.80 -14.01 23.89
C ILE A 206 23.47 -13.68 25.22
N THR A 207 24.78 -13.90 25.32
CA THR A 207 25.46 -13.62 26.60
C THR A 207 25.49 -12.12 26.85
N LYS A 208 25.78 -11.34 25.80
CA LYS A 208 25.79 -9.89 25.95
C LYS A 208 24.46 -9.43 26.50
N LYS A 209 23.39 -9.87 25.84
CA LYS A 209 22.05 -9.50 26.22
C LYS A 209 21.73 -9.96 27.64
N LEU A 210 22.17 -11.18 27.98
CA LEU A 210 21.90 -11.70 29.32
C LEU A 210 22.62 -10.86 30.37
N ASP A 211 23.82 -10.38 30.02
CA ASP A 211 24.64 -9.52 30.90
C ASP A 211 24.01 -8.13 31.12
N GLU A 212 23.64 -7.48 30.02
CA GLU A 212 23.00 -6.19 30.09
C GLU A 212 21.83 -6.33 31.09
N ILE A 213 21.00 -7.37 30.93
CA ILE A 213 19.86 -7.59 31.85
C ILE A 213 20.32 -7.85 33.28
N GLN A 214 21.49 -8.46 33.36
CA GLN A 214 22.13 -8.81 34.62
C GLN A 214 22.56 -7.52 35.38
N LYS A 215 23.27 -6.64 34.65
CA LYS A 215 23.77 -5.38 35.21
C LYS A 215 22.60 -4.47 35.65
N ILE A 216 21.72 -4.12 34.70
CA ILE A 216 20.51 -3.30 34.97
C ILE A 216 19.78 -3.90 36.19
N ASN A 217 20.23 -5.12 36.57
CA ASN A 217 19.66 -5.91 37.68
C ASN A 217 18.10 -6.08 37.66
N LEU A 218 17.58 -6.45 36.48
CA LEU A 218 16.14 -6.66 36.28
C LEU A 218 15.57 -7.83 37.11
N ALA A 219 14.48 -7.58 37.83
CA ALA A 219 13.84 -8.65 38.59
C ALA A 219 12.89 -9.47 37.66
N ILE A 220 13.29 -10.70 37.33
CA ILE A 220 12.46 -11.53 36.49
C ILE A 220 11.80 -12.62 37.34
N LYS A 221 10.50 -12.52 37.52
CA LYS A 221 9.75 -13.51 38.31
C LYS A 221 8.98 -14.47 37.38
N THR A 222 8.84 -14.07 36.12
CA THR A 222 8.11 -14.90 35.17
C THR A 222 8.53 -14.53 33.75
N ILE A 223 8.66 -15.53 32.88
CA ILE A 223 9.04 -15.33 31.48
C ILE A 223 7.92 -15.93 30.61
N ALA A 224 7.31 -15.11 29.75
CA ALA A 224 6.22 -15.58 28.86
C ALA A 224 6.64 -15.42 27.42
N PRO A 225 7.14 -16.49 26.80
CA PRO A 225 7.60 -16.48 25.41
C PRO A 225 6.46 -16.51 24.42
N SER A 226 6.80 -16.40 23.15
CA SER A 226 5.80 -16.38 22.11
C SER A 226 5.39 -17.79 21.68
N HIS A 227 6.17 -18.79 22.09
CA HIS A 227 5.87 -20.19 21.78
C HIS A 227 6.05 -21.07 23.01
N GLY A 228 5.08 -21.92 23.29
CA GLY A 228 5.23 -22.86 24.39
C GLY A 228 4.75 -22.50 25.76
N ILE A 229 5.42 -23.10 26.73
CA ILE A 229 5.11 -22.92 28.15
C ILE A 229 5.66 -21.62 28.72
N ILE A 230 4.97 -21.13 29.74
CA ILE A 230 5.33 -19.90 30.43
C ILE A 230 6.15 -20.30 31.66
N TRP A 231 7.35 -19.75 31.78
CA TRP A 231 8.21 -20.05 32.93
C TRP A 231 7.74 -19.22 34.12
N ARG A 232 6.83 -19.76 34.91
CA ARG A 232 6.32 -19.00 36.03
C ARG A 232 6.84 -19.52 37.36
N LYS A 233 7.28 -20.78 37.41
CA LYS A 233 7.78 -21.28 38.68
C LYS A 233 9.27 -21.18 38.81
N ASP A 234 10.01 -21.32 37.71
CA ASP A 234 11.46 -21.28 37.79
C ASP A 234 12.11 -20.73 36.54
N PRO A 235 12.08 -19.40 36.39
CA PRO A 235 12.68 -18.70 35.25
C PRO A 235 14.20 -18.88 35.29
N GLY A 236 14.74 -19.03 36.51
CA GLY A 236 16.17 -19.19 36.68
C GLY A 236 16.78 -20.29 35.83
N ARG A 237 16.18 -21.49 35.89
CA ARG A 237 16.66 -22.65 35.12
C ARG A 237 16.88 -22.32 33.66
N ILE A 238 15.84 -21.78 33.03
CA ILE A 238 15.89 -21.47 31.62
C ILE A 238 16.89 -20.34 31.31
N ILE A 239 17.07 -19.42 32.25
CA ILE A 239 18.06 -18.35 32.03
C ILE A 239 19.47 -18.93 32.18
N GLU A 240 19.67 -19.76 33.21
CA GLU A 240 21.00 -20.37 33.40
C GLU A 240 21.34 -21.25 32.20
N ALA A 241 20.33 -21.95 31.68
CA ALA A 241 20.49 -22.83 30.51
C ALA A 241 20.97 -22.02 29.30
N TYR A 242 20.29 -20.91 29.02
CA TYR A 242 20.68 -20.06 27.89
C TYR A 242 22.13 -19.59 28.04
N ALA A 243 22.49 -19.24 29.29
CA ALA A 243 23.85 -18.78 29.59
C ALA A 243 24.89 -19.85 29.22
N ARG A 244 24.66 -21.06 29.71
CA ARG A 244 25.55 -22.16 29.47
C ARG A 244 25.63 -22.52 27.98
N TRP A 245 24.47 -22.57 27.30
CA TRP A 245 24.45 -22.89 25.86
C TRP A 245 25.17 -21.80 25.04
N ALA A 246 24.94 -20.55 25.41
CA ALA A 246 25.55 -19.42 24.70
C ALA A 246 27.05 -19.40 24.90
N GLU A 247 27.47 -19.76 26.12
CA GLU A 247 28.88 -19.82 26.52
C GLU A 247 29.58 -20.80 25.56
N GLY A 248 29.00 -21.98 25.39
CA GLY A 248 29.53 -22.97 24.47
C GLY A 248 30.59 -23.87 25.04
N GLN A 249 30.66 -23.95 26.35
CA GLN A 249 31.69 -24.78 26.96
C GLN A 249 31.48 -26.21 26.47
N GLY A 250 30.22 -26.64 26.44
CA GLY A 250 29.96 -27.98 25.97
C GLY A 250 30.06 -29.03 27.05
N LYS A 251 30.04 -30.29 26.62
CA LYS A 251 30.10 -31.45 27.47
C LYS A 251 30.98 -32.51 26.73
N ALA A 252 31.55 -33.46 27.48
CA ALA A 252 32.42 -34.47 26.83
C ALA A 252 31.59 -35.43 25.98
N LYS A 253 30.97 -34.88 24.93
CA LYS A 253 30.08 -35.62 24.04
C LYS A 253 30.48 -35.46 22.59
N ALA A 254 30.23 -36.47 21.78
CA ALA A 254 30.58 -36.40 20.38
C ALA A 254 29.39 -36.87 19.53
N VAL A 255 29.03 -36.12 18.49
CA VAL A 255 27.94 -36.50 17.60
C VAL A 255 28.56 -36.98 16.30
N ILE A 256 28.14 -38.13 15.83
CA ILE A 256 28.64 -38.65 14.57
C ILE A 256 27.45 -38.78 13.61
N ALA A 257 27.43 -37.99 12.54
CA ALA A 257 26.34 -38.03 11.56
C ALA A 257 26.94 -38.59 10.27
N TYR A 258 26.23 -39.45 9.56
CA TYR A 258 26.77 -40.04 8.33
C TYR A 258 25.70 -40.83 7.56
N ASP A 259 26.14 -41.40 6.44
CA ASP A 259 25.35 -42.31 5.65
C ASP A 259 26.25 -43.06 4.73
N THR A 260 25.76 -44.20 4.26
CA THR A 260 26.49 -45.09 3.38
C THR A 260 25.56 -45.73 2.38
N MET A 261 26.15 -46.40 1.41
CA MET A 261 25.37 -47.09 0.43
C MET A 261 25.62 -48.57 0.63
N TRP A 262 26.84 -48.91 1.02
CA TRP A 262 27.21 -50.31 1.17
C TRP A 262 27.83 -50.70 2.49
N LEU A 263 27.77 -49.80 3.46
CA LEU A 263 28.24 -50.12 4.80
C LEU A 263 29.65 -49.85 5.22
N SER A 264 30.56 -49.52 4.31
CA SER A 264 31.94 -49.23 4.73
C SER A 264 32.08 -47.96 5.55
N THR A 265 31.38 -46.90 5.15
CA THR A 265 31.45 -45.65 5.88
C THR A 265 30.84 -45.87 7.24
N GLU A 266 29.90 -46.80 7.33
CA GLU A 266 29.23 -47.11 8.59
C GLU A 266 30.19 -47.85 9.53
N LYS A 267 30.98 -48.76 8.98
CA LYS A 267 31.91 -49.50 9.77
C LYS A 267 32.97 -48.57 10.32
N MET A 268 33.28 -47.52 9.56
CA MET A 268 34.24 -46.54 10.01
C MET A 268 33.60 -45.71 11.12
N ALA A 269 32.35 -45.33 10.92
CA ALA A 269 31.63 -44.53 11.92
C ALA A 269 31.61 -45.31 13.21
N HIS A 270 31.44 -46.62 13.11
CA HIS A 270 31.42 -47.51 14.26
C HIS A 270 32.78 -47.51 15.02
N ALA A 271 33.86 -47.70 14.29
CA ALA A 271 35.21 -47.71 14.83
C ALA A 271 35.51 -46.39 15.55
N LEU A 272 35.25 -45.30 14.85
CA LEU A 272 35.47 -44.00 15.40
C LEU A 272 34.69 -43.88 16.72
N MET A 273 33.49 -44.46 16.74
CA MET A 273 32.66 -44.43 17.92
C MET A 273 33.30 -45.19 19.05
N ASP A 274 33.79 -46.40 18.78
CA ASP A 274 34.43 -47.20 19.83
C ASP A 274 35.61 -46.48 20.48
N GLY A 275 36.40 -45.80 19.66
CA GLY A 275 37.53 -45.05 20.17
C GLY A 275 37.07 -43.91 21.09
N LEU A 276 36.01 -43.23 20.66
CA LEU A 276 35.48 -42.12 21.42
C LEU A 276 34.91 -42.60 22.76
N VAL A 277 34.23 -43.73 22.75
CA VAL A 277 33.64 -44.27 23.98
C VAL A 277 34.75 -44.75 24.92
N ALA A 278 35.79 -45.38 24.33
CA ALA A 278 36.95 -45.89 25.06
C ALA A 278 37.67 -44.71 25.70
N GLY A 279 37.73 -43.58 25.02
CA GLY A 279 38.38 -42.43 25.60
C GLY A 279 37.51 -41.69 26.61
N GLY A 280 36.43 -42.32 27.08
CA GLY A 280 35.57 -41.71 28.08
C GLY A 280 34.55 -40.68 27.64
N CYS A 281 34.11 -40.81 26.40
CA CYS A 281 33.18 -39.89 25.76
C CYS A 281 31.76 -40.41 25.49
N GLU A 282 30.74 -39.56 25.66
CA GLU A 282 29.40 -39.99 25.33
C GLU A 282 29.26 -39.80 23.82
N VAL A 283 28.60 -40.73 23.14
CA VAL A 283 28.43 -40.63 21.69
C VAL A 283 26.99 -40.81 21.20
N LYS A 284 26.60 -39.99 20.25
CA LYS A 284 25.28 -40.07 19.65
C LYS A 284 25.60 -40.36 18.20
N LEU A 285 25.10 -41.46 17.66
CA LEU A 285 25.37 -41.81 16.28
C LEU A 285 24.08 -41.69 15.43
N PHE A 286 24.15 -40.92 14.35
CA PHE A 286 22.99 -40.70 13.50
C PHE A 286 23.17 -41.08 12.06
N LYS A 287 22.40 -42.04 11.58
CA LYS A 287 22.40 -42.37 10.16
C LYS A 287 21.41 -41.33 9.62
N LEU A 288 21.91 -40.35 8.88
CA LEU A 288 21.10 -39.23 8.41
C LEU A 288 19.79 -39.45 7.61
N SER A 289 19.72 -40.51 6.81
CA SER A 289 18.53 -40.77 6.00
C SER A 289 17.42 -41.35 6.84
N VAL A 290 17.65 -41.44 8.11
CA VAL A 290 16.69 -42.10 8.97
C VAL A 290 16.53 -41.36 10.28
N SER A 291 17.14 -40.18 10.36
CA SER A 291 17.12 -39.38 11.55
C SER A 291 16.62 -38.00 11.23
N ASP A 292 16.16 -37.29 12.24
CA ASP A 292 15.64 -35.95 12.06
C ASP A 292 16.72 -34.88 12.22
N ARG A 293 17.02 -34.16 11.16
CA ARG A 293 18.05 -33.13 11.17
C ARG A 293 18.01 -32.20 12.35
N ASN A 294 16.82 -31.82 12.78
CA ASN A 294 16.67 -30.91 13.93
C ASN A 294 17.06 -31.61 15.23
N ASP A 295 16.75 -32.91 15.30
CA ASP A 295 17.03 -33.76 16.47
C ASP A 295 18.57 -33.90 16.49
N VAL A 296 19.21 -34.01 15.33
CA VAL A 296 20.66 -34.11 15.26
C VAL A 296 21.33 -32.80 15.72
N ILE A 297 20.88 -31.66 15.18
CA ILE A 297 21.39 -30.34 15.54
C ILE A 297 21.28 -30.13 17.06
N LYS A 298 20.17 -30.55 17.66
CA LYS A 298 19.99 -30.38 19.09
C LYS A 298 21.10 -31.04 19.91
N GLU A 299 21.55 -32.19 19.42
CA GLU A 299 22.60 -32.92 20.09
C GLU A 299 23.94 -32.25 19.97
N ILE A 300 24.17 -31.53 18.88
CA ILE A 300 25.41 -30.84 18.65
C ILE A 300 25.59 -29.64 19.58
N LEU A 301 24.50 -29.08 20.05
CA LEU A 301 24.57 -27.92 20.95
C LEU A 301 25.53 -28.13 22.12
N ASP A 302 25.43 -29.31 22.70
CA ASP A 302 26.20 -29.77 23.85
C ASP A 302 27.50 -30.47 23.49
N ALA A 303 27.61 -30.96 22.28
CA ALA A 303 28.78 -31.69 21.87
C ALA A 303 30.02 -30.83 21.68
N ARG A 304 31.19 -31.41 21.91
CA ARG A 304 32.43 -30.70 21.73
C ARG A 304 33.06 -31.21 20.46
N ALA A 305 32.55 -32.32 19.93
CA ALA A 305 33.05 -32.89 18.68
C ALA A 305 31.92 -33.24 17.72
N VAL A 306 32.12 -32.98 16.44
CA VAL A 306 31.13 -33.29 15.44
C VAL A 306 31.84 -34.04 14.32
N LEU A 307 31.56 -35.33 14.15
CA LEU A 307 32.18 -36.11 13.08
C LEU A 307 31.12 -36.33 11.96
N VAL A 308 31.45 -36.06 10.70
CA VAL A 308 30.48 -36.25 9.61
C VAL A 308 31.08 -37.16 8.55
N GLY A 309 30.36 -38.18 8.12
CA GLY A 309 30.93 -39.08 7.15
C GLY A 309 30.07 -39.36 5.94
N SER A 310 30.70 -39.74 4.84
CA SER A 310 29.98 -40.01 3.62
C SER A 310 30.89 -40.63 2.59
N PRO A 311 30.37 -41.52 1.74
CA PRO A 311 31.09 -42.19 0.66
C PRO A 311 31.12 -41.14 -0.46
N THR A 312 31.69 -41.45 -1.61
CA THR A 312 31.62 -40.47 -2.66
C THR A 312 30.80 -41.07 -3.80
N ILE A 313 29.84 -40.30 -4.32
CA ILE A 313 28.98 -40.71 -5.46
C ILE A 313 29.20 -39.59 -6.46
N ASN A 314 29.35 -39.95 -7.73
CA ASN A 314 29.57 -38.98 -8.79
C ASN A 314 30.48 -37.81 -8.33
N ASN A 315 31.64 -38.13 -7.74
CA ASN A 315 32.61 -37.12 -7.31
C ASN A 315 32.09 -36.15 -6.27
N ASP A 316 30.91 -36.42 -5.72
CA ASP A 316 30.29 -35.53 -4.73
C ASP A 316 30.01 -36.32 -3.43
N ILE A 317 29.42 -35.64 -2.44
CA ILE A 317 29.04 -36.31 -1.22
C ILE A 317 27.67 -36.87 -1.54
N LEU A 318 27.15 -37.72 -0.64
CA LEU A 318 25.81 -38.31 -0.76
C LEU A 318 24.82 -37.19 -0.46
N PRO A 319 23.84 -36.95 -1.34
CA PRO A 319 22.85 -35.89 -1.13
C PRO A 319 22.17 -35.78 0.23
N VAL A 320 21.98 -36.90 0.93
CA VAL A 320 21.34 -36.86 2.26
C VAL A 320 22.18 -36.13 3.30
N VAL A 321 23.48 -36.05 3.03
CA VAL A 321 24.36 -35.42 3.97
C VAL A 321 24.43 -33.92 3.79
N SER A 322 23.97 -33.42 2.64
CA SER A 322 24.00 -32.00 2.36
C SER A 322 23.23 -31.10 3.32
N PRO A 323 21.98 -31.44 3.62
CA PRO A 323 21.19 -30.62 4.53
C PRO A 323 21.91 -30.31 5.82
N LEU A 324 22.47 -31.30 6.48
CA LEU A 324 23.14 -31.07 7.76
C LEU A 324 24.34 -30.14 7.60
N LEU A 325 25.11 -30.30 6.53
CA LEU A 325 26.27 -29.43 6.30
C LEU A 325 25.91 -27.96 6.05
N ASP A 326 25.00 -27.69 5.10
CA ASP A 326 24.63 -26.31 4.86
C ASP A 326 23.95 -25.68 6.07
N ASP A 327 23.36 -26.52 6.91
CA ASP A 327 22.66 -26.05 8.09
C ASP A 327 23.68 -25.74 9.21
N LEU A 328 24.82 -26.43 9.19
CA LEU A 328 25.86 -26.20 10.19
C LEU A 328 26.64 -24.94 9.83
N VAL A 329 26.85 -24.70 8.53
CA VAL A 329 27.54 -23.49 8.09
C VAL A 329 26.73 -22.27 8.52
N GLY A 330 25.42 -22.29 8.25
CA GLY A 330 24.58 -21.19 8.65
C GLY A 330 24.41 -21.05 10.17
N LEU A 331 24.32 -22.16 10.88
CA LEU A 331 24.12 -22.11 12.33
C LEU A 331 25.36 -21.70 13.13
N ARG A 332 26.52 -21.82 12.49
CA ARG A 332 27.80 -21.47 13.12
C ARG A 332 28.03 -21.97 14.55
N PRO A 333 28.13 -23.31 14.74
CA PRO A 333 28.36 -23.91 16.07
C PRO A 333 29.63 -23.32 16.64
N LYS A 334 29.53 -22.96 17.90
CA LYS A 334 30.60 -22.35 18.64
C LYS A 334 31.52 -23.32 19.37
N ASN A 335 32.81 -23.18 19.09
CA ASN A 335 33.85 -23.94 19.78
C ASN A 335 33.69 -25.47 19.65
N LYS A 336 33.73 -25.95 18.41
CA LYS A 336 33.60 -27.39 18.14
C LYS A 336 34.82 -27.97 17.41
N VAL A 337 35.16 -29.21 17.74
CA VAL A 337 36.28 -29.90 17.06
C VAL A 337 35.61 -30.90 16.13
N GLY A 338 36.22 -31.21 14.99
CA GLY A 338 35.58 -32.14 14.08
C GLY A 338 36.44 -33.05 13.22
N LEU A 339 35.81 -33.83 12.37
CA LEU A 339 36.53 -34.74 11.50
C LEU A 339 35.58 -35.22 10.42
N ALA A 340 36.08 -35.39 9.20
CA ALA A 340 35.28 -35.89 8.09
C ALA A 340 35.86 -37.27 7.75
N PHE A 341 35.04 -38.17 7.22
CA PHE A 341 35.51 -39.51 6.90
C PHE A 341 34.62 -40.13 5.87
N GLY A 342 35.05 -41.23 5.27
CA GLY A 342 34.23 -41.88 4.28
C GLY A 342 35.00 -42.75 3.33
N ALA A 343 34.30 -43.62 2.62
CA ALA A 343 34.92 -44.52 1.65
C ALA A 343 34.82 -43.96 0.26
N TYR A 344 35.39 -44.67 -0.72
CA TYR A 344 35.37 -44.28 -2.12
C TYR A 344 35.80 -45.47 -2.97
N GLY A 345 35.50 -45.44 -4.27
CA GLY A 345 35.83 -46.56 -5.13
C GLY A 345 37.03 -46.32 -6.03
N TRP A 346 37.27 -45.10 -6.45
CA TRP A 346 38.43 -44.84 -7.29
C TRP A 346 39.02 -43.44 -7.14
N GLY A 347 38.33 -42.41 -7.60
CA GLY A 347 38.88 -41.08 -7.47
C GLY A 347 38.62 -40.37 -6.16
N GLY A 348 37.46 -40.60 -5.54
CA GLY A 348 37.16 -39.94 -4.29
C GLY A 348 36.57 -38.59 -4.64
N GLY A 349 36.39 -37.72 -3.65
CA GLY A 349 35.82 -36.40 -3.92
C GLY A 349 34.95 -35.86 -2.79
N ALA A 350 34.34 -36.78 -2.03
CA ALA A 350 33.49 -36.34 -0.92
C ALA A 350 34.28 -35.78 0.26
N GLN A 351 35.51 -36.26 0.43
CA GLN A 351 36.27 -35.80 1.57
C GLN A 351 36.58 -34.31 1.51
N LYS A 352 36.90 -33.84 0.29
CA LYS A 352 37.22 -32.43 0.00
C LYS A 352 36.02 -31.56 0.39
N ILE A 353 34.88 -31.94 -0.18
CA ILE A 353 33.61 -31.26 0.06
C ILE A 353 33.26 -31.24 1.56
N LEU A 354 33.41 -32.39 2.22
CA LEU A 354 33.10 -32.47 3.63
C LEU A 354 33.95 -31.51 4.46
N GLU A 355 35.26 -31.55 4.23
CA GLU A 355 36.16 -30.68 4.97
C GLU A 355 35.94 -29.22 4.68
N GLU A 356 35.70 -28.90 3.42
CA GLU A 356 35.43 -27.52 3.07
C GLU A 356 34.21 -27.00 3.87
N ARG A 357 33.09 -27.70 3.74
CA ARG A 357 31.87 -27.30 4.41
C ARG A 357 32.07 -27.29 5.91
N LEU A 358 32.89 -28.21 6.43
CA LEU A 358 33.10 -28.25 7.88
C LEU A 358 33.87 -27.02 8.36
N LYS A 359 34.82 -26.58 7.54
CA LYS A 359 35.62 -25.39 7.84
C LYS A 359 34.74 -24.16 7.71
N ALA A 360 33.88 -24.18 6.69
CA ALA A 360 32.97 -23.10 6.44
C ALA A 360 32.05 -22.87 7.67
N ALA A 361 31.84 -23.92 8.48
CA ALA A 361 31.01 -23.77 9.68
C ALA A 361 31.90 -23.45 10.88
N LYS A 362 33.18 -23.15 10.58
CA LYS A 362 34.20 -22.80 11.57
C LYS A 362 34.34 -23.94 12.62
N ILE A 363 34.42 -25.18 12.15
CA ILE A 363 34.57 -26.34 13.03
C ILE A 363 36.04 -26.74 12.80
N GLU A 364 36.86 -26.74 13.84
CA GLU A 364 38.27 -27.08 13.69
C GLU A 364 38.58 -28.58 13.45
N LEU A 365 39.00 -28.93 12.25
CA LEU A 365 39.32 -30.32 11.95
C LEU A 365 40.45 -30.87 12.81
N ILE A 366 40.19 -31.98 13.50
CA ILE A 366 41.21 -32.59 14.34
C ILE A 366 42.23 -33.32 13.42
N ALA A 367 42.04 -33.22 12.09
CA ALA A 367 42.95 -33.88 11.12
C ALA A 367 42.68 -33.63 9.63
N GLU A 368 43.27 -32.58 9.03
CA GLU A 368 43.11 -32.35 7.59
C GLU A 368 43.53 -33.77 7.06
N PRO A 369 42.87 -34.24 6.00
CA PRO A 369 42.97 -35.52 5.30
C PRO A 369 42.49 -36.49 6.41
N GLY A 370 41.15 -36.52 6.58
CA GLY A 370 40.50 -37.37 7.57
C GLY A 370 40.57 -38.77 7.05
N PRO A 371 40.19 -39.75 7.86
CA PRO A 371 40.23 -41.16 7.48
C PRO A 371 39.45 -41.40 6.21
N THR A 372 40.08 -42.07 5.26
CA THR A 372 39.44 -42.38 4.01
C THR A 372 39.77 -43.85 3.71
N VAL A 373 38.87 -44.58 3.10
CA VAL A 373 39.11 -46.01 2.84
C VAL A 373 38.71 -46.35 1.41
N GLN A 374 39.42 -47.23 0.74
CA GLN A 374 38.98 -47.56 -0.60
C GLN A 374 38.26 -48.89 -0.63
N TRP A 375 37.00 -48.86 -1.09
CA TRP A 375 36.13 -50.04 -1.18
C TRP A 375 35.67 -50.50 0.21
N VAL A 376 36.47 -51.31 0.90
CA VAL A 376 36.12 -51.79 2.22
C VAL A 376 37.26 -51.57 3.20
N PRO A 377 36.93 -51.38 4.48
CA PRO A 377 38.02 -51.17 5.43
C PRO A 377 38.70 -52.50 5.74
N ARG A 378 39.99 -52.41 6.03
CA ARG A 378 40.73 -53.59 6.42
C ARG A 378 41.03 -53.38 7.94
N GLY A 379 41.60 -54.39 8.61
CA GLY A 379 41.88 -54.27 10.02
C GLY A 379 42.57 -52.98 10.50
N GLU A 380 43.70 -52.61 9.87
CA GLU A 380 44.43 -51.40 10.25
C GLU A 380 43.60 -50.16 10.01
N ASP A 381 42.79 -50.17 8.94
CA ASP A 381 41.92 -49.02 8.62
C ASP A 381 40.98 -48.74 9.81
N LEU A 382 40.32 -49.78 10.31
CA LEU A 382 39.41 -49.59 11.45
C LEU A 382 40.17 -49.25 12.72
N GLN A 383 41.38 -49.79 12.84
CA GLN A 383 42.23 -49.56 13.99
C GLN A 383 42.59 -48.09 14.01
N ARG A 384 42.94 -47.59 12.82
CA ARG A 384 43.32 -46.20 12.71
C ARG A 384 42.15 -45.31 13.13
N CYS A 385 40.95 -45.61 12.63
CA CYS A 385 39.75 -44.86 13.00
C CYS A 385 39.58 -44.90 14.52
N TYR A 386 39.73 -46.10 15.09
CA TYR A 386 39.61 -46.28 16.53
C TYR A 386 40.58 -45.34 17.26
N GLU A 387 41.81 -45.26 16.76
CA GLU A 387 42.82 -44.40 17.36
C GLU A 387 42.43 -42.93 17.27
N LEU A 388 41.87 -42.58 16.13
CA LEU A 388 41.44 -41.21 15.91
C LEU A 388 40.33 -40.82 16.87
N GLY A 389 39.40 -41.76 17.09
CA GLY A 389 38.31 -41.50 18.00
C GLY A 389 38.89 -41.33 19.39
N ARG A 390 39.98 -42.06 19.60
CA ARG A 390 40.69 -42.06 20.87
C ARG A 390 41.35 -40.69 21.06
N LYS A 391 41.90 -40.17 19.95
CA LYS A 391 42.55 -38.88 19.95
C LYS A 391 41.57 -37.75 20.25
N ILE A 392 40.47 -37.72 19.50
CA ILE A 392 39.43 -36.72 19.69
C ILE A 392 38.92 -36.75 21.14
N ALA A 393 38.80 -37.95 21.71
CA ALA A 393 38.34 -38.12 23.10
C ALA A 393 39.27 -37.38 24.03
N ALA A 394 40.56 -37.52 23.75
CA ALA A 394 41.61 -36.90 24.54
C ALA A 394 41.48 -35.40 24.52
N ARG A 395 41.20 -34.84 23.36
CA ARG A 395 41.04 -33.39 23.27
C ARG A 395 39.76 -32.87 23.91
N ILE A 396 38.64 -33.56 23.64
CA ILE A 396 37.29 -33.29 24.19
C ILE A 396 37.37 -33.45 25.74
N ALA A 397 38.50 -34.02 26.18
CA ALA A 397 38.89 -34.24 27.57
C ALA A 397 37.84 -34.07 28.64
N ASP A 398 37.76 -32.85 29.15
CA ASP A 398 36.81 -32.50 30.23
C ASP A 398 37.59 -32.37 31.56
N SER B 1 10.39 -68.25 -7.68
CA SER B 1 10.92 -69.54 -7.16
C SER B 1 11.34 -70.36 -8.34
N GLN B 2 10.58 -70.25 -9.41
CA GLN B 2 10.90 -70.99 -10.59
C GLN B 2 11.67 -70.11 -11.55
N PRO B 3 12.67 -70.70 -12.24
CA PRO B 3 13.52 -70.05 -13.25
C PRO B 3 12.56 -69.78 -14.42
N VAL B 4 12.96 -68.90 -15.31
CA VAL B 4 12.12 -68.58 -16.45
C VAL B 4 12.97 -68.62 -17.69
N ALA B 5 12.51 -69.37 -18.68
CA ALA B 5 13.20 -69.53 -19.94
C ALA B 5 13.13 -68.33 -20.85
N ILE B 6 14.27 -67.83 -21.28
CA ILE B 6 14.28 -66.72 -22.22
C ILE B 6 14.16 -67.36 -23.63
N THR B 7 14.69 -68.59 -23.72
CA THR B 7 14.73 -69.47 -24.90
C THR B 7 15.44 -70.73 -24.37
N ASP B 8 15.32 -71.85 -25.07
CA ASP B 8 15.97 -73.12 -24.63
C ASP B 8 17.45 -72.99 -24.22
N GLY B 9 17.75 -73.46 -23.01
CA GLY B 9 19.12 -73.39 -22.57
C GLY B 9 19.57 -72.06 -22.01
N ILE B 10 18.72 -71.03 -22.15
CA ILE B 10 19.01 -69.71 -21.58
C ILE B 10 17.88 -69.40 -20.58
N TYR B 11 18.23 -69.26 -19.30
CA TYR B 11 17.22 -68.99 -18.30
C TYR B 11 17.55 -67.78 -17.42
N TRP B 12 16.47 -67.18 -16.90
CA TRP B 12 16.57 -66.07 -15.97
C TRP B 12 16.56 -66.84 -14.65
N VAL B 13 17.54 -66.56 -13.79
CA VAL B 13 17.61 -67.22 -12.50
C VAL B 13 17.82 -66.22 -11.38
N GLY B 14 17.38 -64.99 -11.58
CA GLY B 14 17.54 -63.96 -10.57
C GLY B 14 16.54 -64.01 -9.42
N ALA B 15 16.47 -62.90 -8.70
CA ALA B 15 15.59 -62.82 -7.57
C ALA B 15 14.80 -61.52 -7.67
N VAL B 16 13.55 -61.54 -7.20
CA VAL B 16 12.71 -60.35 -7.21
C VAL B 16 12.69 -59.81 -5.81
N ASP B 17 12.93 -58.50 -5.66
CA ASP B 17 12.94 -57.84 -4.36
C ASP B 17 11.74 -56.89 -4.20
N TRP B 18 10.60 -57.43 -3.78
CA TRP B 18 9.39 -56.65 -3.64
C TRP B 18 9.39 -55.54 -2.63
N ASN B 19 9.97 -55.76 -1.47
CA ASN B 19 9.89 -54.76 -0.42
C ASN B 19 10.93 -53.69 -0.27
N ILE B 20 11.98 -53.74 -1.07
CA ILE B 20 13.02 -52.74 -0.99
C ILE B 20 12.42 -51.40 -1.45
N ARG B 21 12.69 -50.34 -0.71
CA ARG B 21 12.16 -49.03 -1.05
C ARG B 21 13.22 -48.00 -1.37
N TYR B 22 14.46 -48.31 -1.03
CA TYR B 22 15.58 -47.41 -1.30
C TYR B 22 16.76 -48.25 -1.74
N PHE B 23 17.37 -47.82 -2.83
CA PHE B 23 18.51 -48.51 -3.41
C PHE B 23 19.74 -47.63 -3.18
N HIS B 24 20.94 -48.23 -3.20
CA HIS B 24 22.19 -47.48 -2.93
C HIS B 24 21.96 -46.75 -1.62
N GLY B 25 21.57 -47.47 -0.59
CA GLY B 25 21.34 -46.77 0.66
C GLY B 25 20.18 -45.79 0.47
N PRO B 26 20.39 -44.48 0.64
CA PRO B 26 19.35 -43.47 0.48
C PRO B 26 19.21 -42.98 -0.96
N ALA B 27 20.30 -43.07 -1.71
CA ALA B 27 20.37 -42.57 -3.08
C ALA B 27 19.18 -42.70 -4.03
N PHE B 28 18.67 -43.91 -4.26
CA PHE B 28 17.59 -44.11 -5.22
C PHE B 28 16.32 -44.67 -4.62
N SER B 29 15.19 -43.98 -4.80
CA SER B 29 13.95 -44.49 -4.25
C SER B 29 13.25 -45.49 -5.20
N THR B 30 12.97 -46.69 -4.73
CA THR B 30 12.29 -47.67 -5.57
C THR B 30 10.86 -47.84 -5.04
N HIS B 31 9.95 -46.97 -5.48
CA HIS B 31 8.57 -47.03 -5.03
C HIS B 31 8.00 -48.46 -5.19
N ARG B 32 8.47 -49.22 -6.18
CA ARG B 32 7.95 -50.57 -6.41
C ARG B 32 8.95 -51.71 -6.30
N GLY B 33 9.97 -51.56 -5.48
CA GLY B 33 11.00 -52.58 -5.37
C GLY B 33 11.88 -52.65 -6.61
N THR B 34 12.54 -53.79 -6.80
CA THR B 34 13.39 -54.03 -7.95
C THR B 34 13.67 -55.53 -8.05
N THR B 35 14.54 -55.91 -8.97
CA THR B 35 14.91 -57.32 -9.08
C THR B 35 16.42 -57.35 -9.30
N TYR B 36 17.00 -58.53 -9.14
CA TYR B 36 18.41 -58.76 -9.35
C TYR B 36 18.40 -59.88 -10.39
N ASN B 37 18.73 -59.52 -11.63
CA ASN B 37 18.74 -60.45 -12.73
C ASN B 37 20.06 -61.13 -12.95
N ALA B 38 19.99 -62.44 -13.13
CA ALA B 38 21.13 -63.30 -13.33
C ALA B 38 20.69 -64.33 -14.37
N TYR B 39 21.59 -64.66 -15.30
CA TYR B 39 21.25 -65.58 -16.38
C TYR B 39 22.10 -66.84 -16.49
N LEU B 40 21.43 -67.96 -16.69
CA LEU B 40 22.12 -69.23 -16.83
C LEU B 40 22.09 -69.72 -18.28
N ILE B 41 23.25 -69.71 -18.95
CA ILE B 41 23.33 -70.23 -20.33
C ILE B 41 23.84 -71.70 -20.30
N VAL B 42 22.96 -72.65 -20.62
CA VAL B 42 23.31 -74.07 -20.62
C VAL B 42 23.83 -74.54 -21.98
N ASP B 43 24.93 -75.30 -21.92
CA ASP B 43 25.57 -75.83 -23.14
C ASP B 43 26.57 -76.93 -22.77
N ASP B 44 27.43 -77.35 -23.73
CA ASP B 44 28.46 -78.38 -23.44
C ASP B 44 29.15 -77.87 -22.17
N LYS B 45 29.35 -76.56 -22.11
CA LYS B 45 29.87 -75.93 -20.92
C LYS B 45 28.71 -74.97 -20.53
N THR B 46 28.39 -74.86 -19.24
CA THR B 46 27.32 -73.95 -18.84
C THR B 46 27.92 -72.74 -18.11
N ALA B 47 27.38 -71.57 -18.44
CA ALA B 47 27.85 -70.30 -17.83
C ALA B 47 26.75 -69.57 -17.06
N LEU B 48 27.11 -68.91 -15.97
CA LEU B 48 26.15 -68.14 -15.22
C LEU B 48 26.62 -66.70 -15.38
N VAL B 49 25.71 -65.83 -15.83
CA VAL B 49 26.02 -64.42 -16.02
C VAL B 49 25.54 -63.61 -14.81
N ASP B 50 26.49 -63.03 -14.07
CA ASP B 50 26.21 -62.23 -12.89
C ASP B 50 25.59 -63.09 -11.75
N THR B 51 25.63 -62.59 -10.51
CA THR B 51 24.98 -63.33 -9.45
C THR B 51 23.80 -62.52 -8.92
N VAL B 52 23.72 -62.39 -7.61
CA VAL B 52 22.56 -61.73 -7.02
C VAL B 52 22.93 -61.00 -5.71
N TYR B 53 22.07 -60.09 -5.23
CA TYR B 53 22.28 -59.36 -3.96
C TYR B 53 22.42 -60.43 -2.87
N GLU B 54 23.47 -60.35 -2.06
CA GLU B 54 23.70 -61.41 -1.04
C GLU B 54 22.47 -61.96 -0.29
N PRO B 55 21.57 -61.09 0.20
CA PRO B 55 20.40 -61.58 0.93
C PRO B 55 19.47 -62.48 0.09
N PHE B 56 19.73 -62.61 -1.21
CA PHE B 56 18.87 -63.44 -2.06
C PHE B 56 19.62 -64.63 -2.68
N LYS B 57 20.82 -64.93 -2.16
CA LYS B 57 21.60 -66.04 -2.69
C LYS B 57 20.82 -67.32 -2.70
N GLU B 58 20.04 -67.57 -1.66
CA GLU B 58 19.25 -68.81 -1.62
C GLU B 58 18.37 -68.94 -2.84
N GLU B 59 17.76 -67.85 -3.26
CA GLU B 59 16.87 -67.93 -4.40
C GLU B 59 17.65 -68.24 -5.67
N LEU B 60 18.85 -67.69 -5.78
CA LEU B 60 19.69 -67.93 -6.95
C LEU B 60 19.98 -69.41 -7.06
N ILE B 61 20.62 -69.91 -6.01
CA ILE B 61 20.98 -71.32 -5.91
C ILE B 61 19.74 -72.21 -6.12
N ALA B 62 18.63 -71.90 -5.45
CA ALA B 62 17.44 -72.73 -5.61
C ALA B 62 16.96 -72.79 -7.07
N LYS B 63 17.10 -71.69 -7.77
CA LYS B 63 16.69 -71.66 -9.16
C LYS B 63 17.71 -72.42 -9.99
N LEU B 64 18.99 -72.27 -9.68
CA LEU B 64 20.00 -72.99 -10.45
C LEU B 64 19.73 -74.49 -10.33
N LYS B 65 19.52 -74.96 -9.10
CA LYS B 65 19.27 -76.36 -8.89
C LYS B 65 18.06 -76.86 -9.61
N GLN B 66 17.16 -75.95 -9.99
CA GLN B 66 15.96 -76.38 -10.72
C GLN B 66 16.24 -76.66 -12.21
N ILE B 67 17.38 -76.21 -12.69
CA ILE B 67 17.70 -76.48 -14.07
C ILE B 67 18.50 -77.79 -14.13
N LYS B 68 19.42 -77.96 -13.16
CA LYS B 68 20.28 -79.14 -13.07
C LYS B 68 20.87 -79.21 -11.66
N ASP B 69 20.57 -80.30 -10.95
CA ASP B 69 21.02 -80.47 -9.59
C ASP B 69 22.12 -81.53 -9.51
N PRO B 70 23.31 -81.04 -9.10
CA PRO B 70 24.62 -80.60 -8.67
C PRO B 70 24.90 -79.47 -9.67
N VAL B 71 24.86 -78.24 -9.16
CA VAL B 71 25.03 -77.15 -10.02
C VAL B 71 26.40 -77.31 -10.70
N LYS B 72 26.33 -77.34 -12.03
CA LYS B 72 27.48 -77.49 -12.89
C LYS B 72 28.36 -76.26 -12.94
N LEU B 73 27.97 -75.23 -13.66
CA LEU B 73 28.80 -74.02 -13.74
C LEU B 73 30.28 -74.16 -14.18
N ASP B 74 30.57 -73.93 -15.46
CA ASP B 74 31.97 -73.97 -15.93
C ASP B 74 32.53 -72.54 -15.94
N TYR B 75 31.66 -71.59 -16.28
CA TYR B 75 32.04 -70.17 -16.31
C TYR B 75 31.10 -69.31 -15.47
N LEU B 76 31.65 -68.26 -14.87
CA LEU B 76 30.87 -67.33 -14.09
C LEU B 76 31.30 -65.98 -14.62
N VAL B 77 30.39 -65.35 -15.37
CA VAL B 77 30.67 -64.05 -15.94
C VAL B 77 30.35 -63.00 -14.89
N VAL B 78 31.21 -62.03 -14.68
CA VAL B 78 30.95 -60.98 -13.73
C VAL B 78 31.08 -59.67 -14.52
N ASN B 79 29.93 -59.19 -15.06
CA ASN B 79 29.91 -57.95 -15.85
C ASN B 79 30.16 -56.71 -14.98
N HIS B 80 29.83 -56.82 -13.70
CA HIS B 80 29.91 -55.66 -12.83
C HIS B 80 30.08 -56.19 -11.41
N THR B 81 30.89 -55.48 -10.62
CA THR B 81 31.08 -55.94 -9.25
C THR B 81 30.45 -55.17 -8.11
N GLU B 82 29.46 -54.34 -8.41
CA GLU B 82 28.78 -53.66 -7.32
C GLU B 82 28.19 -54.85 -6.51
N SER B 83 27.64 -54.44 -5.32
CA SER B 83 27.08 -55.48 -4.48
C SER B 83 25.76 -56.17 -4.84
N ASP B 84 24.90 -55.50 -5.59
CA ASP B 84 23.63 -56.05 -5.97
C ASP B 84 23.81 -57.16 -6.99
N HIS B 85 24.99 -57.25 -7.61
CA HIS B 85 25.18 -58.31 -8.62
C HIS B 85 26.28 -59.31 -8.23
N ALA B 86 27.24 -58.89 -7.41
CA ALA B 86 28.35 -59.76 -7.01
C ALA B 86 28.28 -60.22 -5.55
N GLY B 87 27.22 -59.84 -4.86
CA GLY B 87 27.07 -60.23 -3.47
C GLY B 87 26.99 -61.72 -3.20
N ALA B 88 26.50 -62.50 -4.15
CA ALA B 88 26.40 -63.91 -3.90
C ALA B 88 27.60 -64.64 -4.53
N PHE B 89 28.65 -63.87 -4.82
CA PHE B 89 29.87 -64.46 -5.38
C PHE B 89 30.48 -65.52 -4.44
N PRO B 90 30.70 -65.17 -3.15
CA PRO B 90 31.29 -66.18 -2.28
C PRO B 90 30.48 -67.46 -2.31
N ALA B 91 29.17 -67.34 -2.15
CA ALA B 91 28.31 -68.53 -2.15
C ALA B 91 28.39 -69.37 -3.43
N ILE B 92 28.46 -68.71 -4.58
CA ILE B 92 28.49 -69.47 -5.83
C ILE B 92 29.85 -70.14 -5.97
N MET B 93 30.89 -69.35 -5.66
CA MET B 93 32.25 -69.87 -5.71
C MET B 93 32.41 -71.05 -4.75
N GLU B 94 31.74 -70.97 -3.60
CA GLU B 94 31.79 -72.04 -2.60
C GLU B 94 31.08 -73.28 -3.13
N LEU B 95 30.12 -73.05 -3.99
CA LEU B 95 29.29 -74.14 -4.55
C LEU B 95 29.98 -74.84 -5.73
N CYS B 96 30.88 -74.10 -6.40
CA CYS B 96 31.61 -74.61 -7.58
C CYS B 96 32.98 -73.93 -7.53
N PRO B 97 33.91 -74.44 -6.69
CA PRO B 97 35.25 -73.80 -6.61
C PRO B 97 35.96 -73.84 -7.95
N ASP B 98 35.57 -74.76 -8.81
CA ASP B 98 36.27 -74.82 -10.10
C ASP B 98 35.80 -73.83 -11.17
N ALA B 99 34.65 -73.19 -10.96
CA ALA B 99 34.10 -72.24 -11.92
C ALA B 99 35.19 -71.25 -12.42
N HIS B 100 35.23 -70.99 -13.72
CA HIS B 100 36.22 -70.07 -14.31
C HIS B 100 35.61 -68.67 -14.44
N VAL B 101 36.18 -67.70 -13.74
CA VAL B 101 35.68 -66.33 -13.78
C VAL B 101 36.08 -65.58 -15.05
N LEU B 102 35.12 -64.96 -15.73
CA LEU B 102 35.42 -64.16 -16.93
C LEU B 102 35.08 -62.73 -16.59
N CYS B 103 36.08 -61.84 -16.47
CA CYS B 103 35.76 -60.46 -16.12
C CYS B 103 36.79 -59.45 -16.61
N THR B 104 36.52 -58.16 -16.43
CA THR B 104 37.49 -57.13 -16.84
C THR B 104 38.63 -57.04 -15.82
N GLN B 105 39.64 -56.24 -16.15
CA GLN B 105 40.78 -56.05 -15.25
C GLN B 105 40.31 -55.34 -13.98
N ARG B 106 39.70 -54.17 -14.16
CA ARG B 106 39.23 -53.36 -13.04
C ARG B 106 38.26 -54.21 -12.18
N ALA B 107 37.50 -55.08 -12.85
CA ALA B 107 36.55 -55.98 -12.19
C ALA B 107 37.31 -56.90 -11.24
N PHE B 108 38.37 -57.49 -11.80
CA PHE B 108 39.22 -58.42 -11.07
C PHE B 108 39.84 -57.77 -9.82
N ASP B 109 40.24 -56.51 -9.96
CA ASP B 109 40.82 -55.79 -8.83
C ASP B 109 39.77 -55.58 -7.74
N SER B 110 38.58 -55.13 -8.17
CA SER B 110 37.43 -54.87 -7.29
C SER B 110 37.08 -56.16 -6.52
N LEU B 111 36.97 -57.26 -7.28
CA LEU B 111 36.63 -58.58 -6.74
C LEU B 111 37.61 -59.03 -5.64
N LYS B 112 38.93 -58.82 -5.86
CA LYS B 112 39.95 -59.16 -4.85
C LYS B 112 39.79 -58.24 -3.63
N ALA B 113 39.36 -57.01 -3.86
CA ALA B 113 39.21 -56.03 -2.78
C ALA B 113 37.99 -56.34 -1.90
N HIS B 114 36.84 -56.55 -2.53
CA HIS B 114 35.62 -56.82 -1.81
C HIS B 114 35.57 -58.24 -1.22
N TYR B 115 36.44 -59.15 -1.65
CA TYR B 115 36.35 -60.48 -1.05
C TYR B 115 37.66 -61.12 -0.61
N SER B 116 38.76 -60.94 -1.39
CA SER B 116 40.06 -61.58 -1.04
C SER B 116 39.69 -62.99 -0.44
N HIS B 117 40.52 -63.52 0.47
CA HIS B 117 40.19 -64.82 1.09
C HIS B 117 39.48 -65.87 0.16
N ILE B 118 39.28 -65.56 -1.11
CA ILE B 118 38.58 -66.47 -2.04
C ILE B 118 39.45 -66.55 -3.28
N ASP B 119 40.05 -67.72 -3.51
CA ASP B 119 40.95 -67.94 -4.65
C ASP B 119 40.02 -68.47 -5.79
N PHE B 120 40.35 -68.17 -7.07
CA PHE B 120 39.53 -68.67 -8.19
C PHE B 120 40.26 -68.58 -9.53
N ASN B 121 39.91 -69.47 -10.47
CA ASN B 121 40.50 -69.42 -11.82
C ASN B 121 39.85 -68.32 -12.62
N TYR B 122 40.61 -67.71 -13.52
CA TYR B 122 40.03 -66.61 -14.26
C TYR B 122 40.76 -66.21 -15.54
N THR B 123 40.17 -65.25 -16.23
CA THR B 123 40.79 -64.67 -17.41
C THR B 123 40.22 -63.27 -17.64
N ILE B 124 41.12 -62.29 -17.59
CA ILE B 124 40.74 -60.92 -17.83
C ILE B 124 40.30 -60.91 -19.30
N VAL B 125 39.15 -60.27 -19.54
CA VAL B 125 38.57 -60.18 -20.87
C VAL B 125 38.68 -58.74 -21.31
N LYS B 126 38.63 -58.55 -22.64
CA LYS B 126 38.72 -57.23 -23.27
C LYS B 126 37.67 -57.23 -24.38
N THR B 127 37.31 -56.03 -24.83
CA THR B 127 36.33 -55.90 -25.92
C THR B 127 36.76 -56.85 -27.05
N GLY B 128 35.87 -57.73 -27.49
CA GLY B 128 36.25 -58.60 -28.58
C GLY B 128 36.63 -59.99 -28.18
N THR B 129 37.21 -60.19 -27.00
CA THR B 129 37.56 -61.59 -26.67
C THR B 129 36.28 -62.43 -26.67
N SER B 130 36.39 -63.73 -26.93
CA SER B 130 35.20 -64.59 -26.98
C SER B 130 35.47 -66.00 -26.45
N VAL B 131 34.58 -66.55 -25.63
CA VAL B 131 34.76 -67.89 -25.10
C VAL B 131 33.68 -68.75 -25.73
N SER B 132 33.96 -70.01 -26.02
CA SER B 132 32.90 -70.85 -26.59
C SER B 132 32.34 -71.78 -25.53
N LEU B 133 31.06 -72.10 -25.62
CA LEU B 133 30.39 -72.99 -24.65
C LEU B 133 29.94 -74.26 -25.35
N GLY B 134 30.17 -74.26 -26.66
CA GLY B 134 29.77 -75.39 -27.49
C GLY B 134 28.95 -74.81 -28.64
N LYS B 135 27.65 -75.13 -28.65
CA LYS B 135 26.72 -74.63 -29.67
C LYS B 135 26.70 -73.09 -29.65
N ARG B 136 26.79 -72.50 -28.45
CA ARG B 136 26.77 -71.03 -28.30
C ARG B 136 28.06 -70.55 -27.70
N SER B 137 28.26 -69.25 -27.78
CA SER B 137 29.47 -68.65 -27.26
C SER B 137 29.13 -67.26 -26.68
N LEU B 138 30.06 -66.71 -25.91
CA LEU B 138 29.77 -65.40 -25.40
C LEU B 138 30.95 -64.51 -25.66
N THR B 139 30.69 -63.38 -26.32
CA THR B 139 31.74 -62.39 -26.61
C THR B 139 31.51 -61.21 -25.67
N PHE B 140 32.56 -60.42 -25.41
CA PHE B 140 32.44 -59.33 -24.47
C PHE B 140 32.69 -57.94 -25.02
N ILE B 141 32.09 -56.94 -24.41
CA ILE B 141 32.28 -55.55 -24.83
C ILE B 141 32.55 -54.73 -23.56
N GLU B 142 33.75 -54.18 -23.46
CA GLU B 142 34.14 -53.37 -22.30
C GLU B 142 33.24 -52.11 -22.30
N ALA B 143 32.79 -51.70 -21.11
CA ALA B 143 31.92 -50.53 -20.97
C ALA B 143 32.33 -49.65 -19.80
N PRO B 144 33.60 -49.26 -19.75
CA PRO B 144 34.16 -48.42 -18.70
C PRO B 144 33.22 -47.26 -18.37
N MET B 145 32.94 -47.03 -17.08
CA MET B 145 32.08 -45.93 -16.67
C MET B 145 30.64 -45.99 -17.16
N LEU B 146 30.25 -47.10 -17.80
CA LEU B 146 28.85 -47.25 -18.22
C LEU B 146 28.30 -47.87 -16.94
N HIS B 147 28.49 -46.98 -15.96
CA HIS B 147 28.18 -47.01 -14.56
C HIS B 147 29.52 -47.09 -13.78
N TRP B 148 30.20 -48.22 -13.88
CA TRP B 148 31.46 -48.40 -13.14
C TRP B 148 32.71 -48.64 -13.99
N PRO B 149 33.90 -48.35 -13.45
CA PRO B 149 35.10 -48.60 -14.26
C PRO B 149 35.19 -50.05 -14.69
N ASP B 150 34.67 -50.98 -13.88
CA ASP B 150 34.74 -52.41 -14.21
C ASP B 150 33.63 -52.93 -15.15
N SER B 151 32.66 -52.07 -15.44
CA SER B 151 31.52 -52.48 -16.29
C SER B 151 31.90 -53.08 -17.66
N MET B 152 31.03 -53.97 -18.15
CA MET B 152 31.19 -54.61 -19.43
C MET B 152 29.84 -55.27 -19.81
N PHE B 153 29.58 -55.46 -21.10
CA PHE B 153 28.34 -56.15 -21.54
C PHE B 153 28.77 -57.52 -22.04
N THR B 154 27.86 -58.48 -22.06
CA THR B 154 28.13 -59.80 -22.59
C THR B 154 27.17 -59.95 -23.77
N TYR B 155 27.64 -60.56 -24.85
CA TYR B 155 26.82 -60.74 -26.04
C TYR B 155 26.84 -62.22 -26.45
N VAL B 156 25.68 -62.75 -26.82
CA VAL B 156 25.57 -64.15 -27.22
C VAL B 156 25.15 -64.24 -28.71
N PRO B 157 26.14 -64.09 -29.63
CA PRO B 157 25.99 -64.12 -31.09
C PRO B 157 24.88 -65.03 -31.58
N GLU B 158 25.02 -66.32 -31.28
CA GLU B 158 24.07 -67.32 -31.71
C GLU B 158 22.59 -66.92 -31.46
N GLU B 159 22.35 -66.08 -30.47
CA GLU B 159 20.98 -65.66 -30.13
C GLU B 159 20.66 -64.17 -30.27
N ALA B 160 21.68 -63.36 -30.54
CA ALA B 160 21.54 -61.91 -30.66
C ALA B 160 21.01 -61.36 -29.32
N LEU B 161 21.44 -61.99 -28.23
CA LEU B 161 21.05 -61.63 -26.87
C LEU B 161 22.12 -60.73 -26.24
N LEU B 162 21.73 -59.52 -25.83
CA LEU B 162 22.68 -58.61 -25.19
C LEU B 162 22.43 -58.65 -23.66
N LEU B 163 23.48 -58.70 -22.84
CA LEU B 163 23.32 -58.74 -21.38
C LEU B 163 24.20 -57.63 -20.83
N PRO B 164 23.73 -56.37 -20.93
CA PRO B 164 24.41 -55.13 -20.48
C PRO B 164 24.50 -54.89 -19.01
N ASN B 165 24.00 -55.82 -18.19
CA ASN B 165 24.02 -55.58 -16.76
C ASN B 165 23.10 -54.37 -16.46
N ASP B 166 23.66 -53.30 -15.88
CA ASP B 166 22.85 -52.15 -15.49
C ASP B 166 22.25 -51.35 -16.62
N ALA B 167 23.01 -51.14 -17.69
CA ALA B 167 22.48 -50.37 -18.80
C ALA B 167 21.18 -51.00 -19.32
N PHE B 168 20.19 -50.15 -19.60
CA PHE B 168 18.88 -50.57 -20.11
C PHE B 168 17.92 -51.17 -19.07
N GLY B 169 18.35 -51.16 -17.81
CA GLY B 169 17.49 -51.68 -16.77
C GLY B 169 16.53 -50.64 -16.18
N GLN B 170 15.61 -51.12 -15.35
CA GLN B 170 14.64 -50.28 -14.68
C GLN B 170 14.41 -50.92 -13.31
N HIS B 171 14.28 -50.10 -12.27
CA HIS B 171 14.06 -50.65 -10.94
C HIS B 171 12.57 -50.90 -10.69
N ILE B 172 12.11 -52.10 -10.96
CA ILE B 172 10.72 -52.45 -10.77
C ILE B 172 10.58 -53.93 -10.47
N ALA B 173 9.73 -54.26 -9.50
CA ALA B 173 9.46 -55.64 -9.12
C ALA B 173 8.16 -56.14 -9.74
N THR B 174 8.24 -57.25 -10.45
CA THR B 174 7.06 -57.84 -11.10
C THR B 174 7.23 -59.35 -11.11
N SER B 175 6.13 -60.09 -11.20
CA SER B 175 6.26 -61.53 -11.24
C SER B 175 6.31 -61.92 -12.71
N VAL B 176 6.14 -60.92 -13.54
CA VAL B 176 6.19 -61.09 -14.97
C VAL B 176 7.61 -60.65 -15.39
N ARG B 177 8.19 -61.31 -16.39
CA ARG B 177 9.56 -61.01 -16.79
C ARG B 177 9.85 -60.23 -18.07
N PHE B 178 8.89 -60.17 -18.98
CA PHE B 178 9.15 -59.49 -20.25
C PHE B 178 8.40 -58.20 -20.59
N ASP B 179 9.05 -57.37 -21.38
CA ASP B 179 8.46 -56.09 -21.77
C ASP B 179 7.08 -56.21 -22.41
N ASP B 180 6.77 -57.36 -22.97
CA ASP B 180 5.48 -57.49 -23.62
C ASP B 180 4.39 -57.92 -22.63
N GLN B 181 4.73 -58.03 -21.36
CA GLN B 181 3.75 -58.42 -20.33
C GLN B 181 3.56 -57.24 -19.38
N VAL B 182 4.02 -56.07 -19.80
CA VAL B 182 4.00 -54.86 -18.99
C VAL B 182 3.53 -53.66 -19.81
N ASP B 183 2.94 -52.67 -19.15
CA ASP B 183 2.45 -51.47 -19.83
C ASP B 183 3.61 -50.73 -20.48
N ALA B 184 3.52 -50.40 -21.76
CA ALA B 184 4.60 -49.70 -22.45
C ALA B 184 5.03 -48.37 -21.85
N GLY B 185 4.06 -47.55 -21.47
CA GLY B 185 4.36 -46.26 -20.91
C GLY B 185 4.90 -46.29 -19.50
N LEU B 186 4.43 -47.22 -18.69
CA LEU B 186 4.88 -47.36 -17.32
C LEU B 186 6.33 -47.82 -17.22
N ILE B 187 6.67 -48.81 -18.02
CA ILE B 187 7.99 -49.37 -18.02
C ILE B 187 9.02 -48.42 -18.65
N MET B 188 8.58 -47.58 -19.59
CA MET B 188 9.48 -46.64 -20.22
C MET B 188 9.75 -45.51 -19.24
N ASP B 189 8.81 -45.27 -18.35
CA ASP B 189 8.94 -44.20 -17.36
C ASP B 189 9.94 -44.64 -16.28
N GLU B 190 9.86 -45.93 -15.91
CA GLU B 190 10.76 -46.49 -14.91
C GLU B 190 12.16 -46.45 -15.48
N ALA B 191 12.27 -46.78 -16.76
CA ALA B 191 13.53 -46.76 -17.48
C ALA B 191 14.14 -45.37 -17.52
N ALA B 192 13.30 -44.35 -17.61
CA ALA B 192 13.79 -43.00 -17.64
C ALA B 192 14.21 -42.55 -16.25
N LYS B 193 13.51 -43.01 -15.22
CA LYS B 193 13.86 -42.64 -13.84
C LYS B 193 15.24 -43.21 -13.54
N TYR B 194 15.48 -44.39 -14.09
CA TYR B 194 16.74 -45.09 -13.95
C TYR B 194 17.88 -44.36 -14.65
N TYR B 195 17.69 -44.07 -15.93
CA TYR B 195 18.67 -43.37 -16.70
C TYR B 195 19.00 -42.03 -16.03
N ALA B 196 17.98 -41.23 -15.79
CA ALA B 196 18.17 -39.93 -15.19
C ALA B 196 18.99 -39.87 -13.90
N ASN B 197 18.85 -40.87 -13.04
CA ASN B 197 19.55 -40.84 -11.76
C ASN B 197 20.89 -41.59 -11.72
N ILE B 198 21.11 -42.47 -12.68
CA ILE B 198 22.34 -43.24 -12.73
C ILE B 198 23.25 -42.92 -13.92
N LEU B 199 22.71 -42.93 -15.14
CA LEU B 199 23.48 -42.68 -16.37
C LEU B 199 23.59 -41.26 -16.87
N MET B 200 22.83 -40.32 -16.33
CA MET B 200 22.90 -38.94 -16.81
C MET B 200 24.34 -38.35 -17.00
N PRO B 201 25.23 -38.57 -16.01
CA PRO B 201 26.60 -38.04 -16.08
C PRO B 201 27.45 -38.65 -17.20
N PHE B 202 27.03 -39.78 -17.76
CA PHE B 202 27.82 -40.40 -18.80
C PHE B 202 27.11 -40.43 -20.14
N SER B 203 26.35 -39.39 -20.41
CA SER B 203 25.59 -39.33 -21.66
C SER B 203 26.49 -39.41 -22.90
N ASN B 204 27.63 -38.70 -22.88
CA ASN B 204 28.54 -38.74 -24.04
C ASN B 204 29.11 -40.15 -24.23
N LEU B 205 29.35 -40.87 -23.13
CA LEU B 205 29.87 -42.22 -23.25
C LEU B 205 28.79 -43.16 -23.77
N ILE B 206 27.53 -42.82 -23.49
CA ILE B 206 26.43 -43.67 -23.95
C ILE B 206 26.31 -43.61 -25.48
N THR B 207 26.38 -42.41 -26.05
CA THR B 207 26.26 -42.31 -27.52
C THR B 207 27.48 -43.03 -28.15
N LYS B 208 28.68 -42.75 -27.63
CA LYS B 208 29.87 -43.39 -28.18
C LYS B 208 29.67 -44.91 -28.20
N LYS B 209 29.28 -45.48 -27.06
CA LYS B 209 29.08 -46.91 -26.99
C LYS B 209 27.95 -47.38 -27.90
N LEU B 210 26.90 -46.56 -28.02
CA LEU B 210 25.80 -46.94 -28.89
C LEU B 210 26.28 -47.00 -30.34
N ASP B 211 27.11 -46.02 -30.72
CA ASP B 211 27.69 -45.93 -32.08
C ASP B 211 28.61 -47.12 -32.37
N GLU B 212 29.51 -47.41 -31.42
CA GLU B 212 30.41 -48.54 -31.56
C GLU B 212 29.56 -49.79 -31.92
N ILE B 213 28.52 -50.04 -31.13
CA ILE B 213 27.62 -51.18 -31.35
C ILE B 213 26.90 -51.10 -32.73
N GLN B 214 26.65 -49.86 -33.13
CA GLN B 214 26.00 -49.50 -34.40
C GLN B 214 26.95 -49.88 -35.60
N LYS B 215 28.22 -49.42 -35.52
CA LYS B 215 29.26 -49.71 -36.54
C LYS B 215 29.47 -51.22 -36.67
N ILE B 216 29.97 -51.85 -35.61
CA ILE B 216 30.15 -53.33 -35.57
C ILE B 216 28.87 -54.05 -36.10
N ASN B 217 27.80 -53.27 -36.25
CA ASN B 217 26.53 -53.75 -36.75
C ASN B 217 25.95 -55.00 -36.01
N LEU B 218 26.06 -54.95 -34.68
CA LEU B 218 25.58 -56.02 -33.79
C LEU B 218 24.04 -56.27 -33.92
N ALA B 219 23.64 -57.53 -34.09
CA ALA B 219 22.21 -57.84 -34.18
C ALA B 219 21.65 -58.06 -32.74
N ILE B 220 20.81 -57.13 -32.29
CA ILE B 220 20.24 -57.22 -30.95
C ILE B 220 18.76 -57.58 -31.06
N LYS B 221 18.43 -58.82 -30.69
CA LYS B 221 17.05 -59.33 -30.75
C LYS B 221 16.38 -59.28 -29.36
N THR B 222 17.21 -59.29 -28.32
CA THR B 222 16.69 -59.16 -26.98
C THR B 222 17.75 -58.57 -26.08
N ILE B 223 17.31 -57.80 -25.07
CA ILE B 223 18.21 -57.18 -24.09
C ILE B 223 17.80 -57.64 -22.69
N ALA B 224 18.71 -58.22 -21.93
CA ALA B 224 18.38 -58.68 -20.57
C ALA B 224 19.27 -57.92 -19.58
N PRO B 225 18.74 -56.84 -18.94
CA PRO B 225 19.58 -56.11 -17.98
C PRO B 225 19.58 -56.81 -16.62
N SER B 226 20.31 -56.21 -15.69
CA SER B 226 20.45 -56.80 -14.40
C SER B 226 19.33 -56.42 -13.45
N HIS B 227 18.49 -55.45 -13.83
CA HIS B 227 17.37 -55.00 -13.00
C HIS B 227 16.15 -54.83 -13.88
N GLY B 228 15.03 -55.37 -13.43
CA GLY B 228 13.80 -55.20 -14.15
C GLY B 228 13.40 -56.18 -15.24
N ILE B 229 12.63 -55.63 -16.19
CA ILE B 229 12.09 -56.36 -17.31
C ILE B 229 13.11 -56.62 -18.42
N ILE B 230 12.89 -57.72 -19.13
CA ILE B 230 13.74 -58.11 -20.25
C ILE B 230 13.07 -57.59 -21.53
N TRP B 231 13.78 -56.77 -22.30
CA TRP B 231 13.26 -56.24 -23.57
C TRP B 231 13.37 -57.31 -24.66
N ARG B 232 12.33 -58.13 -24.78
CA ARG B 232 12.35 -59.22 -25.75
C ARG B 232 11.50 -58.92 -26.97
N LYS B 233 10.50 -58.06 -26.83
CA LYS B 233 9.64 -57.81 -27.96
C LYS B 233 10.10 -56.60 -28.74
N ASP B 234 10.67 -55.62 -28.09
CA ASP B 234 11.06 -54.43 -28.82
C ASP B 234 12.25 -53.71 -28.20
N PRO B 235 13.46 -54.25 -28.40
CA PRO B 235 14.69 -53.66 -27.87
C PRO B 235 14.94 -52.31 -28.51
N GLY B 236 14.44 -52.14 -29.74
CA GLY B 236 14.66 -50.90 -30.47
C GLY B 236 14.19 -49.67 -29.72
N ARG B 237 12.99 -49.77 -29.14
CA ARG B 237 12.43 -48.68 -28.39
C ARG B 237 13.40 -48.14 -27.31
N ILE B 238 13.89 -49.06 -26.45
CA ILE B 238 14.81 -48.67 -25.37
C ILE B 238 16.17 -48.20 -25.90
N ILE B 239 16.61 -48.75 -27.03
CA ILE B 239 17.87 -48.27 -27.57
C ILE B 239 17.70 -46.84 -28.15
N GLU B 240 16.62 -46.60 -28.88
CA GLU B 240 16.34 -45.27 -29.44
C GLU B 240 16.21 -44.24 -28.29
N ALA B 241 15.55 -44.67 -27.21
CA ALA B 241 15.32 -43.85 -26.02
C ALA B 241 16.68 -43.41 -25.45
N TYR B 242 17.57 -44.37 -25.23
CA TYR B 242 18.89 -44.07 -24.68
C TYR B 242 19.63 -43.08 -25.57
N ALA B 243 19.50 -43.25 -26.89
CA ALA B 243 20.16 -42.36 -27.83
C ALA B 243 19.63 -40.96 -27.66
N ARG B 244 18.31 -40.79 -27.61
CA ARG B 244 17.72 -39.45 -27.44
C ARG B 244 18.11 -38.82 -26.13
N TRP B 245 18.02 -39.60 -25.07
CA TRP B 245 18.36 -39.07 -23.75
C TRP B 245 19.85 -38.66 -23.67
N ALA B 246 20.71 -39.49 -24.25
CA ALA B 246 22.14 -39.21 -24.21
C ALA B 246 22.48 -38.00 -25.11
N GLU B 247 21.75 -37.84 -26.22
CA GLU B 247 22.00 -36.70 -27.10
C GLU B 247 21.72 -35.42 -26.33
N GLY B 248 20.63 -35.43 -25.57
CA GLY B 248 20.29 -34.29 -24.74
C GLY B 248 19.57 -33.16 -25.42
N GLN B 249 18.95 -33.44 -26.57
CA GLN B 249 18.24 -32.37 -27.27
C GLN B 249 17.17 -31.78 -26.34
N GLY B 250 16.45 -32.67 -25.65
CA GLY B 250 15.44 -32.20 -24.74
C GLY B 250 14.08 -32.02 -25.36
N LYS B 251 13.22 -31.35 -24.61
CA LYS B 251 11.85 -31.11 -25.00
C LYS B 251 11.51 -29.68 -24.48
N ALA B 252 10.53 -29.00 -25.06
CA ALA B 252 10.23 -27.64 -24.60
C ALA B 252 9.48 -27.69 -23.26
N LYS B 253 10.22 -28.15 -22.26
CA LYS B 253 9.71 -28.34 -20.91
C LYS B 253 10.64 -27.66 -19.90
N ALA B 254 10.08 -27.21 -18.79
CA ALA B 254 10.86 -26.58 -17.74
C ALA B 254 10.47 -27.17 -16.37
N VAL B 255 11.46 -27.47 -15.54
CA VAL B 255 11.22 -27.97 -14.21
C VAL B 255 11.55 -26.87 -13.23
N ILE B 256 10.63 -26.57 -12.31
CA ILE B 256 10.85 -25.56 -11.29
C ILE B 256 10.84 -26.28 -9.94
N ALA B 257 11.95 -26.29 -9.21
CA ALA B 257 12.04 -26.93 -7.90
C ALA B 257 12.32 -25.82 -6.93
N TYR B 258 11.71 -25.86 -5.77
CA TYR B 258 11.89 -24.78 -4.80
C TYR B 258 11.29 -25.11 -3.43
N ASP B 259 11.41 -24.16 -2.53
CA ASP B 259 10.76 -24.28 -1.27
C ASP B 259 10.69 -22.93 -0.62
N THR B 260 9.82 -22.80 0.38
CA THR B 260 9.56 -21.53 0.99
C THR B 260 9.21 -21.75 2.44
N MET B 261 9.23 -20.69 3.22
CA MET B 261 8.86 -20.74 4.61
C MET B 261 7.58 -19.97 4.77
N TRP B 262 7.46 -18.84 4.07
CA TRP B 262 6.28 -17.99 4.17
C TRP B 262 5.56 -17.67 2.87
N LEU B 263 5.86 -18.42 1.82
CA LEU B 263 5.17 -18.28 0.54
C LEU B 263 5.62 -17.29 -0.53
N SER B 264 6.54 -16.37 -0.21
CA SER B 264 6.97 -15.41 -1.21
C SER B 264 7.72 -16.09 -2.36
N THR B 265 8.63 -17.00 -2.04
CA THR B 265 9.39 -17.67 -3.07
C THR B 265 8.44 -18.49 -3.91
N GLU B 266 7.35 -18.93 -3.28
CA GLU B 266 6.35 -19.74 -3.98
C GLU B 266 5.58 -18.88 -4.98
N LYS B 267 5.22 -17.67 -4.57
CA LYS B 267 4.51 -16.74 -5.41
C LYS B 267 5.34 -16.40 -6.64
N MET B 268 6.66 -16.36 -6.46
CA MET B 268 7.59 -16.11 -7.54
C MET B 268 7.64 -17.34 -8.42
N ALA B 269 7.69 -18.51 -7.80
CA ALA B 269 7.73 -19.74 -8.58
C ALA B 269 6.50 -19.78 -9.48
N HIS B 270 5.37 -19.34 -8.93
CA HIS B 270 4.12 -19.35 -9.67
C HIS B 270 4.15 -18.42 -10.89
N ALA B 271 4.57 -17.18 -10.68
CA ALA B 271 4.66 -16.20 -11.78
C ALA B 271 5.57 -16.73 -12.88
N LEU B 272 6.76 -17.20 -12.49
CA LEU B 272 7.72 -17.74 -13.44
C LEU B 272 7.04 -18.81 -14.27
N MET B 273 6.23 -19.61 -13.57
CA MET B 273 5.53 -20.68 -14.23
C MET B 273 4.55 -20.13 -15.23
N ASP B 274 3.77 -19.12 -14.84
CA ASP B 274 2.81 -18.53 -15.76
C ASP B 274 3.47 -18.01 -17.03
N GLY B 275 4.63 -17.39 -16.88
CA GLY B 275 5.34 -16.90 -18.05
C GLY B 275 5.78 -18.05 -18.94
N LEU B 276 6.29 -19.10 -18.34
CA LEU B 276 6.77 -20.24 -19.10
C LEU B 276 5.68 -20.93 -19.90
N VAL B 277 4.48 -21.01 -19.29
CA VAL B 277 3.31 -21.64 -19.89
C VAL B 277 2.78 -20.73 -21.00
N ALA B 278 2.77 -19.42 -20.74
CA ALA B 278 2.33 -18.45 -21.75
C ALA B 278 3.28 -18.50 -22.95
N GLY B 279 4.56 -18.76 -22.71
CA GLY B 279 5.50 -18.85 -23.81
C GLY B 279 5.45 -20.18 -24.54
N GLY B 280 4.42 -20.98 -24.25
CA GLY B 280 4.19 -22.28 -24.91
C GLY B 280 4.98 -23.46 -24.41
N CYS B 281 5.28 -23.42 -23.14
CA CYS B 281 6.12 -24.41 -22.55
C CYS B 281 5.44 -25.31 -21.49
N GLU B 282 5.77 -26.59 -21.46
CA GLU B 282 5.22 -27.48 -20.43
C GLU B 282 6.00 -27.23 -19.11
N VAL B 283 5.31 -27.18 -17.99
CA VAL B 283 5.96 -26.95 -16.71
C VAL B 283 5.68 -27.99 -15.62
N LYS B 284 6.71 -28.39 -14.90
CA LYS B 284 6.51 -29.32 -13.80
C LYS B 284 6.98 -28.55 -12.60
N LEU B 285 6.13 -28.35 -11.61
CA LEU B 285 6.53 -27.58 -10.43
C LEU B 285 6.63 -28.49 -9.18
N PHE B 286 7.79 -28.45 -8.53
CA PHE B 286 8.05 -29.27 -7.35
C PHE B 286 8.39 -28.54 -6.07
N LYS B 287 7.58 -28.69 -5.04
CA LYS B 287 7.89 -28.09 -3.74
C LYS B 287 8.73 -29.24 -3.16
N LEU B 288 10.03 -29.02 -3.03
CA LEU B 288 10.95 -30.07 -2.60
C LEU B 288 10.73 -30.83 -1.31
N SER B 289 10.22 -30.18 -0.28
CA SER B 289 10.02 -30.87 0.99
C SER B 289 8.86 -31.85 0.95
N VAL B 290 8.28 -32.02 -0.22
CA VAL B 290 7.09 -32.81 -0.34
C VAL B 290 7.14 -33.61 -1.61
N SER B 291 8.29 -33.59 -2.27
CA SER B 291 8.44 -34.29 -3.52
C SER B 291 9.62 -35.20 -3.42
N ASP B 292 9.68 -36.23 -4.27
CA ASP B 292 10.79 -37.16 -4.30
C ASP B 292 11.90 -36.69 -5.25
N ARG B 293 13.09 -36.48 -4.69
CA ARG B 293 14.27 -36.02 -5.43
C ARG B 293 14.52 -36.80 -6.72
N ASN B 294 14.34 -38.12 -6.67
CA ASN B 294 14.57 -38.92 -7.86
C ASN B 294 13.52 -38.70 -8.92
N ASP B 295 12.27 -38.45 -8.48
CA ASP B 295 11.12 -38.18 -9.35
C ASP B 295 11.39 -36.78 -10.00
N VAL B 296 11.96 -35.83 -9.27
CA VAL B 296 12.31 -34.51 -9.82
C VAL B 296 13.43 -34.61 -10.88
N ILE B 297 14.50 -35.34 -10.56
CA ILE B 297 15.62 -35.54 -11.49
C ILE B 297 15.11 -36.19 -12.78
N LYS B 298 14.19 -37.14 -12.68
CA LYS B 298 13.67 -37.81 -13.86
C LYS B 298 13.03 -36.82 -14.80
N GLU B 299 12.39 -35.80 -14.23
CA GLU B 299 11.74 -34.81 -15.05
C GLU B 299 12.72 -33.89 -15.74
N ILE B 300 13.89 -33.70 -15.11
CA ILE B 300 14.92 -32.84 -15.63
C ILE B 300 15.61 -33.44 -16.86
N LEU B 301 15.65 -34.76 -16.99
CA LEU B 301 16.30 -35.40 -18.13
C LEU B 301 15.82 -34.85 -19.48
N ASP B 302 14.51 -34.60 -19.61
CA ASP B 302 13.90 -34.08 -20.84
C ASP B 302 13.75 -32.58 -20.85
N ALA B 303 13.86 -31.93 -19.70
CA ALA B 303 13.69 -30.50 -19.65
C ALA B 303 14.82 -29.75 -20.30
N ARG B 304 14.52 -28.58 -20.83
CA ARG B 304 15.53 -27.73 -21.42
C ARG B 304 15.85 -26.62 -20.42
N ALA B 305 14.98 -26.42 -19.44
CA ALA B 305 15.20 -25.40 -18.43
C ALA B 305 15.00 -25.96 -17.02
N VAL B 306 15.82 -25.50 -16.08
CA VAL B 306 15.76 -25.93 -14.69
C VAL B 306 15.80 -24.68 -13.80
N LEU B 307 14.69 -24.30 -13.19
CA LEU B 307 14.74 -23.13 -12.32
C LEU B 307 14.68 -23.63 -10.85
N VAL B 308 15.56 -23.12 -9.98
CA VAL B 308 15.59 -23.53 -8.59
C VAL B 308 15.45 -22.33 -7.67
N GLY B 309 14.54 -22.37 -6.72
CA GLY B 309 14.35 -21.23 -5.85
C GLY B 309 14.40 -21.52 -4.37
N SER B 310 14.67 -20.50 -3.58
CA SER B 310 14.74 -20.65 -2.13
C SER B 310 14.96 -19.29 -1.47
N PRO B 311 14.41 -19.10 -0.27
CA PRO B 311 14.56 -17.85 0.49
C PRO B 311 15.94 -18.02 1.18
N THR B 312 16.36 -17.06 2.00
CA THR B 312 17.64 -17.27 2.66
C THR B 312 17.38 -17.37 4.17
N ILE B 313 17.96 -18.40 4.79
CA ILE B 313 17.86 -18.62 6.25
C ILE B 313 19.33 -18.61 6.66
N ASN B 314 19.63 -17.95 7.78
CA ASN B 314 21.00 -17.86 8.29
C ASN B 314 22.02 -17.70 7.14
N ASN B 315 21.80 -16.70 6.28
CA ASN B 315 22.66 -16.38 5.13
C ASN B 315 22.98 -17.54 4.19
N ASP B 316 22.19 -18.63 4.29
CA ASP B 316 22.39 -19.80 3.42
C ASP B 316 21.06 -20.11 2.71
N ILE B 317 21.03 -21.19 1.95
CA ILE B 317 19.82 -21.60 1.29
C ILE B 317 19.09 -22.45 2.32
N LEU B 318 17.86 -22.85 2.01
CA LEU B 318 17.06 -23.70 2.89
C LEU B 318 17.65 -25.11 2.74
N PRO B 319 17.92 -25.81 3.88
CA PRO B 319 18.49 -27.15 3.74
C PRO B 319 17.78 -28.18 2.87
N VAL B 320 16.45 -28.09 2.66
CA VAL B 320 15.78 -29.07 1.78
C VAL B 320 16.18 -28.93 0.34
N VAL B 321 16.71 -27.75 -0.01
CA VAL B 321 17.08 -27.51 -1.37
C VAL B 321 18.47 -28.03 -1.68
N SER B 322 19.25 -28.33 -0.65
CA SER B 322 20.61 -28.83 -0.82
C SER B 322 20.76 -30.14 -1.59
N PRO B 323 20.00 -31.17 -1.20
CA PRO B 323 20.10 -32.45 -1.90
C PRO B 323 20.03 -32.32 -3.39
N LEU B 324 19.04 -31.59 -3.89
CA LEU B 324 18.84 -31.43 -5.33
C LEU B 324 20.03 -30.79 -5.99
N LEU B 325 20.59 -29.76 -5.37
CA LEU B 325 21.75 -29.06 -5.94
C LEU B 325 23.01 -29.94 -5.99
N ASP B 326 23.39 -30.56 -4.88
CA ASP B 326 24.58 -31.40 -4.93
C ASP B 326 24.38 -32.55 -5.88
N ASP B 327 23.14 -33.00 -6.03
CA ASP B 327 22.80 -34.12 -6.92
C ASP B 327 22.92 -33.70 -8.40
N LEU B 328 22.67 -32.43 -8.68
CA LEU B 328 22.75 -31.89 -10.03
C LEU B 328 24.21 -31.71 -10.44
N VAL B 329 25.01 -31.21 -9.50
CA VAL B 329 26.42 -31.00 -9.76
C VAL B 329 27.03 -32.35 -10.13
N GLY B 330 26.77 -33.38 -9.32
CA GLY B 330 27.30 -34.71 -9.62
C GLY B 330 26.74 -35.38 -10.87
N LEU B 331 25.45 -35.20 -11.15
CA LEU B 331 24.85 -35.83 -12.34
C LEU B 331 25.15 -35.15 -13.68
N ARG B 332 25.66 -33.92 -13.61
CA ARG B 332 26.04 -33.16 -14.80
C ARG B 332 25.03 -33.10 -15.95
N PRO B 333 23.85 -32.50 -15.70
CA PRO B 333 22.81 -32.40 -16.74
C PRO B 333 23.42 -31.74 -17.97
N LYS B 334 23.15 -32.35 -19.11
CA LYS B 334 23.68 -31.89 -20.38
C LYS B 334 22.79 -30.91 -21.14
N ASN B 335 23.35 -29.77 -21.49
CA ASN B 335 22.62 -28.80 -22.31
C ASN B 335 21.35 -28.22 -21.68
N LYS B 336 21.48 -27.61 -20.50
CA LYS B 336 20.30 -27.05 -19.83
C LYS B 336 20.49 -25.58 -19.52
N VAL B 337 19.41 -24.82 -19.61
CA VAL B 337 19.45 -23.41 -19.28
C VAL B 337 18.81 -23.32 -17.90
N GLY B 338 19.13 -22.29 -17.11
CA GLY B 338 18.54 -22.24 -15.79
C GLY B 338 18.34 -20.88 -15.19
N LEU B 339 17.89 -20.86 -13.94
CA LEU B 339 17.65 -19.60 -13.24
C LEU B 339 17.49 -19.87 -11.76
N ALA B 340 17.97 -18.97 -10.92
CA ALA B 340 17.79 -19.14 -9.49
C ALA B 340 16.93 -17.96 -9.05
N PHE B 341 16.15 -18.13 -7.99
CA PHE B 341 15.28 -17.06 -7.51
C PHE B 341 14.94 -17.24 -6.06
N GLY B 342 14.33 -16.24 -5.44
CA GLY B 342 13.99 -16.37 -4.04
C GLY B 342 13.87 -15.07 -3.31
N ALA B 343 13.31 -15.10 -2.11
CA ALA B 343 13.13 -13.91 -1.31
C ALA B 343 14.21 -13.85 -0.26
N TYR B 344 14.15 -12.80 0.58
CA TYR B 344 15.10 -12.58 1.66
C TYR B 344 14.57 -11.42 2.53
N GLY B 345 15.04 -11.32 3.77
CA GLY B 345 14.56 -10.28 4.66
C GLY B 345 15.50 -9.08 4.83
N TRP B 346 16.81 -9.29 4.77
CA TRP B 346 17.71 -8.15 4.94
C TRP B 346 19.02 -8.25 4.13
N GLY B 347 19.90 -9.18 4.49
CA GLY B 347 21.13 -9.30 3.76
C GLY B 347 21.09 -10.21 2.54
N GLY B 348 20.30 -11.28 2.59
CA GLY B 348 20.28 -12.20 1.46
C GLY B 348 21.44 -13.18 1.62
N GLY B 349 21.69 -14.00 0.59
CA GLY B 349 22.77 -14.98 0.66
C GLY B 349 22.51 -16.27 -0.09
N ALA B 350 21.25 -16.65 -0.18
CA ALA B 350 20.91 -17.87 -0.86
C ALA B 350 21.05 -17.78 -2.36
N GLN B 351 20.91 -16.58 -2.92
CA GLN B 351 21.01 -16.43 -4.36
C GLN B 351 22.42 -16.71 -4.91
N LYS B 352 23.44 -16.28 -4.14
CA LYS B 352 24.82 -16.54 -4.55
C LYS B 352 25.04 -18.04 -4.54
N ILE B 353 24.67 -18.70 -3.42
CA ILE B 353 24.85 -20.13 -3.29
C ILE B 353 24.12 -20.88 -4.39
N LEU B 354 22.89 -20.45 -4.69
CA LEU B 354 22.11 -21.11 -5.74
C LEU B 354 22.80 -21.00 -7.10
N GLU B 355 23.23 -19.79 -7.49
CA GLU B 355 23.89 -19.61 -8.79
C GLU B 355 25.23 -20.37 -8.85
N GLU B 356 25.97 -20.33 -7.75
CA GLU B 356 27.25 -21.01 -7.62
C GLU B 356 27.05 -22.51 -7.95
N ARG B 357 26.15 -23.17 -7.19
CA ARG B 357 25.87 -24.61 -7.36
C ARG B 357 25.28 -24.91 -8.75
N LEU B 358 24.47 -23.99 -9.29
CA LEU B 358 23.88 -24.25 -10.62
C LEU B 358 24.93 -24.22 -11.70
N LYS B 359 25.90 -23.32 -11.54
CA LYS B 359 26.98 -23.22 -12.51
C LYS B 359 27.90 -24.42 -12.37
N ALA B 360 28.14 -24.86 -11.14
CA ALA B 360 28.96 -26.04 -10.89
C ALA B 360 28.36 -27.27 -11.59
N ALA B 361 27.05 -27.23 -11.85
CA ALA B 361 26.38 -28.33 -12.54
C ALA B 361 26.39 -28.04 -14.05
N LYS B 362 27.10 -26.97 -14.44
CA LYS B 362 27.23 -26.61 -15.84
C LYS B 362 25.88 -26.27 -16.49
N ILE B 363 24.99 -25.65 -15.73
CA ILE B 363 23.70 -25.25 -16.27
C ILE B 363 23.86 -23.75 -16.50
N GLU B 364 23.63 -23.31 -17.73
CA GLU B 364 23.79 -21.90 -18.08
C GLU B 364 22.72 -20.94 -17.56
N LEU B 365 23.08 -20.04 -16.65
CA LEU B 365 22.07 -19.12 -16.13
C LEU B 365 21.57 -18.18 -17.21
N ILE B 366 20.24 -18.08 -17.33
CA ILE B 366 19.62 -17.20 -18.32
C ILE B 366 19.65 -15.79 -17.75
N ALA B 367 20.22 -15.69 -16.55
CA ALA B 367 20.32 -14.37 -15.94
C ALA B 367 21.12 -14.16 -14.64
N GLU B 368 22.42 -13.86 -14.75
CA GLU B 368 23.32 -13.47 -13.66
C GLU B 368 22.36 -12.59 -12.84
N PRO B 369 22.34 -12.73 -11.51
CA PRO B 369 21.48 -12.02 -10.59
C PRO B 369 20.10 -12.32 -11.08
N GLY B 370 19.57 -13.40 -10.51
CA GLY B 370 18.23 -13.85 -10.79
C GLY B 370 17.22 -13.04 -9.98
N PRO B 371 15.94 -13.30 -10.21
CA PRO B 371 14.86 -12.59 -9.52
C PRO B 371 14.98 -12.71 -8.06
N THR B 372 15.05 -11.60 -7.36
CA THR B 372 15.12 -11.68 -5.92
C THR B 372 14.12 -10.67 -5.36
N VAL B 373 13.49 -10.97 -4.25
CA VAL B 373 12.51 -10.03 -3.69
C VAL B 373 12.70 -9.82 -2.19
N GLN B 374 12.43 -8.64 -1.66
CA GLN B 374 12.59 -8.45 -0.23
C GLN B 374 11.26 -8.57 0.51
N TRP B 375 11.19 -9.52 1.45
CA TRP B 375 10.00 -9.79 2.27
C TRP B 375 8.90 -10.36 1.39
N VAL B 376 8.13 -9.50 0.72
CA VAL B 376 7.01 -9.99 -0.08
C VAL B 376 7.08 -9.41 -1.49
N PRO B 377 6.56 -10.13 -2.49
CA PRO B 377 6.63 -9.56 -3.84
C PRO B 377 5.57 -8.48 -4.04
N ARG B 378 5.86 -7.54 -4.93
CA ARG B 378 4.83 -6.55 -5.24
C ARG B 378 4.43 -6.84 -6.70
N GLY B 379 3.45 -6.09 -7.24
CA GLY B 379 2.98 -6.28 -8.61
C GLY B 379 4.06 -6.37 -9.69
N GLU B 380 4.97 -5.39 -9.73
CA GLU B 380 6.05 -5.39 -10.73
C GLU B 380 7.05 -6.53 -10.52
N ASP B 381 7.28 -6.90 -9.25
CA ASP B 381 8.15 -8.04 -8.92
C ASP B 381 7.64 -9.32 -9.63
N LEU B 382 6.35 -9.62 -9.47
CA LEU B 382 5.77 -10.81 -10.09
C LEU B 382 5.73 -10.69 -11.60
N GLN B 383 5.57 -9.45 -12.06
CA GLN B 383 5.52 -9.15 -13.50
C GLN B 383 6.89 -9.44 -14.14
N ARG B 384 7.92 -8.98 -13.44
CA ARG B 384 9.28 -9.24 -13.89
C ARG B 384 9.49 -10.78 -13.99
N CYS B 385 9.08 -11.54 -12.95
CA CYS B 385 9.23 -13.00 -12.99
C CYS B 385 8.48 -13.58 -14.19
N TYR B 386 7.28 -13.07 -14.40
CA TYR B 386 6.47 -13.54 -15.51
C TYR B 386 7.21 -13.30 -16.84
N GLU B 387 7.79 -12.11 -16.98
CA GLU B 387 8.53 -11.79 -18.20
C GLU B 387 9.76 -12.70 -18.36
N LEU B 388 10.43 -12.96 -17.23
CA LEU B 388 11.57 -13.83 -17.20
C LEU B 388 11.18 -15.23 -17.70
N GLY B 389 10.01 -15.72 -17.22
CA GLY B 389 9.53 -17.04 -17.61
C GLY B 389 9.22 -17.05 -19.09
N ARG B 390 8.79 -15.88 -19.56
CA ARG B 390 8.48 -15.72 -20.98
C ARG B 390 9.77 -15.74 -21.77
N LYS B 391 10.82 -15.16 -21.21
CA LYS B 391 12.12 -15.14 -21.87
C LYS B 391 12.65 -16.58 -21.99
N ILE B 392 12.65 -17.29 -20.87
CA ILE B 392 13.16 -18.65 -20.86
C ILE B 392 12.40 -19.49 -21.88
N ALA B 393 11.11 -19.23 -21.96
CA ALA B 393 10.25 -19.96 -22.90
C ALA B 393 10.71 -19.73 -24.31
N ALA B 394 11.06 -18.48 -24.61
CA ALA B 394 11.49 -18.13 -25.95
C ALA B 394 12.78 -18.83 -26.29
N ARG B 395 13.71 -18.94 -25.33
CA ARG B 395 14.96 -19.63 -25.63
C ARG B 395 14.79 -21.13 -25.77
N ILE B 396 14.01 -21.73 -24.86
CA ILE B 396 13.73 -23.18 -24.89
C ILE B 396 12.86 -23.50 -26.11
N ALA B 397 12.51 -22.44 -26.82
CA ALA B 397 11.73 -22.40 -28.06
C ALA B 397 11.21 -23.70 -28.62
N ASP B 398 12.05 -24.42 -29.36
CA ASP B 398 11.71 -25.70 -30.02
C ASP B 398 11.37 -25.55 -31.51
N SER C 1 -47.64 17.11 -16.88
CA SER C 1 -48.02 15.65 -16.91
C SER C 1 -48.32 15.28 -18.34
N GLN C 2 -48.87 16.24 -19.07
CA GLN C 2 -49.20 16.00 -20.47
C GLN C 2 -48.06 16.34 -21.38
N PRO C 3 -47.85 15.52 -22.41
CA PRO C 3 -46.79 15.76 -23.37
C PRO C 3 -47.31 16.95 -24.18
N VAL C 4 -46.44 17.59 -24.96
CA VAL C 4 -46.89 18.73 -25.75
C VAL C 4 -46.41 18.52 -27.17
N ALA C 5 -47.31 18.66 -28.11
CA ALA C 5 -47.00 18.48 -29.51
C ALA C 5 -46.30 19.64 -30.11
N ILE C 6 -45.14 19.42 -30.71
CA ILE C 6 -44.39 20.47 -31.38
C ILE C 6 -44.96 20.57 -32.81
N THR C 7 -45.37 19.39 -33.31
CA THR C 7 -45.99 19.14 -34.62
C THR C 7 -46.26 17.64 -34.56
N ASP C 8 -47.19 17.14 -35.39
CA ASP C 8 -47.55 15.69 -35.31
C ASP C 8 -46.40 14.70 -35.35
N GLY C 9 -46.45 13.76 -34.41
CA GLY C 9 -45.42 12.78 -34.33
C GLY C 9 -44.18 13.27 -33.62
N ILE C 10 -44.11 14.57 -33.32
CA ILE C 10 -42.97 15.11 -32.58
C ILE C 10 -43.51 15.74 -31.31
N TYR C 11 -43.10 15.22 -30.16
CA TYR C 11 -43.58 15.71 -28.86
C TYR C 11 -42.51 16.07 -27.85
N TRP C 12 -42.88 17.02 -26.99
CA TRP C 12 -42.05 17.45 -25.88
C TRP C 12 -42.48 16.48 -24.78
N VAL C 13 -41.53 15.78 -24.18
CA VAL C 13 -41.89 14.85 -23.13
C VAL C 13 -40.96 15.00 -21.94
N GLY C 14 -40.52 16.23 -21.72
CA GLY C 14 -39.64 16.52 -20.61
C GLY C 14 -40.36 16.80 -19.29
N ALA C 15 -39.63 17.32 -18.32
CA ALA C 15 -40.19 17.64 -17.03
C ALA C 15 -39.82 19.06 -16.66
N VAL C 16 -40.72 19.71 -15.94
CA VAL C 16 -40.48 21.07 -15.46
C VAL C 16 -40.06 21.00 -14.00
N ASP C 17 -39.00 21.73 -13.67
CA ASP C 17 -38.45 21.77 -12.33
C ASP C 17 -38.69 23.15 -11.71
N TRP C 18 -39.86 23.32 -11.09
CA TRP C 18 -40.23 24.60 -10.49
C TRP C 18 -39.43 25.09 -9.30
N ASN C 19 -39.07 24.18 -8.41
CA ASN C 19 -38.39 24.57 -7.19
C ASN C 19 -36.87 24.64 -7.12
N ILE C 20 -36.17 24.19 -8.15
CA ILE C 20 -34.70 24.19 -8.21
C ILE C 20 -34.28 25.66 -8.16
N ARG C 21 -33.28 25.96 -7.35
CA ARG C 21 -32.83 27.34 -7.22
C ARG C 21 -31.34 27.50 -7.55
N TYR C 22 -30.67 26.36 -7.62
CA TYR C 22 -29.25 26.33 -7.93
C TYR C 22 -28.99 25.13 -8.82
N PHE C 23 -28.34 25.39 -9.95
CA PHE C 23 -28.00 24.36 -10.90
C PHE C 23 -26.50 24.08 -10.81
N HIS C 24 -26.03 22.94 -11.34
CA HIS C 24 -24.58 22.59 -11.23
C HIS C 24 -24.16 22.83 -9.78
N GLY C 25 -24.87 22.24 -8.83
CA GLY C 25 -24.52 22.45 -7.43
C GLY C 25 -24.75 23.91 -7.09
N PRO C 26 -23.69 24.66 -6.70
CA PRO C 26 -23.70 26.08 -6.34
C PRO C 26 -23.53 27.01 -7.56
N ALA C 27 -22.85 26.51 -8.61
CA ALA C 27 -22.52 27.24 -9.83
C ALA C 27 -23.51 28.22 -10.45
N PHE C 28 -24.71 27.78 -10.79
CA PHE C 28 -25.66 28.68 -11.45
C PHE C 28 -26.96 28.87 -10.68
N SER C 29 -27.34 30.12 -10.45
CA SER C 29 -28.57 30.34 -9.73
C SER C 29 -29.77 30.44 -10.68
N THR C 30 -30.79 29.64 -10.40
CA THR C 30 -32.00 29.65 -11.21
C THR C 30 -33.14 30.26 -10.40
N HIS C 31 -33.19 31.59 -10.40
CA HIS C 31 -34.22 32.33 -9.64
C HIS C 31 -35.63 31.71 -9.92
N ARG C 32 -35.86 31.22 -11.13
CA ARG C 32 -37.17 30.67 -11.51
C ARG C 32 -37.25 29.21 -11.90
N GLY C 33 -36.36 28.39 -11.37
CA GLY C 33 -36.34 27.00 -11.75
C GLY C 33 -35.83 26.79 -13.18
N THR C 34 -36.04 25.60 -13.70
CA THR C 34 -35.63 25.22 -15.03
C THR C 34 -36.48 24.06 -15.53
N THR C 35 -36.15 23.53 -16.68
CA THR C 35 -36.88 22.39 -17.22
C THR C 35 -35.85 21.47 -17.83
N TYR C 36 -36.23 20.22 -18.02
CA TYR C 36 -35.35 19.27 -18.66
C TYR C 36 -36.15 18.80 -19.88
N ASN C 37 -35.79 19.31 -21.04
CA ASN C 37 -36.47 18.97 -22.27
C ASN C 37 -35.95 17.72 -22.89
N ALA C 38 -36.88 16.87 -23.31
CA ALA C 38 -36.63 15.59 -23.98
C ALA C 38 -37.70 15.51 -25.08
N TYR C 39 -37.33 15.00 -26.25
CA TYR C 39 -38.27 14.93 -27.37
C TYR C 39 -38.50 13.54 -27.91
N LEU C 40 -39.76 13.24 -28.24
CA LEU C 40 -40.15 11.93 -28.79
C LEU C 40 -40.59 12.07 -30.22
N ILE C 41 -39.81 11.50 -31.14
CA ILE C 41 -40.18 11.56 -32.54
C ILE C 41 -40.81 10.22 -32.95
N VAL C 42 -42.09 10.26 -33.29
CA VAL C 42 -42.85 9.07 -33.68
C VAL C 42 -42.84 8.82 -35.20
N ASP C 43 -42.59 7.56 -35.59
CA ASP C 43 -42.53 7.15 -37.01
C ASP C 43 -42.51 5.62 -37.08
N ASP C 44 -42.21 5.05 -38.27
CA ASP C 44 -42.13 3.58 -38.41
C ASP C 44 -41.22 3.12 -37.30
N LYS C 45 -40.19 3.90 -37.04
CA LYS C 45 -39.34 3.60 -35.90
C LYS C 45 -39.41 4.88 -35.08
N THR C 46 -39.55 4.76 -33.76
CA THR C 46 -39.64 5.95 -32.93
C THR C 46 -38.35 6.18 -32.14
N ALA C 47 -37.95 7.44 -32.06
CA ALA C 47 -36.75 7.83 -31.38
C ALA C 47 -37.01 8.82 -30.24
N LEU C 48 -36.27 8.66 -29.14
CA LEU C 48 -36.35 9.58 -28.00
C LEU C 48 -35.08 10.37 -27.99
N VAL C 49 -35.16 11.69 -28.03
CA VAL C 49 -33.98 12.51 -27.98
C VAL C 49 -33.74 13.00 -26.55
N ASP C 50 -32.63 12.55 -25.96
CA ASP C 50 -32.22 12.87 -24.59
C ASP C 50 -33.21 12.37 -23.57
N THR C 51 -32.79 12.27 -22.32
CA THR C 51 -33.72 11.88 -21.30
C THR C 51 -33.96 13.03 -20.33
N VAL C 52 -33.85 12.77 -19.04
CA VAL C 52 -34.21 13.78 -18.09
C VAL C 52 -33.42 13.61 -16.79
N TYR C 53 -33.38 14.64 -15.94
CA TYR C 53 -32.65 14.57 -14.66
C TYR C 53 -33.27 13.42 -13.81
N GLU C 54 -32.46 12.52 -13.28
CA GLU C 54 -32.98 11.34 -12.58
C GLU C 54 -34.21 11.48 -11.68
N PRO C 55 -34.26 12.52 -10.82
CA PRO C 55 -35.44 12.66 -9.97
C PRO C 55 -36.75 12.89 -10.74
N PHE C 56 -36.70 13.10 -12.05
CA PHE C 56 -37.92 13.33 -12.80
C PHE C 56 -38.18 12.23 -13.84
N LYS C 57 -37.52 11.08 -13.68
CA LYS C 57 -37.70 10.01 -14.62
C LYS C 57 -39.14 9.56 -14.73
N GLU C 58 -39.89 9.55 -13.62
CA GLU C 58 -41.29 9.14 -13.65
C GLU C 58 -42.12 10.01 -14.53
N GLU C 59 -41.80 11.29 -14.59
CA GLU C 59 -42.55 12.21 -15.44
C GLU C 59 -42.26 11.91 -16.92
N LEU C 60 -41.00 11.58 -17.25
CA LEU C 60 -40.64 11.27 -18.62
C LEU C 60 -41.41 10.05 -19.06
N ILE C 61 -41.24 8.96 -18.35
CA ILE C 61 -41.94 7.69 -18.59
C ILE C 61 -43.47 7.90 -18.63
N ALA C 62 -44.01 8.68 -17.69
CA ALA C 62 -45.44 8.96 -17.66
C ALA C 62 -45.87 9.64 -18.95
N LYS C 63 -45.06 10.56 -19.45
CA LYS C 63 -45.45 11.23 -20.67
C LYS C 63 -45.21 10.36 -21.90
N LEU C 64 -44.20 9.49 -21.88
CA LEU C 64 -43.96 8.61 -23.02
C LEU C 64 -45.19 7.71 -23.14
N LYS C 65 -45.62 7.15 -22.00
CA LYS C 65 -46.79 6.27 -21.97
C LYS C 65 -48.03 6.91 -22.53
N GLN C 66 -48.14 8.22 -22.44
CA GLN C 66 -49.33 8.88 -22.95
C GLN C 66 -49.35 8.98 -24.45
N ILE C 67 -48.23 8.71 -25.08
CA ILE C 67 -48.18 8.77 -26.52
C ILE C 67 -48.49 7.36 -27.05
N LYS C 68 -47.93 6.35 -26.40
CA LYS C 68 -48.06 4.98 -26.81
C LYS C 68 -47.64 4.09 -25.61
N ASP C 69 -48.57 3.30 -25.07
CA ASP C 69 -48.33 2.40 -23.93
C ASP C 69 -48.40 0.99 -24.42
N PRO C 70 -47.32 0.17 -24.37
CA PRO C 70 -45.87 -0.10 -24.13
C PRO C 70 -44.96 0.86 -24.80
N VAL C 71 -44.02 1.43 -24.03
CA VAL C 71 -43.12 2.40 -24.63
C VAL C 71 -42.33 1.61 -25.66
N LYS C 72 -42.44 2.05 -26.90
CA LYS C 72 -41.75 1.42 -28.03
C LYS C 72 -40.27 1.80 -28.06
N LEU C 73 -39.90 3.03 -28.42
CA LEU C 73 -38.46 3.35 -28.47
C LEU C 73 -37.48 2.43 -29.26
N ASP C 74 -37.17 2.81 -30.49
CA ASP C 74 -36.23 2.07 -31.32
C ASP C 74 -34.84 2.67 -31.16
N TYR C 75 -34.81 4.00 -31.09
CA TYR C 75 -33.56 4.75 -30.90
C TYR C 75 -33.62 5.68 -29.70
N LEU C 76 -32.48 5.85 -29.07
CA LEU C 76 -32.39 6.78 -27.98
C LEU C 76 -31.16 7.64 -28.28
N VAL C 77 -31.40 8.89 -28.67
CA VAL C 77 -30.36 9.83 -28.97
C VAL C 77 -29.84 10.44 -27.67
N VAL C 78 -28.53 10.42 -27.49
CA VAL C 78 -27.94 11.01 -26.33
C VAL C 78 -27.00 12.10 -26.83
N ASN C 79 -27.53 13.31 -26.93
CA ASN C 79 -26.80 14.47 -27.36
C ASN C 79 -25.68 14.92 -26.43
N HIS C 80 -25.91 14.73 -25.14
CA HIS C 80 -25.01 15.18 -24.12
C HIS C 80 -25.22 14.26 -22.92
N THR C 81 -24.14 13.93 -22.23
CA THR C 81 -24.24 13.04 -21.09
C THR C 81 -24.14 13.60 -19.70
N GLU C 82 -24.31 14.92 -19.53
CA GLU C 82 -24.29 15.49 -18.20
C GLU C 82 -25.42 14.80 -17.49
N SER C 83 -25.64 15.07 -16.22
CA SER C 83 -26.67 14.34 -15.52
C SER C 83 -28.07 14.87 -15.65
N ASP C 84 -28.21 16.13 -16.02
CA ASP C 84 -29.51 16.73 -16.16
C ASP C 84 -30.18 16.18 -17.43
N HIS C 85 -29.42 15.48 -18.27
CA HIS C 85 -29.99 14.91 -19.49
C HIS C 85 -29.89 13.41 -19.63
N ALA C 86 -28.89 12.81 -19.01
CA ALA C 86 -28.69 11.37 -19.08
C ALA C 86 -28.99 10.64 -17.78
N GLY C 87 -29.51 11.37 -16.80
CA GLY C 87 -29.78 10.74 -15.52
C GLY C 87 -30.86 9.69 -15.52
N ALA C 88 -31.79 9.75 -16.47
CA ALA C 88 -32.86 8.75 -16.55
C ALA C 88 -32.49 7.64 -17.55
N PHE C 89 -31.23 7.62 -17.97
CA PHE C 89 -30.72 6.61 -18.92
C PHE C 89 -30.95 5.21 -18.40
N PRO C 90 -30.55 4.92 -17.15
CA PRO C 90 -30.76 3.57 -16.64
C PRO C 90 -32.24 3.16 -16.73
N ALA C 91 -33.13 4.04 -16.27
CA ALA C 91 -34.55 3.77 -16.29
C ALA C 91 -35.13 3.55 -17.69
N ILE C 92 -34.71 4.36 -18.66
CA ILE C 92 -35.22 4.17 -20.01
C ILE C 92 -34.68 2.85 -20.59
N MET C 93 -33.40 2.62 -20.43
CA MET C 93 -32.76 1.43 -20.93
C MET C 93 -33.36 0.18 -20.29
N GLU C 94 -33.84 0.34 -19.06
CA GLU C 94 -34.45 -0.76 -18.30
C GLU C 94 -35.85 -1.03 -18.83
N LEU C 95 -36.48 0.00 -19.34
CA LEU C 95 -37.84 -0.07 -19.89
C LEU C 95 -37.85 -0.55 -21.38
N CYS C 96 -36.70 -0.44 -22.05
CA CYS C 96 -36.52 -0.80 -23.47
C CYS C 96 -35.07 -1.25 -23.64
N PRO C 97 -34.73 -2.44 -23.17
CA PRO C 97 -33.36 -2.94 -23.29
C PRO C 97 -32.87 -2.99 -24.74
N ASP C 98 -33.80 -3.05 -25.68
CA ASP C 98 -33.42 -3.16 -27.06
C ASP C 98 -33.16 -1.84 -27.77
N ALA C 99 -33.53 -0.73 -27.15
CA ALA C 99 -33.31 0.57 -27.77
C ALA C 99 -31.84 0.77 -28.21
N HIS C 100 -31.71 1.33 -29.40
CA HIS C 100 -30.43 1.57 -30.03
C HIS C 100 -29.93 2.98 -29.70
N VAL C 101 -28.77 3.06 -29.05
CA VAL C 101 -28.25 4.35 -28.67
C VAL C 101 -27.46 5.01 -29.79
N LEU C 102 -27.76 6.25 -30.09
CA LEU C 102 -27.06 6.99 -31.13
C LEU C 102 -26.31 8.12 -30.44
N CYS C 103 -24.98 8.09 -30.42
CA CYS C 103 -24.24 9.13 -29.72
C CYS C 103 -22.81 9.31 -30.23
N THR C 104 -22.08 10.27 -29.69
CA THR C 104 -20.70 10.49 -30.13
C THR C 104 -19.76 9.56 -29.43
N GLN C 105 -18.51 9.52 -29.86
CA GLN C 105 -17.56 8.64 -29.21
C GLN C 105 -17.30 9.04 -27.76
N ARG C 106 -16.99 10.32 -27.52
CA ARG C 106 -16.71 10.76 -26.17
C ARG C 106 -17.97 10.55 -25.30
N ALA C 107 -19.15 10.68 -25.89
CA ALA C 107 -20.40 10.46 -25.17
C ALA C 107 -20.44 9.01 -24.73
N PHE C 108 -20.14 8.12 -25.66
CA PHE C 108 -20.15 6.70 -25.38
C PHE C 108 -19.19 6.37 -24.24
N ASP C 109 -18.05 7.04 -24.23
CA ASP C 109 -17.08 6.79 -23.16
C ASP C 109 -17.61 7.24 -21.79
N SER C 110 -18.20 8.43 -21.77
CA SER C 110 -18.78 9.01 -20.57
C SER C 110 -19.91 8.10 -20.10
N LEU C 111 -20.75 7.66 -21.04
CA LEU C 111 -21.88 6.81 -20.73
C LEU C 111 -21.41 5.52 -20.03
N LYS C 112 -20.29 4.97 -20.46
CA LYS C 112 -19.78 3.76 -19.82
C LYS C 112 -19.20 4.03 -18.45
N ALA C 113 -18.68 5.24 -18.27
CA ALA C 113 -18.08 5.63 -17.02
C ALA C 113 -19.17 5.89 -15.94
N HIS C 114 -20.14 6.73 -16.31
CA HIS C 114 -21.24 7.12 -15.44
C HIS C 114 -22.21 6.00 -15.17
N TYR C 115 -22.16 4.91 -15.94
CA TYR C 115 -23.13 3.84 -15.72
C TYR C 115 -22.61 2.44 -15.73
N SER C 116 -21.73 2.08 -16.67
CA SER C 116 -21.20 0.69 -16.75
C SER C 116 -22.40 -0.22 -16.39
N HIS C 117 -22.15 -1.42 -15.87
CA HIS C 117 -23.29 -2.30 -15.48
C HIS C 117 -24.58 -2.27 -16.37
N ILE C 118 -24.61 -1.47 -17.43
CA ILE C 118 -25.75 -1.42 -18.34
C ILE C 118 -25.19 -1.64 -19.75
N ASP C 119 -25.55 -2.73 -20.40
CA ASP C 119 -25.07 -3.01 -21.75
C ASP C 119 -26.17 -2.55 -22.72
N PHE C 120 -25.78 -2.12 -23.92
CA PHE C 120 -26.77 -1.64 -24.85
C PHE C 120 -26.22 -1.58 -26.27
N ASN C 121 -27.13 -1.58 -27.24
CA ASN C 121 -26.72 -1.48 -28.64
C ASN C 121 -26.50 -0.03 -29.07
N TYR C 122 -25.49 0.21 -29.89
CA TYR C 122 -25.22 1.57 -30.28
C TYR C 122 -24.49 1.78 -31.59
N THR C 123 -24.36 3.04 -31.92
CA THR C 123 -23.70 3.49 -33.13
C THR C 123 -23.02 4.80 -32.83
N ILE C 124 -21.69 4.83 -32.90
CA ILE C 124 -20.97 6.06 -32.68
C ILE C 124 -21.29 6.91 -33.93
N VAL C 125 -21.74 8.14 -33.72
CA VAL C 125 -22.14 9.03 -34.79
C VAL C 125 -21.08 10.13 -35.03
N LYS C 126 -21.08 10.69 -36.25
CA LYS C 126 -20.13 11.75 -36.60
C LYS C 126 -20.89 12.81 -37.38
N THR C 127 -20.34 14.00 -37.54
CA THR C 127 -21.10 15.01 -38.28
C THR C 127 -21.45 14.46 -39.65
N GLY C 128 -22.71 14.58 -40.04
CA GLY C 128 -23.10 14.06 -41.33
C GLY C 128 -23.73 12.66 -41.35
N THR C 129 -23.44 11.79 -40.38
CA THR C 129 -24.08 10.50 -40.39
C THR C 129 -25.59 10.75 -40.19
N SER C 130 -26.43 9.89 -40.74
CA SER C 130 -27.86 10.10 -40.59
C SER C 130 -28.64 8.78 -40.54
N VAL C 131 -29.63 8.69 -39.65
CA VAL C 131 -30.44 7.48 -39.47
C VAL C 131 -31.86 7.74 -39.92
N SER C 132 -32.46 6.76 -40.57
CA SER C 132 -33.80 6.87 -41.09
C SER C 132 -34.84 6.35 -40.11
N LEU C 133 -35.98 7.02 -39.98
CA LEU C 133 -37.00 6.55 -39.05
C LEU C 133 -38.26 6.16 -39.83
N GLY C 134 -38.24 6.44 -41.13
CA GLY C 134 -39.36 6.18 -42.04
C GLY C 134 -39.65 7.49 -42.78
N LYS C 135 -40.79 8.13 -42.49
CA LYS C 135 -41.09 9.41 -43.15
C LYS C 135 -40.02 10.46 -42.84
N ARG C 136 -39.46 10.40 -41.63
CA ARG C 136 -38.46 11.37 -41.19
C ARG C 136 -37.16 10.68 -40.87
N SER C 137 -36.12 11.48 -40.72
CA SER C 137 -34.81 10.97 -40.34
C SER C 137 -34.14 11.94 -39.35
N LEU C 138 -33.03 11.50 -38.80
CA LEU C 138 -32.28 12.28 -37.85
C LEU C 138 -30.87 12.40 -38.33
N THR C 139 -30.36 13.60 -38.60
CA THR C 139 -28.96 13.69 -38.98
C THR C 139 -28.22 14.38 -37.79
N PHE C 140 -26.92 14.17 -37.66
CA PHE C 140 -26.20 14.74 -36.55
C PHE C 140 -25.08 15.70 -36.89
N ILE C 141 -24.79 16.60 -35.96
CA ILE C 141 -23.72 17.57 -36.11
C ILE C 141 -22.95 17.53 -34.81
N GLU C 142 -21.67 17.16 -34.88
CA GLU C 142 -20.87 17.12 -33.67
C GLU C 142 -20.62 18.56 -33.23
N ALA C 143 -20.54 18.76 -31.91
CA ALA C 143 -20.35 20.08 -31.32
C ALA C 143 -19.41 20.01 -30.14
N PRO C 144 -18.22 19.44 -30.32
CA PRO C 144 -17.25 19.34 -29.22
C PRO C 144 -17.09 20.69 -28.48
N MET C 145 -17.10 20.60 -27.14
CA MET C 145 -16.96 21.75 -26.26
C MET C 145 -18.06 22.82 -26.42
N LEU C 146 -19.14 22.50 -27.14
CA LEU C 146 -20.25 23.44 -27.18
C LEU C 146 -21.01 22.89 -26.02
N HIS C 147 -20.23 23.09 -24.97
CA HIS C 147 -20.36 22.85 -23.58
C HIS C 147 -19.43 21.70 -23.17
N TRP C 148 -19.69 20.50 -23.64
CA TRP C 148 -18.85 19.34 -23.29
C TRP C 148 -18.18 18.63 -24.48
N PRO C 149 -17.11 17.85 -24.23
CA PRO C 149 -16.43 17.14 -25.31
C PRO C 149 -17.40 16.22 -26.09
N ASP C 150 -18.38 15.64 -25.40
CA ASP C 150 -19.33 14.75 -26.03
C ASP C 150 -20.52 15.41 -26.67
N SER C 151 -20.65 16.72 -26.57
CA SER C 151 -21.81 17.39 -27.16
C SER C 151 -22.02 17.25 -28.66
N MET C 152 -23.26 17.36 -29.09
CA MET C 152 -23.60 17.29 -30.51
C MET C 152 -25.06 17.75 -30.68
N PHE C 153 -25.43 18.17 -31.89
CA PHE C 153 -26.80 18.61 -32.16
C PHE C 153 -27.47 17.52 -33.00
N THR C 154 -28.80 17.46 -32.95
CA THR C 154 -29.58 16.51 -33.74
C THR C 154 -30.45 17.38 -34.64
N TYR C 155 -30.56 17.01 -35.92
CA TYR C 155 -31.34 17.78 -36.88
C TYR C 155 -32.31 16.87 -37.61
N VAL C 156 -33.56 17.31 -37.75
CA VAL C 156 -34.59 16.54 -38.44
C VAL C 156 -35.00 17.32 -39.68
N PRO C 157 -34.28 17.10 -40.81
CA PRO C 157 -34.47 17.73 -42.12
C PRO C 157 -35.91 17.88 -42.57
N GLU C 158 -36.67 16.81 -42.48
CA GLU C 158 -38.05 16.87 -42.93
C GLU C 158 -38.85 17.98 -42.26
N GLU C 159 -38.41 18.42 -41.08
CA GLU C 159 -39.14 19.47 -40.34
C GLU C 159 -38.34 20.74 -40.07
N ALA C 160 -37.05 20.73 -40.39
CA ALA C 160 -36.16 21.88 -40.18
C ALA C 160 -36.09 22.16 -38.66
N LEU C 161 -36.09 21.09 -37.89
CA LEU C 161 -36.08 21.14 -36.43
C LEU C 161 -34.67 20.89 -35.92
N LEU C 162 -34.12 21.83 -35.16
CA LEU C 162 -32.80 21.64 -34.59
C LEU C 162 -32.95 21.34 -33.10
N LEU C 163 -32.24 20.32 -32.63
CA LEU C 163 -32.30 19.92 -31.24
C LEU C 163 -30.86 19.94 -30.73
N PRO C 164 -30.37 21.14 -30.37
CA PRO C 164 -29.04 21.45 -29.88
C PRO C 164 -28.68 21.10 -28.49
N ASN C 165 -29.62 20.54 -27.73
CA ASN C 165 -29.38 20.21 -26.34
C ASN C 165 -29.19 21.55 -25.57
N ASP C 166 -28.04 21.76 -24.95
CA ASP C 166 -27.82 22.97 -24.16
C ASP C 166 -27.78 24.30 -24.94
N ALA C 167 -27.15 24.29 -26.09
CA ALA C 167 -27.07 25.51 -26.86
C ALA C 167 -28.47 26.05 -27.11
N PHE C 168 -28.60 27.38 -27.01
CA PHE C 168 -29.86 28.08 -27.24
C PHE C 168 -30.91 27.93 -26.13
N GLY C 169 -30.55 27.27 -25.03
CA GLY C 169 -31.45 27.12 -23.91
C GLY C 169 -31.45 28.29 -22.91
N GLN C 170 -32.41 28.26 -21.98
CA GLN C 170 -32.55 29.28 -20.93
C GLN C 170 -33.03 28.53 -19.72
N HIS C 171 -32.55 28.85 -18.53
CA HIS C 171 -33.02 28.14 -17.35
C HIS C 171 -34.25 28.84 -16.80
N ILE C 172 -35.43 28.39 -17.20
CA ILE C 172 -36.67 29.00 -16.74
C ILE C 172 -37.80 27.97 -16.70
N ALA C 173 -38.58 27.96 -15.63
CA ALA C 173 -39.70 27.05 -15.50
C ALA C 173 -41.02 27.74 -15.86
N THR C 174 -41.76 27.15 -16.79
CA THR C 174 -43.02 27.72 -17.23
C THR C 174 -43.91 26.55 -17.59
N SER C 175 -45.22 26.75 -17.60
CA SER C 175 -46.11 25.65 -17.93
C SER C 175 -46.38 25.79 -19.40
N VAL C 176 -45.95 26.92 -19.93
CA VAL C 176 -46.10 27.19 -21.34
C VAL C 176 -44.80 26.72 -22.03
N ARG C 177 -44.87 26.28 -23.27
CA ARG C 177 -43.69 25.71 -23.93
C ARG C 177 -42.97 26.48 -25.04
N PHE C 178 -43.64 27.43 -25.65
CA PHE C 178 -43.05 28.14 -26.75
C PHE C 178 -42.70 29.60 -26.63
N ASP C 179 -41.69 30.01 -27.38
CA ASP C 179 -41.23 31.38 -27.37
C ASP C 179 -42.35 32.38 -27.62
N ASP C 180 -43.42 32.00 -28.31
CA ASP C 180 -44.46 32.98 -28.57
C ASP C 180 -45.53 33.06 -27.51
N GLN C 181 -45.30 32.42 -26.37
CA GLN C 181 -46.27 32.48 -25.29
C GLN C 181 -45.56 33.06 -24.06
N VAL C 182 -44.42 33.71 -24.31
CA VAL C 182 -43.58 34.29 -23.27
C VAL C 182 -43.14 35.68 -23.68
N ASP C 183 -42.84 36.55 -22.72
CA ASP C 183 -42.39 37.90 -23.06
C ASP C 183 -41.02 37.85 -23.77
N ALA C 184 -40.91 38.53 -24.91
CA ALA C 184 -39.65 38.52 -25.66
C ALA C 184 -38.44 39.04 -24.91
N GLY C 185 -38.60 40.12 -24.15
CA GLY C 185 -37.47 40.66 -23.43
C GLY C 185 -37.03 39.83 -22.24
N LEU C 186 -38.00 39.22 -21.57
CA LEU C 186 -37.70 38.38 -20.41
C LEU C 186 -36.98 37.09 -20.78
N ILE C 187 -37.46 36.46 -21.84
CA ILE C 187 -36.87 35.22 -22.29
C ILE C 187 -35.47 35.43 -22.90
N MET C 188 -35.26 36.59 -23.53
CA MET C 188 -33.99 36.89 -24.15
C MET C 188 -32.95 37.17 -23.06
N ASP C 189 -33.41 37.66 -21.91
CA ASP C 189 -32.53 37.99 -20.83
C ASP C 189 -32.07 36.72 -20.13
N GLU C 190 -32.99 35.76 -20.04
CA GLU C 190 -32.68 34.50 -19.41
C GLU C 190 -31.70 33.78 -20.30
N ALA C 191 -31.87 33.95 -21.60
CA ALA C 191 -31.03 33.38 -22.62
C ALA C 191 -29.62 33.90 -22.47
N ALA C 192 -29.51 35.19 -22.20
CA ALA C 192 -28.22 35.86 -22.02
C ALA C 192 -27.56 35.44 -20.73
N LYS C 193 -28.35 35.20 -19.67
CA LYS C 193 -27.77 34.79 -18.40
C LYS C 193 -27.14 33.43 -18.57
N TYR C 194 -27.80 32.63 -19.39
CA TYR C 194 -27.37 31.30 -19.72
C TYR C 194 -26.08 31.32 -20.53
N TYR C 195 -26.09 32.08 -21.62
CA TYR C 195 -24.94 32.17 -22.48
C TYR C 195 -23.73 32.66 -21.69
N ALA C 196 -23.90 33.76 -20.95
CA ALA C 196 -22.80 34.34 -20.19
C ALA C 196 -22.15 33.44 -19.14
N ASN C 197 -22.92 32.61 -18.49
CA ASN C 197 -22.35 31.74 -17.46
C ASN C 197 -21.86 30.39 -17.92
N ILE C 198 -22.36 29.95 -19.06
CA ILE C 198 -21.99 28.66 -19.61
C ILE C 198 -21.14 28.68 -20.89
N LEU C 199 -21.59 29.45 -21.88
CA LEU C 199 -20.94 29.49 -23.18
C LEU C 199 -19.89 30.55 -23.46
N MET C 200 -19.77 31.55 -22.60
CA MET C 200 -18.79 32.61 -22.81
C MET C 200 -17.39 32.15 -23.17
N PRO C 201 -16.87 31.10 -22.52
CA PRO C 201 -15.52 30.56 -22.77
C PRO C 201 -15.31 29.98 -24.15
N PHE C 202 -16.39 29.66 -24.84
CA PHE C 202 -16.28 29.05 -26.15
C PHE C 202 -16.91 29.93 -27.22
N SER C 203 -16.78 31.23 -27.06
CA SER C 203 -17.38 32.10 -28.05
C SER C 203 -16.76 31.88 -29.45
N ASN C 204 -15.46 31.61 -29.53
CA ASN C 204 -14.83 31.38 -30.84
C ASN C 204 -15.41 30.15 -31.52
N LEU C 205 -15.72 29.11 -30.72
CA LEU C 205 -16.32 27.87 -31.23
C LEU C 205 -17.77 28.11 -31.69
N ILE C 206 -18.48 28.97 -30.97
CA ILE C 206 -19.86 29.26 -31.32
C ILE C 206 -19.95 29.89 -32.71
N THR C 207 -19.11 30.87 -33.03
CA THR C 207 -19.17 31.49 -34.35
C THR C 207 -18.76 30.47 -35.42
N LYS C 208 -17.71 29.70 -35.17
CA LYS C 208 -17.31 28.68 -36.12
C LYS C 208 -18.48 27.76 -36.40
N LYS C 209 -19.10 27.21 -35.35
CA LYS C 209 -20.24 26.33 -35.54
C LYS C 209 -21.40 27.02 -36.24
N LEU C 210 -21.65 28.28 -35.90
CA LEU C 210 -22.74 29.00 -36.54
C LEU C 210 -22.48 29.14 -38.02
N ASP C 211 -21.21 29.33 -38.39
CA ASP C 211 -20.82 29.48 -39.81
C ASP C 211 -20.95 28.17 -40.56
N GLU C 212 -20.49 27.08 -39.94
CA GLU C 212 -20.61 25.76 -40.52
C GLU C 212 -22.10 25.57 -40.91
N ILE C 213 -22.99 25.79 -39.94
CA ILE C 213 -24.43 25.66 -40.15
C ILE C 213 -24.90 26.63 -41.24
N GLN C 214 -24.24 27.78 -41.29
CA GLN C 214 -24.50 28.86 -42.25
C GLN C 214 -24.21 28.39 -43.70
N LYS C 215 -22.97 27.87 -43.89
CA LYS C 215 -22.49 27.35 -45.18
C LYS C 215 -23.34 26.17 -45.67
N ILE C 216 -23.39 25.09 -44.90
CA ILE C 216 -24.21 23.90 -45.22
C ILE C 216 -25.65 24.39 -45.56
N ASN C 217 -25.89 25.67 -45.29
CA ASN C 217 -27.19 26.29 -45.56
C ASN C 217 -28.44 25.53 -44.95
N LEU C 218 -28.32 25.09 -43.68
CA LEU C 218 -29.38 24.38 -42.94
C LEU C 218 -30.60 25.25 -42.73
N ALA C 219 -31.78 24.72 -43.06
CA ALA C 219 -33.02 25.45 -42.85
C ALA C 219 -33.48 25.17 -41.41
N ILE C 220 -33.47 26.21 -40.57
CA ILE C 220 -33.88 26.07 -39.18
C ILE C 220 -35.21 26.80 -38.99
N LYS C 221 -36.27 26.03 -38.76
CA LYS C 221 -37.62 26.53 -38.59
C LYS C 221 -37.98 26.58 -37.11
N THR C 222 -37.35 25.73 -36.33
CA THR C 222 -37.59 25.71 -34.90
C THR C 222 -36.38 25.15 -34.18
N ILE C 223 -36.14 25.64 -32.97
CA ILE C 223 -35.00 25.19 -32.16
C ILE C 223 -35.55 24.70 -30.83
N ALA C 224 -35.28 23.46 -30.48
CA ALA C 224 -35.76 22.91 -29.23
C ALA C 224 -34.59 22.48 -28.36
N PRO C 225 -34.21 23.35 -27.41
CA PRO C 225 -33.10 23.15 -26.48
C PRO C 225 -33.48 22.18 -25.39
N SER C 226 -32.50 21.79 -24.60
CA SER C 226 -32.79 20.88 -23.52
C SER C 226 -33.26 21.57 -22.24
N HIS C 227 -33.21 22.90 -22.19
CA HIS C 227 -33.65 23.69 -21.04
C HIS C 227 -34.46 24.86 -21.53
N GLY C 228 -35.64 25.06 -20.95
CA GLY C 228 -36.45 26.20 -21.31
C GLY C 228 -37.45 26.15 -22.45
N ILE C 229 -37.68 27.32 -22.99
CA ILE C 229 -38.61 27.54 -24.06
C ILE C 229 -38.13 27.08 -25.42
N ILE C 230 -39.07 26.63 -26.25
CA ILE C 230 -38.79 26.18 -27.60
C ILE C 230 -38.95 27.38 -28.55
N TRP C 231 -37.92 27.67 -29.33
CA TRP C 231 -37.96 28.79 -30.27
C TRP C 231 -38.68 28.35 -31.52
N ARG C 232 -39.99 28.51 -31.54
CA ARG C 232 -40.79 28.07 -32.68
C ARG C 232 -41.27 29.19 -33.59
N LYS C 233 -41.41 30.39 -33.02
CA LYS C 233 -41.90 31.51 -33.80
C LYS C 233 -40.79 32.28 -34.41
N ASP C 234 -39.66 32.37 -33.70
CA ASP C 234 -38.57 33.18 -34.20
C ASP C 234 -37.17 32.76 -33.77
N PRO C 235 -36.67 31.66 -34.35
CA PRO C 235 -35.34 31.11 -34.07
C PRO C 235 -34.25 32.11 -34.54
N GLY C 236 -34.58 32.96 -35.50
CA GLY C 236 -33.61 33.91 -36.02
C GLY C 236 -33.08 34.79 -34.93
N ARG C 237 -33.99 35.31 -34.12
CA ARG C 237 -33.65 36.20 -33.01
C ARG C 237 -32.54 35.63 -32.14
N ILE C 238 -32.73 34.40 -31.67
CA ILE C 238 -31.75 33.74 -30.81
C ILE C 238 -30.47 33.33 -31.54
N ILE C 239 -30.54 33.10 -32.83
CA ILE C 239 -29.34 32.77 -33.57
C ILE C 239 -28.52 34.03 -33.74
N GLU C 240 -29.16 35.12 -34.14
CA GLU C 240 -28.44 36.38 -34.31
C GLU C 240 -27.84 36.88 -32.99
N ALA C 241 -28.53 36.62 -31.88
CA ALA C 241 -28.06 36.99 -30.56
C ALA C 241 -26.79 36.23 -30.23
N TYR C 242 -26.77 34.91 -30.48
CA TYR C 242 -25.60 34.11 -30.19
C TYR C 242 -24.41 34.59 -31.03
N ALA C 243 -24.68 34.99 -32.27
CA ALA C 243 -23.64 35.53 -33.17
C ALA C 243 -23.02 36.79 -32.55
N ARG C 244 -23.86 37.74 -32.13
CA ARG C 244 -23.40 38.99 -31.50
C ARG C 244 -22.60 38.71 -30.25
N TRP C 245 -23.14 37.86 -29.39
CA TRP C 245 -22.46 37.58 -28.13
C TRP C 245 -21.14 36.89 -28.36
N ALA C 246 -21.11 36.01 -29.35
CA ALA C 246 -19.90 35.26 -29.66
C ALA C 246 -18.83 36.16 -30.27
N GLU C 247 -19.29 37.13 -31.07
CA GLU C 247 -18.42 38.09 -31.73
C GLU C 247 -17.68 38.85 -30.66
N GLY C 248 -18.43 39.36 -29.69
CA GLY C 248 -17.84 40.06 -28.56
C GLY C 248 -17.63 41.54 -28.76
N GLN C 249 -18.28 42.09 -29.77
CA GLN C 249 -18.11 43.51 -30.03
C GLN C 249 -18.45 44.29 -28.78
N GLY C 250 -19.55 43.89 -28.12
CA GLY C 250 -19.95 44.55 -26.89
C GLY C 250 -20.76 45.81 -27.14
N LYS C 251 -20.95 46.56 -26.08
CA LYS C 251 -21.71 47.81 -26.14
C LYS C 251 -20.95 48.82 -25.24
N ALA C 252 -21.28 50.12 -25.36
CA ALA C 252 -20.60 51.15 -24.54
C ALA C 252 -21.08 51.10 -23.10
N LYS C 253 -20.74 50.02 -22.41
CA LYS C 253 -21.22 49.79 -21.07
C LYS C 253 -20.09 49.32 -20.20
N ALA C 254 -20.14 49.65 -18.92
CA ALA C 254 -19.10 49.23 -17.97
C ALA C 254 -19.71 48.63 -16.70
N VAL C 255 -19.14 47.53 -16.21
CA VAL C 255 -19.63 46.89 -15.02
C VAL C 255 -18.58 47.07 -13.95
N ILE C 256 -19.00 47.59 -12.81
CA ILE C 256 -18.09 47.82 -11.70
C ILE C 256 -18.55 46.90 -10.58
N ALA C 257 -17.71 45.98 -10.15
CA ALA C 257 -18.06 45.07 -9.09
C ALA C 257 -17.04 45.33 -7.98
N TYR C 258 -17.47 45.34 -6.73
CA TYR C 258 -16.57 45.65 -5.63
C TYR C 258 -17.15 45.30 -4.28
N ASP C 259 -16.39 45.63 -3.26
CA ASP C 259 -16.86 45.56 -1.89
C ASP C 259 -15.93 46.34 -0.98
N THR C 260 -16.43 46.72 0.20
CA THR C 260 -15.68 47.49 1.21
C THR C 260 -16.02 47.04 2.57
N MET C 261 -15.26 47.56 3.51
CA MET C 261 -15.52 47.31 4.89
C MET C 261 -15.94 48.63 5.54
N TRP C 262 -15.30 49.73 5.12
CA TRP C 262 -15.59 51.04 5.67
C TRP C 262 -15.93 52.13 4.69
N LEU C 263 -16.28 51.73 3.46
CA LEU C 263 -16.72 52.65 2.40
C LEU C 263 -15.76 53.41 1.54
N SER C 264 -14.46 53.31 1.77
CA SER C 264 -13.52 54.04 0.94
C SER C 264 -13.49 53.50 -0.49
N THR C 265 -13.43 52.18 -0.60
CA THR C 265 -13.40 51.56 -1.92
C THR C 265 -14.70 51.91 -2.64
N GLU C 266 -15.77 52.07 -1.89
CA GLU C 266 -17.08 52.41 -2.43
C GLU C 266 -17.12 53.84 -2.96
N LYS C 267 -16.44 54.75 -2.28
CA LYS C 267 -16.39 56.13 -2.71
C LYS C 267 -15.59 56.24 -3.99
N MET C 268 -14.62 55.36 -4.15
CA MET C 268 -13.80 55.32 -5.34
C MET C 268 -14.64 54.74 -6.46
N ALA C 269 -15.40 53.68 -6.15
CA ALA C 269 -16.25 53.02 -7.14
C ALA C 269 -17.23 54.03 -7.66
N HIS C 270 -17.69 54.90 -6.77
CA HIS C 270 -18.65 55.93 -7.15
C HIS C 270 -18.07 57.01 -8.06
N ALA C 271 -16.84 57.43 -7.79
CA ALA C 271 -16.21 58.44 -8.64
C ALA C 271 -15.94 57.86 -10.03
N LEU C 272 -15.39 56.64 -10.06
CA LEU C 272 -15.10 55.97 -11.33
C LEU C 272 -16.37 55.94 -12.14
N MET C 273 -17.47 55.62 -11.47
CA MET C 273 -18.76 55.56 -12.13
C MET C 273 -19.14 56.87 -12.72
N ASP C 274 -19.00 57.95 -11.97
CA ASP C 274 -19.34 59.30 -12.45
C ASP C 274 -18.55 59.68 -13.71
N GLY C 275 -17.28 59.32 -13.72
CA GLY C 275 -16.46 59.59 -14.88
C GLY C 275 -16.94 58.78 -16.08
N LEU C 276 -17.32 57.54 -15.83
CA LEU C 276 -17.80 56.68 -16.89
C LEU C 276 -19.08 57.23 -17.49
N VAL C 277 -20.00 57.64 -16.62
CA VAL C 277 -21.28 58.16 -17.08
C VAL C 277 -21.07 59.47 -17.85
N ALA C 278 -20.21 60.33 -17.31
CA ALA C 278 -19.83 61.60 -17.93
C ALA C 278 -19.26 61.37 -19.32
N GLY C 279 -18.48 60.30 -19.49
CA GLY C 279 -17.90 59.99 -20.78
C GLY C 279 -18.88 59.32 -21.74
N GLY C 280 -20.18 59.33 -21.39
CA GLY C 280 -21.23 58.74 -22.22
C GLY C 280 -21.48 57.22 -22.15
N CYS C 281 -21.14 56.62 -21.02
CA CYS C 281 -21.26 55.18 -20.81
C CYS C 281 -22.36 54.73 -19.88
N GLU C 282 -22.94 53.57 -20.15
CA GLU C 282 -23.94 53.07 -19.24
C GLU C 282 -23.13 52.28 -18.18
N VAL C 283 -23.55 52.39 -16.93
CA VAL C 283 -22.85 51.73 -15.86
C VAL C 283 -23.75 50.88 -15.00
N LYS C 284 -23.25 49.70 -14.63
CA LYS C 284 -23.96 48.76 -13.73
C LYS C 284 -23.02 48.63 -12.54
N LEU C 285 -23.49 48.98 -11.34
CA LEU C 285 -22.66 48.92 -10.13
C LEU C 285 -23.11 47.81 -9.19
N PHE C 286 -22.22 46.90 -8.84
CA PHE C 286 -22.57 45.77 -7.96
C PHE C 286 -21.74 45.62 -6.69
N LYS C 287 -22.37 45.73 -5.53
CA LYS C 287 -21.66 45.51 -4.30
C LYS C 287 -21.81 43.99 -4.21
N LEU C 288 -20.72 43.26 -4.40
CA LEU C 288 -20.76 41.82 -4.45
C LEU C 288 -21.39 41.01 -3.31
N SER C 289 -21.30 41.46 -2.08
CA SER C 289 -21.83 40.67 -0.98
C SER C 289 -23.33 40.74 -0.92
N VAL C 290 -23.91 41.37 -1.92
CA VAL C 290 -25.32 41.59 -1.87
C VAL C 290 -25.91 41.47 -3.28
N SER C 291 -25.08 40.99 -4.17
CA SER C 291 -25.46 40.81 -5.55
C SER C 291 -25.25 39.36 -5.94
N ASP C 292 -25.95 38.91 -6.98
CA ASP C 292 -25.83 37.53 -7.45
C ASP C 292 -24.75 37.46 -8.51
N ARG C 293 -23.71 36.69 -8.25
CA ARG C 293 -22.60 36.52 -9.17
C ARG C 293 -22.99 36.20 -10.60
N ASN C 294 -24.02 35.39 -10.80
CA ASN C 294 -24.46 35.03 -12.15
C ASN C 294 -25.14 36.23 -12.80
N ASP C 295 -25.81 37.05 -12.01
CA ASP C 295 -26.50 38.24 -12.51
C ASP C 295 -25.39 39.24 -12.92
N VAL C 296 -24.27 39.26 -12.19
CA VAL C 296 -23.14 40.14 -12.51
C VAL C 296 -22.46 39.72 -13.82
N ILE C 297 -22.15 38.43 -13.95
CA ILE C 297 -21.52 37.86 -15.14
C ILE C 297 -22.39 38.14 -16.38
N LYS C 298 -23.70 38.04 -16.23
CA LYS C 298 -24.57 38.29 -17.35
C LYS C 298 -24.40 39.70 -17.88
N GLU C 299 -24.12 40.64 -16.99
CA GLU C 299 -23.95 42.03 -17.42
C GLU C 299 -22.62 42.24 -18.11
N ILE C 300 -21.62 41.46 -17.73
CA ILE C 300 -20.29 41.56 -18.35
C ILE C 300 -20.27 41.08 -19.81
N LEU C 301 -21.16 40.19 -20.20
CA LEU C 301 -21.17 39.70 -21.57
C LEU C 301 -21.22 40.84 -22.59
N ASP C 302 -22.05 41.83 -22.33
CA ASP C 302 -22.30 43.01 -23.14
C ASP C 302 -21.32 44.14 -22.91
N ALA C 303 -20.70 44.17 -21.72
CA ALA C 303 -19.79 45.23 -21.35
C ALA C 303 -18.44 45.26 -22.08
N ARG C 304 -17.92 46.46 -22.26
CA ARG C 304 -16.63 46.64 -22.88
C ARG C 304 -15.58 46.86 -21.81
N ALA C 305 -16.05 47.18 -20.61
CA ALA C 305 -15.13 47.43 -19.50
C ALA C 305 -15.59 46.74 -18.21
N VAL C 306 -14.64 46.22 -17.46
CA VAL C 306 -14.96 45.56 -16.23
C VAL C 306 -14.01 46.12 -15.16
N LEU C 307 -14.54 46.84 -14.16
CA LEU C 307 -13.70 47.38 -13.08
C LEU C 307 -13.99 46.60 -11.83
N VAL C 308 -12.96 46.08 -11.15
CA VAL C 308 -13.16 45.33 -9.93
C VAL C 308 -12.42 45.99 -8.76
N GLY C 309 -13.11 46.21 -7.63
CA GLY C 309 -12.44 46.85 -6.52
C GLY C 309 -12.48 46.12 -5.20
N SER C 310 -11.52 46.39 -4.33
CA SER C 310 -11.47 45.75 -3.04
C SER C 310 -10.38 46.35 -2.17
N PRO C 311 -10.62 46.40 -0.85
CA PRO C 311 -9.73 46.91 0.19
C PRO C 311 -8.72 45.79 0.36
N THR C 312 -7.77 45.96 1.25
CA THR C 312 -6.83 44.91 1.52
C THR C 312 -7.10 44.44 2.94
N ILE C 313 -7.27 43.14 3.15
CA ILE C 313 -7.44 42.61 4.49
C ILE C 313 -6.44 41.46 4.54
N ASN C 314 -5.71 41.35 5.64
CA ASN C 314 -4.65 40.36 5.84
C ASN C 314 -3.80 40.19 4.58
N ASN C 315 -3.36 41.30 3.97
CA ASN C 315 -2.52 41.30 2.75
C ASN C 315 -3.16 40.65 1.56
N ASP C 316 -4.45 40.35 1.62
CA ASP C 316 -5.14 39.69 0.52
C ASP C 316 -6.33 40.55 0.11
N ILE C 317 -7.13 40.03 -0.82
CA ILE C 317 -8.34 40.73 -1.22
C ILE C 317 -9.42 40.28 -0.22
N LEU C 318 -10.58 40.91 -0.29
CA LEU C 318 -11.73 40.59 0.56
C LEU C 318 -12.23 39.29 -0.01
N PRO C 319 -12.49 38.27 0.82
CA PRO C 319 -12.96 37.01 0.24
C PRO C 319 -14.23 36.96 -0.63
N VAL C 320 -15.14 37.91 -0.45
CA VAL C 320 -16.36 38.02 -1.25
C VAL C 320 -16.06 38.32 -2.72
N VAL C 321 -14.90 38.91 -2.97
CA VAL C 321 -14.47 39.27 -4.30
C VAL C 321 -13.82 38.12 -5.05
N SER C 322 -13.41 37.08 -4.32
CA SER C 322 -12.78 35.90 -4.90
C SER C 322 -13.59 35.16 -5.95
N PRO C 323 -14.84 34.78 -5.61
CA PRO C 323 -15.66 34.07 -6.56
C PRO C 323 -15.74 34.71 -7.94
N LEU C 324 -15.99 36.02 -8.00
CA LEU C 324 -16.11 36.71 -9.28
C LEU C 324 -14.82 36.62 -10.06
N LEU C 325 -13.69 36.73 -9.40
CA LEU C 325 -12.41 36.66 -10.09
C LEU C 325 -12.07 35.29 -10.66
N ASP C 326 -12.17 34.25 -9.83
CA ASP C 326 -11.88 32.91 -10.31
C ASP C 326 -12.87 32.50 -11.39
N ASP C 327 -14.05 33.08 -11.37
CA ASP C 327 -15.09 32.78 -12.33
C ASP C 327 -14.80 33.46 -13.65
N LEU C 328 -14.15 34.60 -13.60
CA LEU C 328 -13.83 35.33 -14.82
C LEU C 328 -12.67 34.68 -15.51
N VAL C 329 -11.71 34.20 -14.73
CA VAL C 329 -10.53 33.58 -15.28
C VAL C 329 -11.00 32.41 -16.08
N GLY C 330 -11.86 31.60 -15.48
CA GLY C 330 -12.38 30.42 -16.15
C GLY C 330 -13.27 30.72 -17.36
N LEU C 331 -14.12 31.74 -17.27
CA LEU C 331 -15.04 32.06 -18.34
C LEU C 331 -14.44 32.81 -19.50
N ARG C 332 -13.20 33.21 -19.36
CA ARG C 332 -12.46 33.92 -20.41
C ARG C 332 -13.20 34.97 -21.21
N PRO C 333 -13.61 36.08 -20.57
CA PRO C 333 -14.34 37.14 -21.29
C PRO C 333 -13.49 37.57 -22.45
N LYS C 334 -14.17 37.74 -23.57
CA LYS C 334 -13.51 38.14 -24.81
C LYS C 334 -13.56 39.63 -25.11
N ASN C 335 -12.40 40.21 -25.40
CA ASN C 335 -12.33 41.64 -25.77
C ASN C 335 -12.79 42.64 -24.69
N LYS C 336 -12.21 42.53 -23.50
CA LYS C 336 -12.58 43.45 -22.43
C LYS C 336 -11.44 44.34 -21.91
N VAL C 337 -11.79 45.57 -21.55
CA VAL C 337 -10.81 46.47 -20.97
C VAL C 337 -11.13 46.53 -19.48
N GLY C 338 -10.14 46.70 -18.63
CA GLY C 338 -10.43 46.72 -17.20
C GLY C 338 -9.60 47.59 -16.28
N LEU C 339 -9.86 47.48 -14.99
CA LEU C 339 -9.15 48.27 -14.00
C LEU C 339 -9.41 47.73 -12.62
N ALA C 340 -8.38 47.70 -11.78
CA ALA C 340 -8.51 47.24 -10.39
C ALA C 340 -8.37 48.48 -9.51
N PHE C 341 -8.99 48.49 -8.34
CA PHE C 341 -8.85 49.64 -7.47
C PHE C 341 -9.13 49.27 -6.04
N GLY C 342 -8.91 50.17 -5.10
CA GLY C 342 -9.19 49.83 -3.72
C GLY C 342 -8.37 50.59 -2.70
N ALA C 343 -8.77 50.49 -1.43
CA ALA C 343 -8.08 51.17 -0.37
C ALA C 343 -7.21 50.21 0.38
N TYR C 344 -6.45 50.73 1.33
CA TYR C 344 -5.57 49.95 2.20
C TYR C 344 -5.13 50.81 3.38
N GLY C 345 -4.64 50.15 4.43
CA GLY C 345 -4.21 50.88 5.62
C GLY C 345 -2.72 51.09 5.81
N TRP C 346 -1.91 50.13 5.37
CA TRP C 346 -0.47 50.27 5.52
C TRP C 346 0.38 49.64 4.43
N GLY C 347 0.39 48.33 4.35
CA GLY C 347 1.17 47.65 3.33
C GLY C 347 0.45 47.47 1.99
N GLY C 348 -0.85 47.16 2.01
CA GLY C 348 -1.53 46.97 0.77
C GLY C 348 -1.39 45.50 0.43
N GLY C 349 -1.77 45.12 -0.79
CA GLY C 349 -1.68 43.70 -1.16
C GLY C 349 -2.79 43.23 -2.10
N ALA C 350 -3.97 43.81 -1.94
CA ALA C 350 -5.07 43.41 -2.78
C ALA C 350 -4.95 43.87 -4.21
N GLN C 351 -4.30 45.00 -4.43
CA GLN C 351 -4.15 45.50 -5.79
C GLN C 351 -3.37 44.54 -6.71
N LYS C 352 -2.34 43.91 -6.15
CA LYS C 352 -1.50 42.91 -6.81
C LYS C 352 -2.37 41.75 -7.26
N ILE C 353 -3.06 41.15 -6.29
CA ILE C 353 -3.91 40.01 -6.55
C ILE C 353 -4.99 40.36 -7.58
N LEU C 354 -5.58 41.53 -7.44
CA LEU C 354 -6.63 41.95 -8.37
C LEU C 354 -6.13 41.97 -9.79
N GLU C 355 -5.02 42.67 -10.01
CA GLU C 355 -4.46 42.78 -11.36
C GLU C 355 -3.94 41.46 -11.92
N GLU C 356 -3.39 40.61 -11.08
CA GLU C 356 -2.93 39.30 -11.51
C GLU C 356 -4.14 38.48 -12.01
N ARG C 357 -5.18 38.37 -11.19
CA ARG C 357 -6.37 37.61 -11.55
C ARG C 357 -7.05 38.24 -12.76
N LEU C 358 -7.01 39.55 -12.88
CA LEU C 358 -7.66 40.20 -14.02
C LEU C 358 -6.93 39.91 -15.32
N LYS C 359 -5.62 39.81 -15.24
CA LYS C 359 -4.84 39.52 -16.42
C LYS C 359 -5.00 38.06 -16.76
N ALA C 360 -5.07 37.20 -15.74
CA ALA C 360 -5.25 35.78 -15.95
C ALA C 360 -6.58 35.52 -16.71
N ALA C 361 -7.50 36.47 -16.63
CA ALA C 361 -8.78 36.34 -17.32
C ALA C 361 -8.66 37.02 -18.69
N LYS C 362 -7.43 37.43 -19.00
CA LYS C 362 -7.11 38.10 -20.27
C LYS C 362 -7.92 39.39 -20.50
N ILE C 363 -8.06 40.15 -19.44
CA ILE C 363 -8.76 41.44 -19.51
C ILE C 363 -7.63 42.46 -19.50
N GLU C 364 -7.58 43.33 -20.51
CA GLU C 364 -6.51 44.34 -20.62
C GLU C 364 -6.65 45.51 -19.68
N LEU C 365 -5.75 45.59 -18.70
CA LEU C 365 -5.78 46.66 -17.71
C LEU C 365 -5.55 48.01 -18.40
N ILE C 366 -6.45 48.95 -18.21
CA ILE C 366 -6.32 50.27 -18.82
C ILE C 366 -5.28 51.09 -18.00
N ALA C 367 -4.70 50.46 -16.95
CA ALA C 367 -3.69 51.14 -16.10
C ALA C 367 -3.05 50.27 -15.09
N GLU C 368 -1.88 49.69 -15.42
CA GLU C 368 -1.34 48.84 -14.36
C GLU C 368 -0.92 50.00 -13.33
N PRO C 369 -1.06 49.77 -12.02
CA PRO C 369 -0.90 50.32 -10.66
C PRO C 369 -2.20 51.12 -10.89
N GLY C 370 -3.33 50.47 -10.59
CA GLY C 370 -4.64 51.11 -10.67
C GLY C 370 -4.84 52.02 -9.46
N PRO C 371 -5.94 52.80 -9.43
CA PRO C 371 -6.20 53.70 -8.32
C PRO C 371 -6.13 53.04 -6.96
N THR C 372 -5.30 53.56 -6.10
CA THR C 372 -5.17 52.98 -4.79
C THR C 372 -5.21 54.18 -3.82
N VAL C 373 -5.81 54.00 -2.65
CA VAL C 373 -5.96 55.08 -1.68
C VAL C 373 -5.61 54.60 -0.29
N GLN C 374 -4.96 55.44 0.52
CA GLN C 374 -4.63 55.01 1.90
C GLN C 374 -5.63 55.54 2.90
N TRP C 375 -6.29 54.63 3.60
CA TRP C 375 -7.31 54.96 4.59
C TRP C 375 -8.54 55.60 3.94
N VAL C 376 -8.50 56.89 3.64
CA VAL C 376 -9.66 57.57 3.11
C VAL C 376 -9.30 58.34 1.84
N PRO C 377 -10.27 58.48 0.92
CA PRO C 377 -10.00 59.21 -0.31
C PRO C 377 -10.00 60.69 -0.01
N ARG C 378 -9.12 61.44 -0.67
CA ARG C 378 -9.10 62.90 -0.52
C ARG C 378 -9.68 63.47 -1.86
N GLY C 379 -9.91 64.80 -1.92
CA GLY C 379 -10.44 65.42 -3.14
C GLY C 379 -9.75 65.00 -4.45
N GLU C 380 -8.43 65.15 -4.50
CA GLU C 380 -7.65 64.81 -5.70
C GLU C 380 -7.76 63.30 -6.02
N ASP C 381 -7.83 62.46 -4.96
CA ASP C 381 -7.97 61.01 -5.11
C ASP C 381 -9.24 60.68 -5.95
N LEU C 382 -10.37 61.24 -5.53
CA LEU C 382 -11.60 60.97 -6.23
C LEU C 382 -11.63 61.60 -7.62
N GLN C 383 -10.96 62.73 -7.76
CA GLN C 383 -10.92 63.43 -9.05
C GLN C 383 -10.10 62.56 -10.03
N ARG C 384 -9.03 61.98 -9.51
CA ARG C 384 -8.19 61.10 -10.29
C ARG C 384 -9.07 59.92 -10.80
N CYS C 385 -9.85 59.31 -9.89
CA CYS C 385 -10.75 58.21 -10.25
C CYS C 385 -11.74 58.67 -11.32
N TYR C 386 -12.32 59.84 -11.11
CA TYR C 386 -13.26 60.39 -12.06
C TYR C 386 -12.63 60.47 -13.44
N GLU C 387 -11.38 60.94 -13.47
CA GLU C 387 -10.64 61.08 -14.72
C GLU C 387 -10.40 59.74 -15.39
N LEU C 388 -10.06 58.74 -14.57
CA LEU C 388 -9.81 57.40 -15.06
C LEU C 388 -11.08 56.84 -15.72
N GLY C 389 -12.21 57.04 -15.03
CA GLY C 389 -13.48 56.57 -15.56
C GLY C 389 -13.82 57.29 -16.86
N ARG C 390 -13.29 58.49 -16.96
CA ARG C 390 -13.50 59.32 -18.12
C ARG C 390 -12.61 58.76 -19.27
N LYS C 391 -11.43 58.30 -18.90
CA LYS C 391 -10.50 57.76 -19.86
C LYS C 391 -11.06 56.44 -20.43
N ILE C 392 -11.48 55.55 -19.53
CA ILE C 392 -12.05 54.27 -19.91
C ILE C 392 -13.25 54.51 -20.81
N ALA C 393 -14.04 55.53 -20.50
CA ALA C 393 -15.20 55.80 -21.32
C ALA C 393 -14.77 56.15 -22.73
N ALA C 394 -13.67 56.91 -22.84
CA ALA C 394 -13.20 57.30 -24.16
C ALA C 394 -12.72 56.07 -24.96
N ARG C 395 -12.15 55.06 -24.29
CA ARG C 395 -11.69 53.91 -25.03
C ARG C 395 -12.85 53.01 -25.45
N ILE C 396 -13.81 52.84 -24.53
CA ILE C 396 -15.02 52.03 -24.68
C ILE C 396 -15.88 52.72 -25.74
N ALA C 397 -15.38 53.88 -26.14
CA ALA C 397 -15.89 54.74 -27.22
C ALA C 397 -17.27 54.44 -27.79
N ASP C 398 -17.24 53.68 -28.88
CA ASP C 398 -18.43 53.27 -29.64
C ASP C 398 -18.55 54.06 -30.94
N SER D 1 -29.36 51.78 27.73
CA SER D 1 -29.40 53.28 27.86
C SER D 1 -28.70 53.61 29.16
N GLN D 2 -28.73 52.67 30.10
CA GLN D 2 -28.08 52.91 31.35
C GLN D 2 -26.63 52.44 31.32
N PRO D 3 -25.73 53.19 31.97
CA PRO D 3 -24.32 52.84 32.05
C PRO D 3 -24.30 51.65 33.03
N VAL D 4 -23.23 50.90 33.08
CA VAL D 4 -23.19 49.78 34.02
C VAL D 4 -21.86 49.86 34.72
N ALA D 5 -21.89 49.82 36.04
CA ALA D 5 -20.67 49.93 36.79
C ALA D 5 -19.90 48.62 36.89
N ILE D 6 -18.61 48.68 36.62
CA ILE D 6 -17.72 47.53 36.71
C ILE D 6 -17.19 47.48 38.16
N THR D 7 -17.10 48.67 38.74
CA THR D 7 -16.70 48.97 40.13
C THR D 7 -16.82 50.48 40.22
N ASP D 8 -16.96 51.02 41.42
CA ASP D 8 -17.12 52.47 41.57
C ASP D 8 -16.13 53.32 40.80
N GLY D 9 -16.68 54.30 40.10
CA GLY D 9 -15.81 55.19 39.35
C GLY D 9 -15.41 54.65 38.00
N ILE D 10 -15.62 53.36 37.77
CA ILE D 10 -15.36 52.78 36.45
C ILE D 10 -16.68 52.25 35.90
N TYR D 11 -17.04 52.75 34.74
CA TYR D 11 -18.30 52.41 34.12
C TYR D 11 -18.19 51.93 32.67
N TRP D 12 -19.13 51.07 32.28
CA TRP D 12 -19.28 50.59 30.90
C TRP D 12 -20.20 51.64 30.30
N VAL D 13 -19.79 52.32 29.24
CA VAL D 13 -20.64 53.32 28.62
C VAL D 13 -20.75 53.09 27.12
N GLY D 14 -20.69 51.81 26.72
CA GLY D 14 -20.77 51.50 25.30
C GLY D 14 -22.18 51.32 24.75
N ALA D 15 -22.31 50.76 23.57
CA ALA D 15 -23.61 50.57 22.96
C ALA D 15 -23.74 49.12 22.49
N VAL D 16 -24.94 48.56 22.59
CA VAL D 16 -25.20 47.21 22.10
C VAL D 16 -25.79 47.28 20.68
N ASP D 17 -25.29 46.48 19.75
CA ASP D 17 -25.78 46.54 18.39
C ASP D 17 -26.47 45.20 18.09
N TRP D 18 -27.76 45.12 18.41
CA TRP D 18 -28.57 43.91 18.25
C TRP D 18 -28.80 43.40 16.85
N ASN D 19 -28.99 44.30 15.91
CA ASN D 19 -29.33 43.94 14.55
C ASN D 19 -28.25 43.67 13.51
N ILE D 20 -27.00 44.03 13.81
CA ILE D 20 -25.87 43.84 12.88
C ILE D 20 -25.70 42.35 12.67
N ARG D 21 -25.52 41.97 11.42
CA ARG D 21 -25.36 40.57 11.07
C ARG D 21 -24.04 40.32 10.33
N TYR D 22 -23.38 41.39 9.93
CA TYR D 22 -22.10 41.31 9.23
C TYR D 22 -21.18 42.41 9.70
N PHE D 23 -19.99 42.02 10.16
CA PHE D 23 -19.04 43.01 10.57
C PHE D 23 -17.94 43.15 9.53
N HIS D 24 -17.19 44.26 9.56
CA HIS D 24 -16.11 44.51 8.58
C HIS D 24 -16.74 44.26 7.21
N GLY D 25 -17.85 44.96 6.93
CA GLY D 25 -18.51 44.74 5.67
C GLY D 25 -18.98 43.29 5.57
N PRO D 26 -18.48 42.51 4.59
CA PRO D 26 -18.97 41.12 4.54
C PRO D 26 -18.08 40.13 5.33
N ALA D 27 -16.85 40.54 5.63
CA ALA D 27 -15.84 39.77 6.32
C ALA D 27 -16.27 38.82 7.44
N PHE D 28 -16.93 39.34 8.47
CA PHE D 28 -17.32 38.54 9.64
C PHE D 28 -18.82 38.48 9.88
N SER D 29 -19.36 37.27 9.98
CA SER D 29 -20.80 37.16 10.24
C SER D 29 -21.10 37.10 11.76
N THR D 30 -21.96 38.02 12.19
CA THR D 30 -22.39 38.11 13.58
C THR D 30 -23.82 37.64 13.71
N HIS D 31 -23.98 36.31 13.76
CA HIS D 31 -25.29 35.68 13.88
C HIS D 31 -26.09 36.38 15.01
N ARG D 32 -25.45 36.84 16.07
CA ARG D 32 -26.19 37.50 17.16
C ARG D 32 -25.80 38.95 17.47
N GLY D 33 -25.41 39.72 16.46
CA GLY D 33 -25.02 41.11 16.70
C GLY D 33 -23.70 41.23 17.43
N THR D 34 -23.46 42.42 17.98
CA THR D 34 -22.22 42.69 18.73
C THR D 34 -22.44 43.89 19.62
N THR D 35 -21.38 44.36 20.27
CA THR D 35 -21.47 45.55 21.14
C THR D 35 -20.23 46.34 20.88
N TYR D 36 -20.26 47.62 21.21
CA TYR D 36 -19.12 48.51 21.07
C TYR D 36 -18.86 48.98 22.51
N ASN D 37 -17.88 48.39 23.18
CA ASN D 37 -17.58 48.72 24.56
C ASN D 37 -16.62 49.89 24.71
N ALA D 38 -16.99 50.82 25.60
CA ALA D 38 -16.22 52.01 25.91
C ALA D 38 -16.34 52.17 27.41
N TYR D 39 -15.27 52.61 28.07
CA TYR D 39 -15.28 52.76 29.51
C TYR D 39 -14.95 54.14 30.02
N LEU D 40 -15.62 54.51 31.09
CA LEU D 40 -15.43 55.81 31.73
C LEU D 40 -14.85 55.63 33.11
N ILE D 41 -13.61 56.07 33.29
CA ILE D 41 -12.94 56.00 34.59
C ILE D 41 -13.04 57.37 35.26
N VAL D 42 -13.77 57.42 36.36
CA VAL D 42 -13.98 58.68 37.11
C VAL D 42 -12.96 58.89 38.25
N ASP D 43 -12.44 60.10 38.35
CA ASP D 43 -11.42 60.43 39.35
C ASP D 43 -11.21 61.96 39.41
N ASP D 44 -10.15 62.42 40.05
CA ASP D 44 -9.85 63.87 40.10
C ASP D 44 -9.91 64.33 38.66
N LYS D 45 -9.43 63.47 37.81
CA LYS D 45 -9.42 63.70 36.40
C LYS D 45 -10.18 62.48 35.83
N THR D 46 -11.13 62.69 34.93
CA THR D 46 -11.82 61.54 34.38
C THR D 46 -11.40 61.27 32.94
N ALA D 47 -11.27 59.97 32.64
CA ALA D 47 -10.86 59.51 31.34
C ALA D 47 -11.88 58.58 30.68
N LEU D 48 -12.01 58.73 29.36
CA LEU D 48 -12.90 57.85 28.59
C LEU D 48 -11.99 56.94 27.76
N VAL D 49 -12.13 55.64 27.91
CA VAL D 49 -11.33 54.71 27.11
C VAL D 49 -12.12 54.25 25.87
N ASP D 50 -11.64 54.67 24.70
CA ASP D 50 -12.27 54.33 23.41
C ASP D 50 -13.65 54.96 23.22
N THR D 51 -14.12 55.09 21.98
CA THR D 51 -15.46 55.61 21.79
C THR D 51 -16.37 54.52 21.27
N VAL D 52 -17.11 54.82 20.23
CA VAL D 52 -18.08 53.85 19.77
C VAL D 52 -18.35 54.01 18.25
N TYR D 53 -18.90 53.00 17.60
CA TYR D 53 -19.19 53.05 16.18
C TYR D 53 -20.09 54.29 15.92
N GLU D 54 -19.71 55.13 14.96
CA GLU D 54 -20.44 56.36 14.74
C GLU D 54 -21.96 56.37 14.89
N PRO D 55 -22.70 55.42 14.26
CA PRO D 55 -24.14 55.37 14.39
C PRO D 55 -24.69 55.20 15.81
N PHE D 56 -23.84 54.97 16.80
CA PHE D 56 -24.32 54.83 18.17
C PHE D 56 -23.77 55.93 19.08
N LYS D 57 -23.26 56.99 18.48
CA LYS D 57 -22.69 58.08 19.25
C LYS D 57 -23.63 58.61 20.29
N GLU D 58 -24.92 58.73 19.96
CA GLU D 58 -25.89 59.28 20.91
C GLU D 58 -26.04 58.42 22.14
N GLU D 59 -25.88 57.13 21.98
CA GLU D 59 -25.98 56.24 23.12
C GLU D 59 -24.75 56.42 24.03
N LEU D 60 -23.60 56.73 23.43
CA LEU D 60 -22.37 56.93 24.20
C LEU D 60 -22.55 58.18 25.05
N ILE D 61 -22.79 59.28 24.37
CA ILE D 61 -23.04 60.58 24.98
C ILE D 61 -24.18 60.49 26.03
N ALA D 62 -25.27 59.82 25.69
CA ALA D 62 -26.38 59.67 26.60
C ALA D 62 -25.93 59.00 27.87
N LYS D 63 -25.10 57.97 27.74
CA LYS D 63 -24.65 57.28 28.94
C LYS D 63 -23.62 58.10 29.73
N LEU D 64 -22.78 58.86 29.02
CA LEU D 64 -21.79 59.71 29.66
C LEU D 64 -22.54 60.70 30.57
N LYS D 65 -23.55 61.34 29.96
CA LYS D 65 -24.35 62.34 30.67
C LYS D 65 -25.04 61.80 31.89
N GLN D 66 -25.25 60.50 31.98
CA GLN D 66 -25.88 59.98 33.16
C GLN D 66 -24.91 59.80 34.30
N ILE D 67 -23.62 59.96 34.04
CA ILE D 67 -22.67 59.79 35.13
C ILE D 67 -22.46 61.18 35.70
N LYS D 68 -22.35 62.16 34.80
CA LYS D 68 -22.09 63.52 35.18
C LYS D 68 -22.45 64.32 33.97
N ASP D 69 -23.42 65.22 34.17
CA ASP D 69 -23.86 66.05 33.05
C ASP D 69 -23.59 67.51 33.30
N PRO D 70 -22.75 68.08 32.41
CA PRO D 70 -21.86 68.63 31.42
C PRO D 70 -20.73 67.53 31.41
N VAL D 71 -20.59 66.78 30.28
CA VAL D 71 -19.56 65.74 30.17
C VAL D 71 -18.20 66.42 30.40
N LYS D 72 -17.49 65.96 31.41
CA LYS D 72 -16.21 66.59 31.63
C LYS D 72 -15.02 65.74 31.15
N LEU D 73 -14.89 65.11 30.04
CA LEU D 73 -13.62 64.37 29.90
C LEU D 73 -12.23 65.06 30.06
N ASP D 74 -11.27 64.51 30.82
CA ASP D 74 -9.93 65.15 30.83
C ASP D 74 -9.01 64.47 29.81
N TYR D 75 -9.15 63.15 29.76
CA TYR D 75 -8.37 62.31 28.85
C TYR D 75 -9.29 61.45 28.02
N LEU D 76 -8.86 61.20 26.79
CA LEU D 76 -9.58 60.35 25.84
C LEU D 76 -8.55 59.34 25.34
N VAL D 77 -8.61 58.10 25.83
CA VAL D 77 -7.70 57.06 25.40
C VAL D 77 -8.19 56.42 24.12
N VAL D 78 -7.36 56.35 23.10
CA VAL D 78 -7.73 55.75 21.85
C VAL D 78 -6.82 54.56 21.68
N ASN D 79 -7.25 53.39 22.15
CA ASN D 79 -6.48 52.14 22.06
C ASN D 79 -6.30 51.62 20.62
N HIS D 80 -7.29 51.93 19.80
CA HIS D 80 -7.33 51.42 18.46
C HIS D 80 -8.17 52.40 17.60
N THR D 81 -7.77 52.61 16.36
CA THR D 81 -8.46 53.55 15.50
C THR D 81 -9.43 53.05 14.47
N GLU D 82 -9.79 51.76 14.45
CA GLU D 82 -10.76 51.25 13.46
C GLU D 82 -11.99 52.11 13.63
N SER D 83 -13.02 51.94 12.81
CA SER D 83 -14.08 52.85 13.13
C SER D 83 -15.16 52.37 14.01
N ASP D 84 -15.09 51.12 14.43
CA ASP D 84 -16.05 50.61 15.38
C ASP D 84 -15.66 51.13 16.77
N HIS D 85 -14.51 51.76 16.88
CA HIS D 85 -14.10 52.29 18.16
C HIS D 85 -13.82 53.77 18.16
N ALA D 86 -13.46 54.34 17.01
CA ALA D 86 -13.12 55.74 16.95
C ALA D 86 -14.10 56.52 16.13
N GLY D 87 -15.17 55.86 15.70
CA GLY D 87 -16.15 56.55 14.89
C GLY D 87 -16.83 57.73 15.55
N ALA D 88 -17.00 57.68 16.87
CA ALA D 88 -17.63 58.80 17.55
C ALA D 88 -16.58 59.81 18.11
N PHE D 89 -15.37 59.74 17.57
CA PHE D 89 -14.28 60.61 17.97
C PHE D 89 -14.63 62.05 17.66
N PRO D 90 -15.12 62.37 16.44
CA PRO D 90 -15.43 63.77 16.19
C PRO D 90 -16.46 64.31 17.17
N ALA D 91 -17.49 63.51 17.44
CA ALA D 91 -18.58 63.86 18.34
C ALA D 91 -18.09 64.10 19.76
N ILE D 92 -17.21 63.26 20.28
CA ILE D 92 -16.73 63.46 21.63
C ILE D 92 -15.78 64.67 21.70
N MET D 93 -14.91 64.79 20.71
CA MET D 93 -13.97 65.91 20.67
C MET D 93 -14.71 67.23 20.50
N GLU D 94 -15.90 67.22 19.89
CA GLU D 94 -16.63 68.47 19.73
C GLU D 94 -17.40 68.76 21.00
N LEU D 95 -17.58 67.74 21.82
CA LEU D 95 -18.29 67.86 23.07
C LEU D 95 -17.33 68.29 24.20
N CYS D 96 -16.02 68.03 24.03
CA CYS D 96 -14.93 68.39 24.98
C CYS D 96 -13.71 68.71 24.15
N PRO D 97 -13.66 69.92 23.56
CA PRO D 97 -12.51 70.27 22.71
C PRO D 97 -11.18 70.20 23.48
N ASP D 98 -11.32 70.32 24.78
CA ASP D 98 -10.21 70.32 25.72
C ASP D 98 -9.58 68.96 26.00
N ALA D 99 -10.35 67.87 25.81
CA ALA D 99 -9.88 66.52 26.11
C ALA D 99 -8.50 66.20 25.53
N HIS D 100 -7.68 65.58 26.38
CA HIS D 100 -6.32 65.22 26.05
C HIS D 100 -6.30 63.79 25.51
N VAL D 101 -5.86 63.62 24.28
CA VAL D 101 -5.81 62.31 23.67
C VAL D 101 -4.54 61.54 24.03
N LEU D 102 -4.71 60.31 24.44
CA LEU D 102 -3.60 59.48 24.79
C LEU D 102 -3.56 58.29 23.84
N CYS D 103 -2.61 58.23 22.93
CA CYS D 103 -2.59 57.10 22.01
C CYS D 103 -1.20 56.81 21.44
N THR D 104 -1.06 55.81 20.60
CA THR D 104 0.24 55.46 20.05
C THR D 104 0.58 56.35 18.88
N GLN D 105 1.79 56.22 18.37
CA GLN D 105 2.21 57.04 17.26
C GLN D 105 1.44 56.68 16.00
N ARG D 106 1.37 55.40 15.68
CA ARG D 106 0.64 54.98 14.47
C ARG D 106 -0.84 55.36 14.61
N ALA D 107 -1.36 55.32 15.85
CA ALA D 107 -2.75 55.68 16.12
C ALA D 107 -2.95 57.14 15.81
N PHE D 108 -2.02 57.96 16.24
CA PHE D 108 -2.11 59.38 15.98
C PHE D 108 -2.05 59.67 14.49
N ASP D 109 -1.32 58.87 13.74
CA ASP D 109 -1.26 59.13 12.33
C ASP D 109 -2.57 58.77 11.63
N SER D 110 -3.12 57.63 12.03
CA SER D 110 -4.41 57.09 11.55
C SER D 110 -5.53 58.13 11.84
N LEU D 111 -5.53 58.61 13.07
CA LEU D 111 -6.47 59.61 13.52
C LEU D 111 -6.43 60.85 12.62
N LYS D 112 -5.25 61.34 12.29
CA LYS D 112 -5.15 62.51 11.44
C LYS D 112 -5.60 62.21 10.03
N ALA D 113 -5.46 60.95 9.62
CA ALA D 113 -5.86 60.56 8.28
C ALA D 113 -7.39 60.41 8.18
N HIS D 114 -7.98 59.70 9.14
CA HIS D 114 -9.43 59.49 9.12
C HIS D 114 -10.26 60.68 9.52
N TYR D 115 -9.64 61.69 10.12
CA TYR D 115 -10.40 62.89 10.55
C TYR D 115 -9.81 64.25 10.12
N SER D 116 -8.51 64.48 10.28
CA SER D 116 -7.95 65.82 9.93
C SER D 116 -9.02 66.79 10.39
N HIS D 117 -9.06 67.96 9.76
CA HIS D 117 -10.10 68.92 10.11
C HIS D 117 -10.45 69.01 11.69
N ILE D 118 -9.80 68.21 12.56
CA ILE D 118 -10.10 68.25 14.00
C ILE D 118 -8.78 68.34 14.73
N ASP D 119 -8.55 69.46 15.44
CA ASP D 119 -7.29 69.60 16.20
C ASP D 119 -7.55 69.17 17.65
N PHE D 120 -6.51 68.66 18.30
CA PHE D 120 -6.65 68.20 19.68
C PHE D 120 -5.31 68.10 20.38
N ASN D 121 -5.36 68.14 21.71
CA ASN D 121 -4.16 68.01 22.52
C ASN D 121 -3.87 66.55 22.69
N TYR D 122 -2.59 66.20 22.71
CA TYR D 122 -2.25 64.78 22.84
C TYR D 122 -0.89 64.46 23.41
N THR D 123 -0.67 63.16 23.58
CA THR D 123 0.58 62.58 24.10
C THR D 123 0.78 61.24 23.42
N ILE D 124 1.83 61.08 22.63
CA ILE D 124 2.13 59.80 22.06
C ILE D 124 2.61 58.94 23.25
N VAL D 125 2.03 57.78 23.42
CA VAL D 125 2.30 56.85 24.50
C VAL D 125 3.17 55.68 24.01
N LYS D 126 3.93 55.08 24.94
CA LYS D 126 4.79 53.93 24.64
C LYS D 126 4.59 52.92 25.74
N THR D 127 5.01 51.68 25.54
CA THR D 127 4.82 50.69 26.62
C THR D 127 5.49 51.22 27.89
N GLY D 128 4.77 51.19 29.00
CA GLY D 128 5.36 51.70 30.19
C GLY D 128 5.00 53.13 30.58
N THR D 129 4.65 54.00 29.64
CA THR D 129 4.29 55.34 30.08
C THR D 129 3.01 55.24 30.94
N SER D 130 2.80 56.17 31.86
CA SER D 130 1.64 56.17 32.76
C SER D 130 1.14 57.53 33.09
N VAL D 131 -0.17 57.70 33.06
CA VAL D 131 -0.79 58.97 33.35
C VAL D 131 -1.57 58.80 34.63
N SER D 132 -1.51 59.79 35.50
CA SER D 132 -2.21 59.73 36.78
C SER D 132 -3.57 60.42 36.69
N LEU D 133 -4.58 59.86 37.33
CA LEU D 133 -5.90 60.47 37.30
C LEU D 133 -6.29 60.93 38.70
N GLY D 134 -5.46 60.59 39.68
CA GLY D 134 -5.70 60.94 41.05
C GLY D 134 -5.54 59.65 41.81
N LYS D 135 -6.62 59.13 42.38
CA LYS D 135 -6.53 57.88 43.13
C LYS D 135 -6.06 56.73 42.24
N ARG D 136 -6.42 56.77 40.96
CA ARG D 136 -6.02 55.71 40.05
C ARG D 136 -5.21 56.29 38.92
N SER D 137 -4.63 55.39 38.15
CA SER D 137 -3.80 55.77 37.03
C SER D 137 -4.00 54.83 35.83
N LEU D 138 -3.53 55.22 34.66
CA LEU D 138 -3.67 54.39 33.50
C LEU D 138 -2.28 54.15 32.92
N THR D 139 -1.82 52.90 32.84
CA THR D 139 -0.53 52.66 32.22
C THR D 139 -0.78 51.98 30.86
N PHE D 140 0.13 52.08 29.90
CA PHE D 140 -0.10 51.50 28.59
C PHE D 140 0.88 50.43 28.15
N ILE D 141 0.40 49.55 27.28
CA ILE D 141 1.20 48.47 26.73
C ILE D 141 0.94 48.48 25.24
N GLU D 142 1.96 48.79 24.46
CA GLU D 142 1.82 48.77 23.02
C GLU D 142 1.58 47.34 22.57
N ALA D 143 0.77 47.16 21.55
CA ALA D 143 0.46 45.84 21.02
C ALA D 143 0.34 45.89 19.54
N PRO D 144 1.39 46.33 18.83
CA PRO D 144 1.36 46.43 17.36
C PRO D 144 0.92 45.12 16.74
N MET D 145 0.07 45.24 15.73
CA MET D 145 -0.49 44.11 15.00
C MET D 145 -1.28 43.12 15.85
N LEU D 146 -1.61 43.51 17.08
CA LEU D 146 -2.46 42.66 17.90
C LEU D 146 -3.78 43.30 17.50
N HIS D 147 -3.89 43.10 16.18
CA HIS D 147 -4.91 43.42 15.23
C HIS D 147 -4.35 44.50 14.30
N TRP D 148 -4.11 45.69 14.81
CA TRP D 148 -3.60 46.75 13.93
C TRP D 148 -2.26 47.38 14.35
N PRO D 149 -1.58 48.07 13.42
CA PRO D 149 -0.31 48.68 13.79
C PRO D 149 -0.45 49.64 14.99
N ASP D 150 -1.58 50.33 15.10
CA ASP D 150 -1.80 51.26 16.20
C ASP D 150 -2.34 50.68 17.48
N SER D 151 -2.61 49.39 17.50
CA SER D 151 -3.19 48.79 18.70
C SER D 151 -2.35 48.92 19.98
N MET D 152 -3.04 48.96 21.12
CA MET D 152 -2.39 49.05 22.42
C MET D 152 -3.40 48.66 23.51
N PHE D 153 -2.92 48.23 24.68
CA PHE D 153 -3.81 47.89 25.77
C PHE D 153 -3.66 48.98 26.82
N THR D 154 -4.66 49.15 27.68
CA THR D 154 -4.61 50.13 28.75
C THR D 154 -4.77 49.32 30.03
N TYR D 155 -3.96 49.60 31.04
CA TYR D 155 -4.06 48.89 32.29
C TYR D 155 -4.27 49.84 33.44
N VAL D 156 -5.13 49.47 34.37
CA VAL D 156 -5.43 50.30 35.56
C VAL D 156 -4.93 49.54 36.79
N PRO D 157 -3.64 49.70 37.15
CA PRO D 157 -3.02 49.02 38.28
C PRO D 157 -3.85 48.96 39.56
N GLU D 158 -4.36 50.11 40.00
CA GLU D 158 -5.14 50.16 41.23
C GLU D 158 -6.29 49.16 41.27
N GLU D 159 -6.77 48.75 40.10
CA GLU D 159 -7.89 47.79 39.97
C GLU D 159 -7.57 46.46 39.31
N ALA D 160 -6.39 46.32 38.75
CA ALA D 160 -5.99 45.07 38.08
C ALA D 160 -6.94 44.87 36.92
N LEU D 161 -7.34 45.97 36.29
CA LEU D 161 -8.28 45.99 35.18
C LEU D 161 -7.55 46.12 33.86
N LEU D 162 -7.70 45.17 32.95
CA LEU D 162 -7.04 45.28 31.63
C LEU D 162 -8.08 45.64 30.59
N LEU D 163 -7.75 46.60 29.72
CA LEU D 163 -8.64 47.07 28.67
C LEU D 163 -7.90 46.90 27.34
N PRO D 164 -7.88 45.67 26.83
CA PRO D 164 -7.22 45.27 25.60
C PRO D 164 -7.85 45.65 24.31
N ASN D 165 -8.97 46.36 24.37
CA ASN D 165 -9.68 46.70 23.14
C ASN D 165 -10.14 45.37 22.45
N ASP D 166 -9.75 45.12 21.21
CA ASP D 166 -10.21 43.91 20.52
C ASP D 166 -9.78 42.56 21.09
N ALA D 167 -8.55 42.48 21.58
CA ALA D 167 -8.07 41.23 22.12
C ALA D 167 -8.98 40.77 23.25
N PHE D 168 -9.30 39.49 23.28
CA PHE D 168 -10.15 38.90 24.31
C PHE D 168 -11.66 39.16 24.14
N GLY D 169 -12.02 39.85 23.05
CA GLY D 169 -13.41 40.13 22.76
C GLY D 169 -14.15 39.00 22.05
N GLN D 170 -15.47 39.15 21.95
CA GLN D 170 -16.36 38.20 21.28
C GLN D 170 -17.49 38.98 20.69
N HIS D 171 -17.90 38.66 19.48
CA HIS D 171 -18.99 39.38 18.86
C HIS D 171 -20.33 38.83 19.28
N ILE D 172 -20.94 39.42 20.29
CA ILE D 172 -22.19 38.91 20.81
C ILE D 172 -22.96 40.05 21.49
N ALA D 173 -24.26 40.15 21.20
CA ALA D 173 -25.12 41.17 21.76
C ALA D 173 -25.94 40.60 22.92
N THR D 174 -25.81 41.22 24.08
CA THR D 174 -26.53 40.80 25.27
C THR D 174 -26.87 42.04 26.05
N SER D 175 -27.86 41.91 26.93
CA SER D 175 -28.34 42.99 27.76
C SER D 175 -27.55 42.87 29.07
N VAL D 176 -26.91 41.71 29.20
CA VAL D 176 -26.12 41.33 30.35
C VAL D 176 -24.68 41.71 29.99
N ARG D 177 -23.86 42.15 30.97
CA ARG D 177 -22.48 42.57 30.64
C ARG D 177 -21.31 41.72 31.11
N PHE D 178 -21.53 40.77 32.01
CA PHE D 178 -20.44 40.00 32.54
C PHE D 178 -20.37 38.51 32.24
N ASP D 179 -19.16 37.98 32.15
CA ASP D 179 -19.01 36.57 31.85
C ASP D 179 -19.76 35.65 32.81
N ASP D 180 -20.05 36.12 34.01
CA ASP D 180 -20.74 35.24 34.97
C ASP D 180 -22.27 35.28 34.81
N GLN D 181 -22.77 36.00 33.82
CA GLN D 181 -24.20 36.11 33.58
C GLN D 181 -24.51 35.48 32.24
N VAL D 182 -23.58 34.69 31.71
CA VAL D 182 -23.72 34.04 30.41
C VAL D 182 -23.15 32.61 30.46
N ASP D 183 -23.63 31.72 29.57
CA ASP D 183 -23.16 30.34 29.54
C ASP D 183 -21.68 30.23 29.18
N ALA D 184 -20.94 29.51 30.01
CA ALA D 184 -19.52 29.32 29.82
C ALA D 184 -19.14 28.76 28.45
N GLY D 185 -19.84 27.71 28.02
CA GLY D 185 -19.53 27.12 26.72
C GLY D 185 -19.90 27.97 25.52
N LEU D 186 -21.00 28.71 25.60
CA LEU D 186 -21.43 29.55 24.49
C LEU D 186 -20.53 30.76 24.29
N ILE D 187 -20.14 31.41 25.36
CA ILE D 187 -19.30 32.58 25.19
C ILE D 187 -17.85 32.25 24.86
N MET D 188 -17.41 31.05 25.23
CA MET D 188 -16.07 30.61 24.91
C MET D 188 -16.02 30.23 23.44
N ASP D 189 -17.17 29.83 22.87
CA ASP D 189 -17.23 29.47 21.46
C ASP D 189 -17.22 30.74 20.63
N GLU D 190 -17.94 31.76 21.10
CA GLU D 190 -17.95 33.04 20.38
C GLU D 190 -16.56 33.65 20.41
N ALA D 191 -15.86 33.46 21.51
CA ALA D 191 -14.52 33.94 21.70
C ALA D 191 -13.59 33.25 20.71
N ALA D 192 -13.83 31.96 20.48
CA ALA D 192 -13.04 31.18 19.55
C ALA D 192 -13.31 31.60 18.08
N LYS D 193 -14.57 31.92 17.77
CA LYS D 193 -14.92 32.33 16.41
C LYS D 193 -14.19 33.62 16.12
N TYR D 194 -14.10 34.45 17.15
CA TYR D 194 -13.45 35.74 17.10
C TYR D 194 -11.92 35.59 16.85
N TYR D 195 -11.26 34.83 17.70
CA TYR D 195 -9.85 34.63 17.57
C TYR D 195 -9.52 34.02 16.22
N ALA D 196 -10.22 32.97 15.86
CA ALA D 196 -9.99 32.29 14.59
C ALA D 196 -10.09 33.15 13.35
N ASN D 197 -11.01 34.10 13.32
CA ASN D 197 -11.15 34.93 12.14
C ASN D 197 -10.36 36.24 12.13
N ILE D 198 -9.94 36.69 13.30
CA ILE D 198 -9.19 37.92 13.39
C ILE D 198 -7.75 37.77 13.82
N LEU D 199 -7.53 37.04 14.90
CA LEU D 199 -6.19 36.88 15.46
C LEU D 199 -5.31 35.71 14.98
N MET D 200 -5.87 34.73 14.27
CA MET D 200 -5.10 33.58 13.81
C MET D 200 -3.75 33.92 13.20
N PRO D 201 -3.71 34.92 12.31
CA PRO D 201 -2.45 35.33 11.65
C PRO D 201 -1.35 35.79 12.56
N PHE D 202 -1.70 36.19 13.77
CA PHE D 202 -0.73 36.74 14.68
C PHE D 202 -0.55 35.89 15.92
N SER D 203 -0.69 34.59 15.76
CA SER D 203 -0.57 33.72 16.91
C SER D 203 0.80 33.83 17.59
N ASN D 204 1.86 34.05 16.82
CA ASN D 204 3.19 34.15 17.41
C ASN D 204 3.33 35.43 18.22
N LEU D 205 2.67 36.50 17.77
CA LEU D 205 2.68 37.75 18.51
C LEU D 205 1.85 37.65 19.80
N ILE D 206 0.81 36.86 19.76
CA ILE D 206 -0.04 36.69 20.92
C ILE D 206 0.77 36.06 22.06
N THR D 207 1.53 35.00 21.78
CA THR D 207 2.33 34.31 22.81
C THR D 207 3.36 35.28 23.39
N LYS D 208 4.09 35.96 22.51
CA LYS D 208 5.08 36.91 22.97
C LYS D 208 4.43 37.90 23.91
N LYS D 209 3.33 38.52 23.47
CA LYS D 209 2.63 39.49 24.30
C LYS D 209 2.15 38.87 25.59
N LEU D 210 1.65 37.64 25.53
CA LEU D 210 1.17 37.00 26.75
C LEU D 210 2.33 36.78 27.72
N ASP D 211 3.51 36.44 27.18
CA ASP D 211 4.74 36.22 27.96
C ASP D 211 5.24 37.53 28.60
N GLU D 212 5.34 38.58 27.78
CA GLU D 212 5.72 39.88 28.28
C GLU D 212 4.85 40.21 29.52
N ILE D 213 3.53 40.12 29.39
CA ILE D 213 2.60 40.38 30.49
C ILE D 213 2.85 39.42 31.68
N GLN D 214 3.26 38.20 31.35
CA GLN D 214 3.56 37.14 32.33
C GLN D 214 4.84 37.51 33.16
N LYS D 215 5.93 37.88 32.45
CA LYS D 215 7.19 38.33 33.07
C LYS D 215 6.93 39.51 34.02
N ILE D 216 6.46 40.63 33.44
CA ILE D 216 6.11 41.87 34.19
C ILE D 216 5.26 41.48 35.41
N ASN D 217 4.76 40.26 35.38
CA ASN D 217 3.87 39.73 36.43
C ASN D 217 2.59 40.56 36.74
N LEU D 218 1.94 41.04 35.66
CA LEU D 218 0.72 41.85 35.78
C LEU D 218 -0.40 41.15 36.49
N ALA D 219 -1.02 41.82 37.46
CA ALA D 219 -2.15 41.24 38.15
C ALA D 219 -3.43 41.59 37.36
N ILE D 220 -4.03 40.57 36.75
CA ILE D 220 -5.25 40.76 35.98
C ILE D 220 -6.45 40.20 36.73
N LYS D 221 -7.32 41.06 37.27
CA LYS D 221 -8.51 40.55 37.97
C LYS D 221 -9.77 40.70 37.08
N THR D 222 -9.66 41.50 36.02
CA THR D 222 -10.78 41.76 35.12
C THR D 222 -10.29 42.14 33.72
N ILE D 223 -10.96 41.66 32.69
CA ILE D 223 -10.59 42.01 31.33
C ILE D 223 -11.83 42.62 30.67
N ALA D 224 -11.74 43.85 30.18
CA ALA D 224 -12.87 44.50 29.55
C ALA D 224 -12.53 44.83 28.10
N PRO D 225 -12.91 43.94 27.18
CA PRO D 225 -12.69 44.05 25.73
C PRO D 225 -13.57 45.11 25.11
N SER D 226 -13.33 45.41 23.83
CA SER D 226 -14.14 46.42 23.18
C SER D 226 -15.37 45.83 22.50
N HIS D 227 -15.53 44.51 22.58
CA HIS D 227 -16.67 43.83 22.00
C HIS D 227 -17.05 42.70 22.89
N GLY D 228 -18.33 42.62 23.21
CA GLY D 228 -18.82 41.53 24.03
C GLY D 228 -18.85 41.62 25.54
N ILE D 229 -18.76 40.44 26.15
CA ILE D 229 -18.78 40.28 27.60
C ILE D 229 -17.47 40.71 28.33
N ILE D 230 -17.61 41.20 29.56
CA ILE D 230 -16.47 41.59 30.39
C ILE D 230 -16.05 40.39 31.22
N TRP D 231 -14.81 39.94 31.10
CA TRP D 231 -14.34 38.78 31.86
C TRP D 231 -14.01 39.22 33.30
N ARG D 232 -15.00 39.18 34.17
CA ARG D 232 -14.85 39.64 35.55
C ARG D 232 -14.75 38.51 36.57
N LYS D 233 -15.35 37.37 36.27
CA LYS D 233 -15.29 36.25 37.22
C LYS D 233 -14.11 35.33 36.96
N ASP D 234 -13.71 35.17 35.70
CA ASP D 234 -12.62 34.25 35.40
C ASP D 234 -11.83 34.62 34.17
N PRO D 235 -10.93 35.61 34.28
CA PRO D 235 -10.12 36.01 33.13
C PRO D 235 -9.08 34.94 32.81
N GLY D 236 -8.78 34.11 33.80
CA GLY D 236 -7.80 33.07 33.59
C GLY D 236 -8.19 32.19 32.43
N ARG D 237 -9.45 31.78 32.41
CA ARG D 237 -9.97 30.91 31.36
C ARG D 237 -9.67 31.45 29.95
N ILE D 238 -10.05 32.70 29.70
CA ILE D 238 -9.80 33.29 28.41
C ILE D 238 -8.30 33.55 28.12
N ILE D 239 -7.50 33.77 29.16
CA ILE D 239 -6.07 33.97 28.95
C ILE D 239 -5.45 32.61 28.55
N GLU D 240 -5.80 31.55 29.27
CA GLU D 240 -5.29 30.20 29.01
C GLU D 240 -5.68 29.76 27.59
N ALA D 241 -6.92 30.08 27.21
CA ALA D 241 -7.43 29.73 25.88
C ALA D 241 -6.58 30.41 24.81
N TYR D 242 -6.34 31.70 24.96
CA TYR D 242 -5.55 32.42 23.99
C TYR D 242 -4.17 31.82 23.85
N ALA D 243 -3.64 31.36 24.97
CA ALA D 243 -2.31 30.73 25.00
C ALA D 243 -2.33 29.44 24.19
N ARG D 244 -3.35 28.59 24.43
CA ARG D 244 -3.50 27.33 23.70
C ARG D 244 -3.70 27.55 22.22
N TRP D 245 -4.58 28.46 21.85
CA TRP D 245 -4.84 28.72 20.43
C TRP D 245 -3.64 29.31 19.74
N ALA D 246 -2.91 30.18 20.41
CA ALA D 246 -1.75 30.79 19.78
C ALA D 246 -0.60 29.78 19.61
N GLU D 247 -0.47 28.86 20.58
CA GLU D 247 0.56 27.82 20.54
C GLU D 247 0.32 26.98 19.30
N GLY D 248 -0.95 26.63 19.05
CA GLY D 248 -1.29 25.87 17.86
C GLY D 248 -1.12 24.37 17.93
N GLN D 249 -1.08 23.82 19.14
CA GLN D 249 -0.88 22.38 19.29
C GLN D 249 -2.02 21.68 18.57
N GLY D 250 -3.23 22.21 18.75
CA GLY D 250 -4.38 21.62 18.09
C GLY D 250 -4.96 20.44 18.83
N LYS D 251 -5.91 19.74 18.20
CA LYS D 251 -6.56 18.54 18.75
C LYS D 251 -6.63 17.54 17.62
N ALA D 252 -6.89 16.29 17.97
CA ALA D 252 -6.99 15.21 16.96
C ALA D 252 -8.31 15.38 16.20
N LYS D 253 -8.38 16.45 15.42
CA LYS D 253 -9.56 16.83 14.67
C LYS D 253 -9.23 17.24 13.25
N ALA D 254 -10.13 16.99 12.32
CA ALA D 254 -9.91 17.37 10.94
C ALA D 254 -11.16 18.00 10.38
N VAL D 255 -10.97 19.05 9.59
CA VAL D 255 -12.06 19.75 8.96
C VAL D 255 -11.98 19.46 7.47
N ILE D 256 -13.10 19.04 6.88
CA ILE D 256 -13.15 18.76 5.44
C ILE D 256 -14.14 19.78 4.86
N ALA D 257 -13.67 20.66 4.00
CA ALA D 257 -14.51 21.66 3.35
C ALA D 257 -14.50 21.35 1.86
N TYR D 258 -15.64 21.40 1.19
CA TYR D 258 -15.69 21.08 -0.24
C TYR D 258 -17.02 21.48 -0.86
N ASP D 259 -17.16 21.14 -2.13
CA ASP D 259 -18.41 21.26 -2.83
C ASP D 259 -18.36 20.46 -4.12
N THR D 260 -19.54 20.14 -4.66
CA THR D 260 -19.68 19.36 -5.89
C THR D 260 -20.81 19.88 -6.72
N MET D 261 -20.93 19.33 -7.92
CA MET D 261 -22.03 19.65 -8.80
C MET D 261 -22.85 18.41 -8.96
N TRP D 262 -22.18 17.27 -9.04
CA TRP D 262 -22.87 16.02 -9.21
C TRP D 262 -22.61 14.91 -8.19
N LEU D 263 -21.99 15.25 -7.08
CA LEU D 263 -21.74 14.32 -5.98
C LEU D 263 -20.50 13.48 -5.94
N SER D 264 -19.68 13.47 -6.99
CA SER D 264 -18.47 12.65 -6.93
C SER D 264 -17.49 13.13 -5.88
N THR D 265 -17.22 14.42 -5.88
CA THR D 265 -16.32 14.99 -4.90
C THR D 265 -16.88 14.77 -3.51
N GLU D 266 -18.20 14.71 -3.38
CA GLU D 266 -18.82 14.49 -2.07
C GLU D 266 -18.63 13.06 -1.59
N LYS D 267 -18.68 12.11 -2.52
CA LYS D 267 -18.48 10.71 -2.17
C LYS D 267 -17.07 10.48 -1.72
N MET D 268 -16.14 11.27 -2.25
CA MET D 268 -14.75 11.20 -1.90
C MET D 268 -14.58 11.82 -0.53
N ALA D 269 -15.22 12.95 -0.32
CA ALA D 269 -15.16 13.62 0.97
C ALA D 269 -15.66 12.66 2.03
N HIS D 270 -16.71 11.91 1.71
CA HIS D 270 -17.25 10.96 2.67
C HIS D 270 -16.30 9.82 3.00
N ALA D 271 -15.62 9.27 2.00
CA ALA D 271 -14.67 8.19 2.22
C ALA D 271 -13.52 8.69 3.08
N LEU D 272 -12.95 9.82 2.70
CA LEU D 272 -11.85 10.42 3.44
C LEU D 272 -12.26 10.57 4.89
N MET D 273 -13.51 10.96 5.09
CA MET D 273 -13.99 11.12 6.44
C MET D 273 -14.04 9.80 7.18
N ASP D 274 -14.51 8.73 6.54
CA ASP D 274 -14.56 7.43 7.21
C ASP D 274 -13.19 6.96 7.65
N GLY D 275 -12.20 7.24 6.82
CA GLY D 275 -10.85 6.84 7.15
C GLY D 275 -10.37 7.63 8.35
N LEU D 276 -10.70 8.91 8.38
CA LEU D 276 -10.28 9.74 9.51
C LEU D 276 -10.94 9.29 10.81
N VAL D 277 -12.24 9.03 10.76
CA VAL D 277 -12.93 8.62 11.96
C VAL D 277 -12.44 7.27 12.43
N ALA D 278 -12.15 6.38 11.46
CA ALA D 278 -11.65 5.06 11.76
C ALA D 278 -10.34 5.20 12.51
N GLY D 279 -9.48 6.10 12.02
CA GLY D 279 -8.19 6.30 12.65
C GLY D 279 -8.25 7.03 13.99
N GLY D 280 -9.45 7.17 14.56
CA GLY D 280 -9.62 7.85 15.84
C GLY D 280 -9.75 9.38 15.88
N CYS D 281 -10.12 10.00 14.77
CA CYS D 281 -10.28 11.46 14.71
C CYS D 281 -11.66 12.01 14.67
N GLU D 282 -11.82 13.21 15.24
CA GLU D 282 -13.10 13.92 15.19
C GLU D 282 -13.11 14.60 13.82
N VAL D 283 -14.24 14.59 13.15
CA VAL D 283 -14.32 15.20 11.84
C VAL D 283 -15.49 16.14 11.74
N LYS D 284 -15.25 17.28 11.11
CA LYS D 284 -16.29 18.28 10.86
C LYS D 284 -16.35 18.36 9.32
N LEU D 285 -17.52 18.10 8.73
CA LEU D 285 -17.66 18.14 7.29
C LEU D 285 -18.52 19.31 6.82
N PHE D 286 -17.99 20.15 5.94
CA PHE D 286 -18.73 21.33 5.46
C PHE D 286 -18.92 21.43 3.96
N LYS D 287 -20.16 21.45 3.51
CA LYS D 287 -20.41 21.66 2.10
C LYS D 287 -20.47 23.19 2.11
N LEU D 288 -19.49 23.81 1.48
CA LEU D 288 -19.31 25.26 1.47
C LEU D 288 -20.44 26.18 1.04
N SER D 289 -21.23 25.79 0.06
CA SER D 289 -22.27 26.68 -0.42
C SER D 289 -23.46 26.67 0.49
N VAL D 290 -23.31 26.06 1.63
CA VAL D 290 -24.44 25.88 2.50
C VAL D 290 -23.95 26.03 3.95
N SER D 291 -22.72 26.48 4.08
CA SER D 291 -22.09 26.66 5.37
C SER D 291 -21.55 28.05 5.50
N ASP D 292 -21.36 28.51 6.72
CA ASP D 292 -20.82 29.84 6.97
C ASP D 292 -19.30 29.82 7.07
N ARG D 293 -18.64 30.54 6.17
CA ARG D 293 -17.18 30.59 6.14
C ARG D 293 -16.53 30.85 7.48
N ASN D 294 -17.08 31.77 8.24
CA ASN D 294 -16.54 32.07 9.55
C ASN D 294 -16.70 30.90 10.52
N ASP D 295 -17.83 30.19 10.43
CA ASP D 295 -18.10 29.03 11.27
C ASP D 295 -17.09 27.92 10.85
N VAL D 296 -16.70 27.88 9.58
CA VAL D 296 -15.73 26.89 9.09
C VAL D 296 -14.33 27.19 9.61
N ILE D 297 -13.91 28.45 9.53
CA ILE D 297 -12.61 28.89 10.00
C ILE D 297 -12.49 28.63 11.51
N LYS D 298 -13.57 28.85 12.25
CA LYS D 298 -13.53 28.62 13.67
C LYS D 298 -13.15 27.18 14.00
N GLU D 299 -13.65 26.24 13.22
CA GLU D 299 -13.35 24.83 13.43
C GLU D 299 -11.90 24.48 13.08
N ILE D 300 -11.32 25.18 12.13
CA ILE D 300 -9.94 24.99 11.73
C ILE D 300 -8.92 25.40 12.82
N LEU D 301 -9.28 26.34 13.70
CA LEU D 301 -8.37 26.79 14.72
C LEU D 301 -7.79 25.64 15.52
N ASP D 302 -8.68 24.72 15.84
CA ASP D 302 -8.48 23.52 16.64
C ASP D 302 -7.96 22.30 15.90
N ALA D 303 -8.29 22.23 14.63
CA ALA D 303 -7.93 21.09 13.80
C ALA D 303 -6.45 20.99 13.46
N ARG D 304 -5.99 19.75 13.29
CA ARG D 304 -4.62 19.47 12.92
C ARG D 304 -4.60 19.18 11.42
N ALA D 305 -5.75 18.91 10.85
CA ALA D 305 -5.80 18.64 9.42
C ALA D 305 -6.89 19.41 8.75
N VAL D 306 -6.63 19.83 7.53
CA VAL D 306 -7.58 20.59 6.75
C VAL D 306 -7.63 20.03 5.33
N LEU D 307 -8.73 19.36 4.98
CA LEU D 307 -8.91 18.78 3.64
C LEU D 307 -9.85 19.67 2.85
N VAL D 308 -9.47 20.08 1.64
CA VAL D 308 -10.35 20.92 0.81
C VAL D 308 -10.57 20.24 -0.54
N GLY D 309 -11.84 20.10 -0.96
CA GLY D 309 -12.12 19.46 -2.23
C GLY D 309 -12.98 20.24 -3.18
N SER D 310 -12.88 19.91 -4.45
CA SER D 310 -13.66 20.56 -5.48
C SER D 310 -13.39 19.90 -6.83
N PRO D 311 -14.40 19.89 -7.71
CA PRO D 311 -14.34 19.32 -9.06
C PRO D 311 -13.69 20.42 -9.90
N THR D 312 -13.49 20.18 -11.18
CA THR D 312 -12.93 21.24 -11.97
C THR D 312 -14.03 21.70 -12.92
N ILE D 313 -14.16 23.01 -13.06
CA ILE D 313 -15.15 23.64 -13.94
C ILE D 313 -14.32 24.68 -14.68
N ASN D 314 -14.46 24.74 -15.99
CA ASN D 314 -13.69 25.64 -16.84
C ASN D 314 -12.23 25.74 -16.43
N ASN D 315 -11.60 24.59 -16.21
CA ASN D 315 -10.18 24.47 -15.80
C ASN D 315 -9.84 25.09 -14.48
N ASP D 316 -10.84 25.55 -13.74
CA ASP D 316 -10.61 26.22 -12.45
C ASP D 316 -11.29 25.40 -11.40
N ILE D 317 -11.27 25.95 -10.21
CA ILE D 317 -11.87 25.37 -9.06
C ILE D 317 -13.29 25.93 -9.09
N LEU D 318 -14.20 25.37 -8.30
CA LEU D 318 -15.60 25.85 -8.22
C LEU D 318 -15.50 27.18 -7.44
N PRO D 319 -16.09 28.26 -7.95
CA PRO D 319 -16.04 29.55 -7.26
C PRO D 319 -16.43 29.63 -5.79
N VAL D 320 -17.32 28.78 -5.31
CA VAL D 320 -17.73 28.80 -3.90
C VAL D 320 -16.61 28.38 -3.00
N VAL D 321 -15.62 27.71 -3.56
CA VAL D 321 -14.50 27.24 -2.79
C VAL D 321 -13.40 28.31 -2.69
N SER D 322 -13.46 29.34 -3.52
CA SER D 322 -12.46 30.38 -3.49
C SER D 322 -12.36 31.17 -2.21
N PRO D 323 -13.49 31.65 -1.70
CA PRO D 323 -13.42 32.42 -0.45
C PRO D 323 -12.66 31.75 0.67
N LEU D 324 -12.88 30.46 0.89
CA LEU D 324 -12.21 29.74 1.97
C LEU D 324 -10.70 29.69 1.75
N LEU D 325 -10.31 29.49 0.51
CA LEU D 325 -8.90 29.41 0.19
C LEU D 325 -8.18 30.74 0.38
N ASP D 326 -8.68 31.81 -0.22
CA ASP D 326 -8.02 33.10 -0.08
C ASP D 326 -8.02 33.59 1.36
N ASP D 327 -8.98 33.11 2.13
CA ASP D 327 -9.12 33.44 3.53
C ASP D 327 -8.07 32.69 4.37
N LEU D 328 -7.73 31.48 3.96
CA LEU D 328 -6.73 30.69 4.69
C LEU D 328 -5.33 31.21 4.39
N VAL D 329 -5.12 31.65 3.16
CA VAL D 329 -3.83 32.17 2.79
C VAL D 329 -3.53 33.35 3.68
N GLY D 330 -4.50 34.29 3.76
CA GLY D 330 -4.37 35.48 4.59
C GLY D 330 -4.31 35.23 6.08
N LEU D 331 -5.12 34.30 6.57
CA LEU D 331 -5.15 33.99 7.99
C LEU D 331 -3.96 33.14 8.52
N ARG D 332 -3.17 32.58 7.62
CA ARG D 332 -1.99 31.78 7.97
C ARG D 332 -2.11 30.76 9.11
N PRO D 333 -2.95 29.72 8.93
CA PRO D 333 -3.11 28.71 10.00
C PRO D 333 -1.73 28.14 10.33
N LYS D 334 -1.49 28.00 11.62
CA LYS D 334 -0.21 27.48 12.10
C LYS D 334 -0.24 26.00 12.43
N ASN D 335 0.78 25.31 11.94
CA ASN D 335 0.96 23.89 12.18
C ASN D 335 -0.21 23.01 11.72
N LYS D 336 -0.51 23.06 10.43
CA LYS D 336 -1.60 22.31 9.86
C LYS D 336 -1.16 21.34 8.74
N VAL D 337 -1.76 20.15 8.73
CA VAL D 337 -1.49 19.13 7.73
C VAL D 337 -2.68 19.21 6.76
N GLY D 338 -2.49 18.98 5.47
CA GLY D 338 -3.64 19.07 4.59
C GLY D 338 -3.70 18.16 3.38
N LEU D 339 -4.77 18.28 2.60
CA LEU D 339 -4.93 17.46 1.41
C LEU D 339 -5.94 18.08 0.51
N ALA D 340 -5.73 18.01 -0.80
CA ALA D 340 -6.69 18.54 -1.77
C ALA D 340 -7.26 17.34 -2.53
N PHE D 341 -8.52 17.39 -2.95
CA PHE D 341 -9.10 16.29 -3.70
C PHE D 341 -10.19 16.77 -4.61
N GLY D 342 -10.72 15.91 -5.46
CA GLY D 342 -11.77 16.35 -6.35
C GLY D 342 -11.87 15.54 -7.61
N ALA D 343 -13.00 15.67 -8.31
CA ALA D 343 -13.21 14.94 -9.55
C ALA D 343 -13.00 15.86 -10.74
N TYR D 344 -13.07 15.31 -11.96
CA TYR D 344 -12.91 16.05 -13.20
C TYR D 344 -13.44 15.20 -14.35
N GLY D 345 -13.68 15.84 -15.48
CA GLY D 345 -14.22 15.11 -16.61
C GLY D 345 -13.20 14.80 -17.70
N TRP D 346 -12.23 15.66 -17.89
CA TRP D 346 -11.28 15.36 -18.93
C TRP D 346 -9.87 15.87 -18.70
N GLY D 347 -9.67 17.20 -18.71
CA GLY D 347 -8.34 17.73 -18.46
C GLY D 347 -7.98 17.95 -16.99
N GLY D 348 -8.96 18.34 -16.17
CA GLY D 348 -8.68 18.60 -14.77
C GLY D 348 -8.21 20.04 -14.65
N GLY D 349 -7.65 20.41 -13.50
CA GLY D 349 -7.21 21.78 -13.31
C GLY D 349 -7.43 22.33 -11.91
N ALA D 350 -8.45 21.84 -11.23
CA ALA D 350 -8.74 22.35 -9.92
C ALA D 350 -7.74 21.89 -8.91
N GLN D 351 -7.20 20.70 -9.10
CA GLN D 351 -6.26 20.13 -8.13
C GLN D 351 -4.96 20.92 -8.00
N LYS D 352 -4.47 21.48 -9.10
CA LYS D 352 -3.26 22.25 -9.04
C LYS D 352 -3.55 23.57 -8.30
N ILE D 353 -4.68 24.24 -8.62
CA ILE D 353 -5.06 25.47 -7.93
C ILE D 353 -5.27 25.21 -6.44
N LEU D 354 -5.92 24.11 -6.10
CA LEU D 354 -6.14 23.82 -4.70
C LEU D 354 -4.85 23.63 -3.95
N GLU D 355 -3.91 22.91 -4.54
CA GLU D 355 -2.64 22.65 -3.85
C GLU D 355 -1.79 23.90 -3.77
N GLU D 356 -1.82 24.70 -4.82
CA GLU D 356 -1.07 25.93 -4.85
C GLU D 356 -1.53 26.83 -3.69
N ARG D 357 -2.84 27.09 -3.62
CA ARG D 357 -3.46 27.92 -2.58
C ARG D 357 -3.27 27.31 -1.17
N LEU D 358 -3.27 25.99 -1.05
CA LEU D 358 -3.09 25.40 0.27
C LEU D 358 -1.66 25.54 0.74
N LYS D 359 -0.71 25.48 -0.19
CA LYS D 359 0.70 25.65 0.17
C LYS D 359 0.96 27.16 0.47
N ALA D 360 0.29 28.06 -0.26
CA ALA D 360 0.44 29.49 -0.01
C ALA D 360 -0.04 29.81 1.44
N ALA D 361 -0.92 28.97 1.99
CA ALA D 361 -1.44 29.18 3.33
C ALA D 361 -0.52 28.45 4.30
N LYS D 362 0.57 27.95 3.76
CA LYS D 362 1.58 27.23 4.53
C LYS D 362 1.00 26.01 5.25
N ILE D 363 0.10 25.30 4.57
CA ILE D 363 -0.47 24.08 5.12
C ILE D 363 0.28 22.94 4.41
N GLU D 364 0.94 22.07 5.17
CA GLU D 364 1.72 20.97 4.62
C GLU D 364 0.91 19.81 4.00
N LEU D 365 0.96 19.68 2.67
CA LEU D 365 0.23 18.63 1.95
C LEU D 365 0.70 17.25 2.35
N ILE D 366 -0.21 16.42 2.87
CA ILE D 366 0.12 15.06 3.28
C ILE D 366 0.33 14.19 2.02
N ALA D 367 0.20 14.80 0.82
CA ALA D 367 0.38 14.08 -0.46
C ALA D 367 0.21 14.92 -1.73
N GLU D 368 1.34 15.36 -2.29
CA GLU D 368 1.37 16.12 -3.57
C GLU D 368 0.65 15.09 -4.47
N PRO D 369 -0.21 15.54 -5.43
CA PRO D 369 -1.07 14.82 -6.37
C PRO D 369 -1.94 14.07 -5.33
N GLY D 370 -2.98 14.78 -4.92
CA GLY D 370 -3.93 14.27 -3.95
C GLY D 370 -4.93 13.42 -4.69
N PRO D 371 -5.88 12.75 -4.01
CA PRO D 371 -6.90 11.90 -4.66
C PRO D 371 -7.66 12.63 -5.73
N THR D 372 -7.63 12.09 -6.93
CA THR D 372 -8.36 12.70 -8.01
C THR D 372 -9.14 11.59 -8.69
N VAL D 373 -10.32 11.86 -9.20
CA VAL D 373 -11.12 10.81 -9.84
C VAL D 373 -11.73 11.30 -11.13
N GLN D 374 -11.82 10.44 -12.15
CA GLN D 374 -12.46 10.89 -13.41
C GLN D 374 -13.93 10.51 -13.49
N TRP D 375 -14.80 11.50 -13.66
CA TRP D 375 -16.24 11.26 -13.73
C TRP D 375 -16.80 10.76 -12.39
N VAL D 376 -16.70 9.46 -12.14
CA VAL D 376 -17.26 8.90 -10.92
C VAL D 376 -16.27 8.02 -10.18
N PRO D 377 -16.36 7.94 -8.84
CA PRO D 377 -15.43 7.10 -8.10
C PRO D 377 -15.78 5.63 -8.25
N ARG D 378 -14.76 4.79 -8.33
CA ARG D 378 -14.95 3.34 -8.40
C ARG D 378 -14.61 2.81 -6.98
N GLY D 379 -14.83 1.51 -6.73
CA GLY D 379 -14.54 0.92 -5.43
C GLY D 379 -13.13 1.19 -4.92
N GLU D 380 -12.10 0.98 -5.75
CA GLU D 380 -10.70 1.24 -5.33
C GLU D 380 -10.44 2.71 -5.06
N ASP D 381 -11.09 3.57 -5.86
CA ASP D 381 -10.99 5.01 -5.73
C ASP D 381 -11.42 5.41 -4.29
N LEU D 382 -12.57 4.95 -3.85
CA LEU D 382 -13.01 5.31 -2.52
C LEU D 382 -12.19 4.66 -1.47
N GLN D 383 -11.61 3.50 -1.78
CA GLN D 383 -10.81 2.76 -0.81
C GLN D 383 -9.52 3.52 -0.62
N ARG D 384 -8.98 4.00 -1.74
CA ARG D 384 -7.75 4.77 -1.69
C ARG D 384 -7.99 5.99 -0.75
N CYS D 385 -9.10 6.68 -0.95
CA CYS D 385 -9.49 7.85 -0.14
C CYS D 385 -9.58 7.45 1.33
N TYR D 386 -10.19 6.30 1.58
CA TYR D 386 -10.34 5.79 2.93
C TYR D 386 -8.98 5.59 3.57
N GLU D 387 -8.09 4.98 2.79
CA GLU D 387 -6.72 4.67 3.21
C GLU D 387 -5.99 6.01 3.49
N LEU D 388 -6.25 7.04 2.69
CA LEU D 388 -5.63 8.35 2.87
C LEU D 388 -6.09 9.01 4.13
N GLY D 389 -7.38 8.91 4.42
CA GLY D 389 -7.89 9.53 5.62
C GLY D 389 -7.32 8.81 6.82
N ARG D 390 -6.98 7.56 6.60
CA ARG D 390 -6.42 6.70 7.62
C ARG D 390 -5.02 7.14 7.93
N LYS D 391 -4.35 7.53 6.87
CA LYS D 391 -2.99 7.98 6.96
C LYS D 391 -2.92 9.30 7.72
N ILE D 392 -3.77 10.26 7.33
CA ILE D 392 -3.84 11.56 7.97
C ILE D 392 -4.15 11.36 9.45
N ALA D 393 -5.06 10.47 9.76
CA ALA D 393 -5.41 10.25 11.16
C ALA D 393 -4.19 9.80 11.93
N ALA D 394 -3.37 8.98 11.30
CA ALA D 394 -2.19 8.46 11.94
C ALA D 394 -1.22 9.58 12.25
N ARG D 395 -1.09 10.54 11.34
CA ARG D 395 -0.18 11.61 11.60
C ARG D 395 -0.70 12.58 12.64
N ILE D 396 -1.98 12.92 12.55
CA ILE D 396 -2.71 13.80 13.48
C ILE D 396 -2.73 13.14 14.86
N ALA D 397 -2.22 11.91 14.88
CA ALA D 397 -2.06 11.04 16.05
C ALA D 397 -2.68 11.49 17.35
N ASP D 398 -1.87 12.22 18.10
CA ASP D 398 -2.25 12.74 19.44
C ASP D 398 -1.57 11.88 20.50
ZN ZN E . -12.45 -22.99 20.76
ZN ZN F . 31.61 -52.10 18.95
FE1 FEO G . 8.27 -17.21 16.55
FE2 FEO G . 10.51 -15.53 14.94
O FEO G . 8.97 -16.74 14.73
N1 FMN H . 33.67 -43.84 -6.14
C2 FMN H . 34.55 -42.84 -6.44
O2 FMN H . 35.78 -42.71 -6.10
N3 FMN H . 34.02 -41.72 -7.31
C4 FMN H . 32.66 -41.67 -7.81
O4 FMN H . 32.41 -40.67 -8.50
C4A FMN H . 31.81 -42.75 -7.47
N5 FMN H . 30.51 -42.75 -7.91
C5A FMN H . 29.61 -43.85 -7.57
C6 FMN H . 28.21 -43.93 -8.01
C7 FMN H . 27.36 -45.10 -7.59
C7M FMN H . 25.95 -44.97 -8.18
C8 FMN H . 27.94 -46.16 -6.73
C8M FMN H . 27.13 -47.31 -6.30
C9 FMN H . 29.25 -46.07 -6.32
C9A FMN H . 30.18 -44.94 -6.68
N10 FMN H . 31.51 -44.99 -6.20
C10 FMN H . 32.35 -43.90 -6.55
C1' FMN H . 32.06 -46.02 -5.33
C2' FMN H . 31.75 -45.82 -3.84
O2' FMN H . 32.29 -44.60 -3.41
C3' FMN H . 32.35 -46.97 -3.16
O3' FMN H . 31.66 -48.22 -3.65
C4' FMN H . 32.21 -47.04 -1.62
O4' FMN H . 32.86 -48.21 -1.17
C5' FMN H . 30.76 -47.05 -1.08
O5' FMN H . 30.86 -46.55 0.28
P FMN H . 29.97 -47.24 1.37
O1P FMN H . 30.32 -46.48 2.70
O2P FMN H . 28.57 -46.98 1.00
O3P FMN H . 30.31 -48.79 1.41
ZN ZN I . 10.35 -69.40 -3.38
ZN ZN J . -1.66 -18.73 -12.65
FE1 FEO K . 25.67 -51.00 -10.42
FE2 FEO K . 22.84 -52.75 -10.42
O FEO K . 24.31 -51.96 -9.32
N1 FMN L . 16.76 -13.04 5.65
C2 FMN L . 17.99 -12.59 5.23
O2 FMN L . 18.25 -11.68 4.38
N3 FMN L . 19.21 -13.23 5.87
C4 FMN L . 19.10 -14.30 6.89
O4 FMN L . 20.20 -14.74 7.33
C4A FMN L . 17.81 -14.69 7.25
N5 FMN L . 17.68 -15.64 8.19
C5A FMN L . 16.38 -16.09 8.62
C6 FMN L . 16.17 -17.10 9.65
C7 FMN L . 14.80 -17.51 10.05
C7M FMN L . 14.87 -18.58 11.14
C8 FMN L . 13.63 -16.88 9.40
C8M FMN L . 12.29 -17.30 9.82
C9 FMN L . 13.80 -15.89 8.41
C9A FMN L . 15.16 -15.42 7.95
N10 FMN L . 15.25 -14.42 6.95
C10 FMN L . 16.56 -14.02 6.59
C1' FMN L . 14.11 -13.75 6.28
C2' FMN L . 13.60 -14.49 5.01
O2' FMN L . 14.63 -14.55 4.01
C3' FMN L . 12.42 -13.71 4.53
O3' FMN L . 11.39 -13.69 5.57
C4' FMN L . 11.68 -14.22 3.29
O4' FMN L . 10.63 -13.34 3.01
C5' FMN L . 11.05 -15.63 3.44
O5' FMN L . 10.88 -16.11 2.07
P FMN L . 9.64 -17.06 1.82
O1P FMN L . 9.77 -17.39 0.31
O2P FMN L . 9.83 -18.28 2.61
O3P FMN L . 8.32 -16.29 2.17
ZN ZN M . -48.01 14.79 -13.36
ZN ZN N . -22.79 61.06 -8.09
FE1 FEO O . -24.87 20.40 -19.97
FE2 FEO O . -28.10 20.98 -19.51
O FEO O . -26.54 19.92 -19.00
N1 FMN P . -4.58 47.24 5.38
C2 FMN P . -3.39 46.92 4.79
O2 FMN P . -2.64 47.63 4.10
N3 FMN P . -2.89 45.53 4.97
C4 FMN P . -3.61 44.52 5.75
O4 FMN P . -3.04 43.42 5.80
C4A FMN P . -4.84 44.94 6.34
N5 FMN P . -5.55 44.08 7.07
C5A FMN P . -6.81 44.45 7.70
C6 FMN P . -7.59 43.55 8.52
C7 FMN P . -8.86 44.00 9.13
C7M FMN P . -9.45 42.83 9.94
C8 FMN P . -9.33 45.37 8.92
C8M FMN P . -10.61 45.83 9.53
C9 FMN P . -8.57 46.24 8.13
C9A FMN P . -7.27 45.86 7.47
N10 FMN P . -6.56 46.83 6.70
C10 FMN P . -5.36 46.40 6.12
C1' FMN P . -6.97 48.25 6.47
C2' FMN P . -7.84 48.51 5.28
O2' FMN P . -7.15 48.17 4.10
C3' FMN P . -8.16 49.94 5.24
O3' FMN P . -8.90 50.27 6.47
C4' FMN P . -9.08 50.36 4.09
O4' FMN P . -9.28 51.74 4.12
C5' FMN P . -10.47 49.67 4.15
O5' FMN P . -11.06 49.85 2.88
P FMN P . -12.55 50.27 2.89
O1P FMN P . -12.93 50.39 1.39
O2P FMN P . -13.29 49.22 3.55
O3P FMN P . -12.67 51.66 3.61
ZN ZN Q . -31.69 54.14 25.10
ZN ZN R . -20.02 5.83 6.18
FE1 FEO S . -10.39 46.32 15.21
FE2 FEO S . -13.40 46.02 17.13
O FEO S . -12.23 46.97 15.76
N1 FMN T . -14.00 18.78 -16.33
C2 FMN T . -12.70 19.01 -16.68
O2 FMN T . -11.76 18.23 -16.66
N3 FMN T . -12.33 20.36 -17.18
C4 FMN T . -13.31 21.45 -17.31
O4 FMN T . -12.83 22.50 -17.75
C4A FMN T . -14.64 21.16 -16.92
N5 FMN T . -15.55 22.13 -17.02
C5A FMN T . -16.94 21.89 -16.66
C6 FMN T . -17.97 22.90 -16.76
C7 FMN T . -19.37 22.58 -16.38
C7M FMN T . -20.24 23.80 -16.59
C8 FMN T . -19.71 21.24 -15.90
C8M FMN T . -21.09 20.96 -15.53
C9 FMN T . -18.74 20.27 -15.79
C9A FMN T . -17.28 20.50 -16.15
N10 FMN T . -16.35 19.43 -16.03
C10 FMN T . -15.02 19.73 -16.39
C1' FMN T . -16.68 18.06 -15.56
C2' FMN T . -16.62 17.82 -14.05
O2' FMN T . -15.29 18.04 -13.62
C3' FMN T . -17.03 16.38 -13.81
O3' FMN T . -18.44 16.18 -14.24
C4' FMN T . -17.05 15.90 -12.35
O4' FMN T . -17.44 14.57 -12.30
C5' FMN T . -18.01 16.73 -11.44
O5' FMN T . -17.56 16.52 -10.10
P FMN T . -18.68 16.37 -9.06
O1P FMN T . -17.92 16.18 -7.72
O2P FMN T . -19.44 17.62 -9.16
O3P FMN T . -19.53 15.11 -9.36
#